data_1EZJ
# 
_entry.id   1EZJ 
# 
_audit_conform.dict_name       mmcif_pdbx.dic 
_audit_conform.dict_version    5.385 
_audit_conform.dict_location   http://mmcif.pdb.org/dictionaries/ascii/mmcif_pdbx.dic 
# 
loop_
_database_2.database_id 
_database_2.database_code 
_database_2.pdbx_database_accession 
_database_2.pdbx_DOI 
PDB   1EZJ         pdb_00001ezj 10.2210/pdb1ezj/pdb 
RCSB  RCSB011060   ?            ?                   
WWPDB D_1000011060 ?            ?                   
# 
loop_
_pdbx_audit_revision_history.ordinal 
_pdbx_audit_revision_history.data_content_type 
_pdbx_audit_revision_history.major_revision 
_pdbx_audit_revision_history.minor_revision 
_pdbx_audit_revision_history.revision_date 
1 'Structure model' 1 0 2000-09-20 
2 'Structure model' 1 1 2008-04-27 
3 'Structure model' 1 2 2011-07-13 
4 'Structure model' 1 3 2011-11-16 
5 'Structure model' 1 4 2024-02-07 
# 
_pdbx_audit_revision_details.ordinal             1 
_pdbx_audit_revision_details.revision_ordinal    1 
_pdbx_audit_revision_details.data_content_type   'Structure model' 
_pdbx_audit_revision_details.provider            repository 
_pdbx_audit_revision_details.type                'Initial release' 
_pdbx_audit_revision_details.description         ? 
_pdbx_audit_revision_details.details             ? 
# 
loop_
_pdbx_audit_revision_group.ordinal 
_pdbx_audit_revision_group.revision_ordinal 
_pdbx_audit_revision_group.data_content_type 
_pdbx_audit_revision_group.group 
1 2 'Structure model' 'Version format compliance' 
2 3 'Structure model' 'Derived calculations'      
3 3 'Structure model' 'Version format compliance' 
4 4 'Structure model' 'Atomic model'              
5 5 'Structure model' 'Data collection'           
6 5 'Structure model' 'Database references'       
7 5 'Structure model' 'Derived calculations'      
# 
loop_
_pdbx_audit_revision_category.ordinal 
_pdbx_audit_revision_category.revision_ordinal 
_pdbx_audit_revision_category.data_content_type 
_pdbx_audit_revision_category.category 
1 5 'Structure model' chem_comp_atom     
2 5 'Structure model' chem_comp_bond     
3 5 'Structure model' database_2         
4 5 'Structure model' struct_conn        
5 5 'Structure model' struct_ref_seq_dif 
6 5 'Structure model' struct_site        
# 
loop_
_pdbx_audit_revision_item.ordinal 
_pdbx_audit_revision_item.revision_ordinal 
_pdbx_audit_revision_item.data_content_type 
_pdbx_audit_revision_item.item 
1  5 'Structure model' '_database_2.pdbx_DOI'                
2  5 'Structure model' '_database_2.pdbx_database_accession' 
3  5 'Structure model' '_struct_conn.ptnr1_auth_comp_id'     
4  5 'Structure model' '_struct_conn.ptnr1_auth_seq_id'      
5  5 'Structure model' '_struct_conn.ptnr1_label_asym_id'    
6  5 'Structure model' '_struct_conn.ptnr1_label_atom_id'    
7  5 'Structure model' '_struct_conn.ptnr1_label_comp_id'    
8  5 'Structure model' '_struct_conn.ptnr1_label_seq_id'     
9  5 'Structure model' '_struct_conn.ptnr2_auth_comp_id'     
10 5 'Structure model' '_struct_conn.ptnr2_auth_seq_id'      
11 5 'Structure model' '_struct_conn.ptnr2_label_asym_id'    
12 5 'Structure model' '_struct_conn.ptnr2_label_atom_id'    
13 5 'Structure model' '_struct_conn.ptnr2_label_comp_id'    
14 5 'Structure model' '_struct_conn.ptnr2_label_seq_id'     
15 5 'Structure model' '_struct_ref_seq_dif.details'         
16 5 'Structure model' '_struct_site.pdbx_auth_asym_id'      
17 5 'Structure model' '_struct_site.pdbx_auth_comp_id'      
18 5 'Structure model' '_struct_site.pdbx_auth_seq_id'       
# 
_pdbx_database_status.status_code                     REL 
_pdbx_database_status.entry_id                        1EZJ 
_pdbx_database_status.recvd_initial_deposition_date   2000-05-11 
_pdbx_database_status.deposit_site                    RCSB 
_pdbx_database_status.process_site                    RCSB 
_pdbx_database_status.status_code_sf                  REL 
_pdbx_database_status.SG_entry                        . 
_pdbx_database_status.pdb_format_compatible           Y 
_pdbx_database_status.status_code_mr                  ? 
_pdbx_database_status.status_code_cs                  ? 
_pdbx_database_status.status_code_nmr_data            ? 
_pdbx_database_status.methods_development_category    ? 
# 
loop_
_audit_author.name 
_audit_author.pdbx_ordinal 
'Tarbouriech, N.'  1 
'Curran, J.'       2 
'Ruigrok, R.W.H.'  3 
'Burmeister, W.P.' 4 
# 
_citation.id                        primary 
_citation.title                     'Tetrameric coiled coil domain of Sendai virus phosphoprotein.' 
_citation.journal_abbrev            Nat.Struct.Biol. 
_citation.journal_volume            7 
_citation.page_first                777 
_citation.page_last                 781 
_citation.year                      2000 
_citation.journal_id_ASTM           NSBIEW 
_citation.country                   US 
_citation.journal_id_ISSN           1072-8368 
_citation.journal_id_CSD            2024 
_citation.book_publisher            ? 
_citation.pdbx_database_id_PubMed   10966649 
_citation.pdbx_database_id_DOI      10.1038/79013 
# 
loop_
_citation_author.citation_id 
_citation_author.name 
_citation_author.ordinal 
_citation_author.identifier_ORCID 
primary 'Tarbouriech, N.'  1 ? 
primary 'Curran, J.'       2 ? 
primary 'Ruigrok, R.W.'    3 ? 
primary 'Burmeister, W.P.' 4 ? 
# 
loop_
_entity.id 
_entity.type 
_entity.src_method 
_entity.pdbx_description 
_entity.formula_weight 
_entity.pdbx_number_of_molecules 
_entity.pdbx_ec 
_entity.pdbx_mutation 
_entity.pdbx_fragment 
_entity.details 
1 polymer     man 'NUCLEOCAPSID PHOSPHOPROTEIN' 13115.810 1   2.7.7.48 ? 'MULTIMERIZATION DOMAIN (320-433)' ? 
2 non-polymer syn 'ETHYL MERCURY ION'           229.651   1   ?        ? ?                                  ? 
3 non-polymer syn 'CALCIUM ION'                 40.078    1   ?        ? ?                                  ? 
4 water       nat water                         18.015    146 ?        ? ?                                  ? 
# 
_entity_name_com.entity_id   1 
_entity_name_com.name        'RNA POLYMERASE ALPHA SUBUNIT' 
# 
_entity_poly.entity_id                      1 
_entity_poly.type                           'polypeptide(L)' 
_entity_poly.nstd_linkage                   no 
_entity_poly.nstd_monomer                   no 
_entity_poly.pdbx_seq_one_letter_code       
;MENTSSMKEMATLLTSLGVIQSAQEFESSRDASYVFARRALKSANYAEMTFNVCGLILSAEKSSARKVDENKQLLKQIQE
SVESFRDIYKRFSEYQKEQNSLLMSNLSTLHIITD
;
_entity_poly.pdbx_seq_one_letter_code_can   
;MENTSSMKEMATLLTSLGVIQSAQEFESSRDASYVFARRALKSANYAEMTFNVCGLILSAEKSSARKVDENKQLLKQIQE
SVESFRDIYKRFSEYQKEQNSLLMSNLSTLHIITD
;
_entity_poly.pdbx_strand_id                 A 
_entity_poly.pdbx_target_identifier         ? 
# 
loop_
_pdbx_entity_nonpoly.entity_id 
_pdbx_entity_nonpoly.name 
_pdbx_entity_nonpoly.comp_id 
2 'ETHYL MERCURY ION' EMC 
3 'CALCIUM ION'       CA  
4 water               HOH 
# 
loop_
_entity_poly_seq.entity_id 
_entity_poly_seq.num 
_entity_poly_seq.mon_id 
_entity_poly_seq.hetero 
1 1   MET n 
1 2   GLU n 
1 3   ASN n 
1 4   THR n 
1 5   SER n 
1 6   SER n 
1 7   MET n 
1 8   LYS n 
1 9   GLU n 
1 10  MET n 
1 11  ALA n 
1 12  THR n 
1 13  LEU n 
1 14  LEU n 
1 15  THR n 
1 16  SER n 
1 17  LEU n 
1 18  GLY n 
1 19  VAL n 
1 20  ILE n 
1 21  GLN n 
1 22  SER n 
1 23  ALA n 
1 24  GLN n 
1 25  GLU n 
1 26  PHE n 
1 27  GLU n 
1 28  SER n 
1 29  SER n 
1 30  ARG n 
1 31  ASP n 
1 32  ALA n 
1 33  SER n 
1 34  TYR n 
1 35  VAL n 
1 36  PHE n 
1 37  ALA n 
1 38  ARG n 
1 39  ARG n 
1 40  ALA n 
1 41  LEU n 
1 42  LYS n 
1 43  SER n 
1 44  ALA n 
1 45  ASN n 
1 46  TYR n 
1 47  ALA n 
1 48  GLU n 
1 49  MET n 
1 50  THR n 
1 51  PHE n 
1 52  ASN n 
1 53  VAL n 
1 54  CYS n 
1 55  GLY n 
1 56  LEU n 
1 57  ILE n 
1 58  LEU n 
1 59  SER n 
1 60  ALA n 
1 61  GLU n 
1 62  LYS n 
1 63  SER n 
1 64  SER n 
1 65  ALA n 
1 66  ARG n 
1 67  LYS n 
1 68  VAL n 
1 69  ASP n 
1 70  GLU n 
1 71  ASN n 
1 72  LYS n 
1 73  GLN n 
1 74  LEU n 
1 75  LEU n 
1 76  LYS n 
1 77  GLN n 
1 78  ILE n 
1 79  GLN n 
1 80  GLU n 
1 81  SER n 
1 82  VAL n 
1 83  GLU n 
1 84  SER n 
1 85  PHE n 
1 86  ARG n 
1 87  ASP n 
1 88  ILE n 
1 89  TYR n 
1 90  LYS n 
1 91  ARG n 
1 92  PHE n 
1 93  SER n 
1 94  GLU n 
1 95  TYR n 
1 96  GLN n 
1 97  LYS n 
1 98  GLU n 
1 99  GLN n 
1 100 ASN n 
1 101 SER n 
1 102 LEU n 
1 103 LEU n 
1 104 MET n 
1 105 SER n 
1 106 ASN n 
1 107 LEU n 
1 108 SER n 
1 109 THR n 
1 110 LEU n 
1 111 HIS n 
1 112 ILE n 
1 113 ILE n 
1 114 THR n 
1 115 ASP n 
# 
_entity_src_gen.entity_id                          1 
_entity_src_gen.pdbx_src_id                        1 
_entity_src_gen.pdbx_alt_source_flag               sample 
_entity_src_gen.pdbx_seq_type                      ? 
_entity_src_gen.pdbx_beg_seq_num                   ? 
_entity_src_gen.pdbx_end_seq_num                   ? 
_entity_src_gen.gene_src_common_name               ? 
_entity_src_gen.gene_src_genus                     Respirovirus 
_entity_src_gen.pdbx_gene_src_gene                 ? 
_entity_src_gen.gene_src_species                   'Sendai virus' 
_entity_src_gen.gene_src_strain                    HARRIS 
_entity_src_gen.gene_src_tissue                    ? 
_entity_src_gen.gene_src_tissue_fraction           ? 
_entity_src_gen.gene_src_details                   ? 
_entity_src_gen.pdbx_gene_src_fragment             ? 
_entity_src_gen.pdbx_gene_src_scientific_name      'Sendai virus (strain Harris)' 
_entity_src_gen.pdbx_gene_src_ncbi_taxonomy_id     11196 
_entity_src_gen.pdbx_gene_src_variant              ? 
_entity_src_gen.pdbx_gene_src_cell_line            ? 
_entity_src_gen.pdbx_gene_src_atcc                 ? 
_entity_src_gen.pdbx_gene_src_organ                ? 
_entity_src_gen.pdbx_gene_src_organelle            ? 
_entity_src_gen.pdbx_gene_src_cell                 ? 
_entity_src_gen.pdbx_gene_src_cellular_location    ? 
_entity_src_gen.host_org_common_name               ? 
_entity_src_gen.pdbx_host_org_scientific_name      'Escherichia coli BL21(DE3)' 
_entity_src_gen.pdbx_host_org_ncbi_taxonomy_id     469008 
_entity_src_gen.host_org_genus                     Escherichia 
_entity_src_gen.pdbx_host_org_gene                 ? 
_entity_src_gen.pdbx_host_org_organ                ? 
_entity_src_gen.host_org_species                   'Escherichia coli' 
_entity_src_gen.pdbx_host_org_tissue               ? 
_entity_src_gen.pdbx_host_org_tissue_fraction      ? 
_entity_src_gen.pdbx_host_org_strain               BL21-DE3 
_entity_src_gen.pdbx_host_org_variant              ? 
_entity_src_gen.pdbx_host_org_cell_line            ? 
_entity_src_gen.pdbx_host_org_atcc                 ? 
_entity_src_gen.pdbx_host_org_culture_collection   ? 
_entity_src_gen.pdbx_host_org_cell                 ? 
_entity_src_gen.pdbx_host_org_organelle            ? 
_entity_src_gen.pdbx_host_org_cellular_location    ? 
_entity_src_gen.pdbx_host_org_vector_type          PLASMID 
_entity_src_gen.pdbx_host_org_vector               ? 
_entity_src_gen.host_org_details                   ? 
_entity_src_gen.expression_system_id               ? 
_entity_src_gen.plasmid_name                       PT7_7 
_entity_src_gen.plasmid_details                    ? 
_entity_src_gen.pdbx_description                   ? 
# 
loop_
_chem_comp.id 
_chem_comp.type 
_chem_comp.mon_nstd_flag 
_chem_comp.name 
_chem_comp.pdbx_synonyms 
_chem_comp.formula 
_chem_comp.formula_weight 
ALA 'L-peptide linking' y ALANINE             ? 'C3 H7 N O2'     89.093  
ARG 'L-peptide linking' y ARGININE            ? 'C6 H15 N4 O2 1' 175.209 
ASN 'L-peptide linking' y ASPARAGINE          ? 'C4 H8 N2 O3'    132.118 
ASP 'L-peptide linking' y 'ASPARTIC ACID'     ? 'C4 H7 N O4'     133.103 
CA  non-polymer         . 'CALCIUM ION'       ? 'Ca 2'           40.078  
CYS 'L-peptide linking' y CYSTEINE            ? 'C3 H7 N O2 S'   121.158 
EMC non-polymer         . 'ETHYL MERCURY ION' ? 'C2 H5 Hg 1'     229.651 
GLN 'L-peptide linking' y GLUTAMINE           ? 'C5 H10 N2 O3'   146.144 
GLU 'L-peptide linking' y 'GLUTAMIC ACID'     ? 'C5 H9 N O4'     147.129 
GLY 'peptide linking'   y GLYCINE             ? 'C2 H5 N O2'     75.067  
HIS 'L-peptide linking' y HISTIDINE           ? 'C6 H10 N3 O2 1' 156.162 
HOH non-polymer         . WATER               ? 'H2 O'           18.015  
ILE 'L-peptide linking' y ISOLEUCINE          ? 'C6 H13 N O2'    131.173 
LEU 'L-peptide linking' y LEUCINE             ? 'C6 H13 N O2'    131.173 
LYS 'L-peptide linking' y LYSINE              ? 'C6 H15 N2 O2 1' 147.195 
MET 'L-peptide linking' y METHIONINE          ? 'C5 H11 N O2 S'  149.211 
PHE 'L-peptide linking' y PHENYLALANINE       ? 'C9 H11 N O2'    165.189 
SER 'L-peptide linking' y SERINE              ? 'C3 H7 N O3'     105.093 
THR 'L-peptide linking' y THREONINE           ? 'C4 H9 N O3'     119.119 
TYR 'L-peptide linking' y TYROSINE            ? 'C9 H11 N O3'    181.189 
VAL 'L-peptide linking' y VALINE              ? 'C5 H11 N O2'    117.146 
# 
loop_
_pdbx_poly_seq_scheme.asym_id 
_pdbx_poly_seq_scheme.entity_id 
_pdbx_poly_seq_scheme.seq_id 
_pdbx_poly_seq_scheme.mon_id 
_pdbx_poly_seq_scheme.ndb_seq_num 
_pdbx_poly_seq_scheme.pdb_seq_num 
_pdbx_poly_seq_scheme.auth_seq_num 
_pdbx_poly_seq_scheme.pdb_mon_id 
_pdbx_poly_seq_scheme.auth_mon_id 
_pdbx_poly_seq_scheme.pdb_strand_id 
_pdbx_poly_seq_scheme.pdb_ins_code 
_pdbx_poly_seq_scheme.hetero 
A 1 1   MET 1   1   ?   ?   ?   A . n 
A 1 2   GLU 2   2   2   GLU GLU A . n 
A 1 3   ASN 3   3   3   ASN ASN A . n 
A 1 4   THR 4   4   4   THR THR A . n 
A 1 5   SER 5   5   5   SER SER A . n 
A 1 6   SER 6   6   6   SER SER A . n 
A 1 7   MET 7   7   7   MET MET A . n 
A 1 8   LYS 8   8   8   LYS LYS A . n 
A 1 9   GLU 9   9   9   GLU GLU A . n 
A 1 10  MET 10  10  10  MET MET A . n 
A 1 11  ALA 11  11  11  ALA ALA A . n 
A 1 12  THR 12  12  12  THR THR A . n 
A 1 13  LEU 13  13  13  LEU LEU A . n 
A 1 14  LEU 14  14  14  LEU LEU A . n 
A 1 15  THR 15  15  15  THR THR A . n 
A 1 16  SER 16  16  16  SER SER A . n 
A 1 17  LEU 17  17  17  LEU LEU A . n 
A 1 18  GLY 18  18  18  GLY GLY A . n 
A 1 19  VAL 19  19  19  VAL VAL A . n 
A 1 20  ILE 20  20  20  ILE ILE A . n 
A 1 21  GLN 21  21  21  GLN GLN A . n 
A 1 22  SER 22  22  22  SER SER A . n 
A 1 23  ALA 23  23  23  ALA ALA A . n 
A 1 24  GLN 24  24  24  GLN GLN A . n 
A 1 25  GLU 25  25  25  GLU GLU A . n 
A 1 26  PHE 26  26  26  PHE PHE A . n 
A 1 27  GLU 27  27  27  GLU GLU A . n 
A 1 28  SER 28  28  28  SER SER A . n 
A 1 29  SER 29  29  29  SER SER A . n 
A 1 30  ARG 30  30  30  ARG ARG A . n 
A 1 31  ASP 31  31  31  ASP ASP A . n 
A 1 32  ALA 32  32  32  ALA ALA A . n 
A 1 33  SER 33  33  33  SER SER A . n 
A 1 34  TYR 34  34  34  TYR TYR A . n 
A 1 35  VAL 35  35  35  VAL VAL A . n 
A 1 36  PHE 36  36  36  PHE PHE A . n 
A 1 37  ALA 37  37  37  ALA ALA A . n 
A 1 38  ARG 38  38  38  ARG ARG A . n 
A 1 39  ARG 39  39  39  ARG ARG A . n 
A 1 40  ALA 40  40  40  ALA ALA A . n 
A 1 41  LEU 41  41  41  LEU LEU A . n 
A 1 42  LYS 42  42  42  LYS LYS A . n 
A 1 43  SER 43  43  43  SER SER A . n 
A 1 44  ALA 44  44  44  ALA ALA A . n 
A 1 45  ASN 45  45  45  ASN ASN A . n 
A 1 46  TYR 46  46  46  TYR TYR A . n 
A 1 47  ALA 47  47  47  ALA ALA A . n 
A 1 48  GLU 48  48  48  GLU GLU A . n 
A 1 49  MET 49  49  49  MET MET A . n 
A 1 50  THR 50  50  50  THR THR A . n 
A 1 51  PHE 51  51  51  PHE PHE A . n 
A 1 52  ASN 52  52  52  ASN ASN A . n 
A 1 53  VAL 53  53  53  VAL VAL A . n 
A 1 54  CYS 54  54  54  CYS CYS A . n 
A 1 55  GLY 55  55  55  GLY GLY A . n 
A 1 56  LEU 56  56  56  LEU LEU A . n 
A 1 57  ILE 57  57  57  ILE ILE A . n 
A 1 58  LEU 58  58  58  LEU LEU A . n 
A 1 59  SER 59  59  59  SER SER A . n 
A 1 60  ALA 60  60  60  ALA ALA A . n 
A 1 61  GLU 61  61  61  GLU GLU A . n 
A 1 62  LYS 62  62  62  LYS LYS A . n 
A 1 63  SER 63  63  63  SER SER A . n 
A 1 64  SER 64  64  64  SER SER A . n 
A 1 65  ALA 65  65  65  ALA ALA A . n 
A 1 66  ARG 66  66  66  ARG ARG A . n 
A 1 67  LYS 67  67  67  LYS LYS A . n 
A 1 68  VAL 68  68  68  VAL VAL A . n 
A 1 69  ASP 69  69  69  ASP ASP A . n 
A 1 70  GLU 70  70  70  GLU GLU A . n 
A 1 71  ASN 71  71  71  ASN ASN A . n 
A 1 72  LYS 72  72  72  LYS LYS A . n 
A 1 73  GLN 73  73  73  GLN GLN A . n 
A 1 74  LEU 74  74  74  LEU LEU A . n 
A 1 75  LEU 75  75  75  LEU LEU A . n 
A 1 76  LYS 76  76  76  LYS LYS A . n 
A 1 77  GLN 77  77  77  GLN GLN A . n 
A 1 78  ILE 78  78  78  ILE ILE A . n 
A 1 79  GLN 79  79  79  GLN GLN A . n 
A 1 80  GLU 80  80  80  GLU GLU A . n 
A 1 81  SER 81  81  81  SER SER A . n 
A 1 82  VAL 82  82  82  VAL VAL A . n 
A 1 83  GLU 83  83  83  GLU GLU A . n 
A 1 84  SER 84  84  84  SER SER A . n 
A 1 85  PHE 85  85  85  PHE PHE A . n 
A 1 86  ARG 86  86  86  ARG ARG A . n 
A 1 87  ASP 87  87  87  ASP ASP A . n 
A 1 88  ILE 88  88  88  ILE ILE A . n 
A 1 89  TYR 89  89  89  TYR TYR A . n 
A 1 90  LYS 90  90  90  LYS LYS A . n 
A 1 91  ARG 91  91  91  ARG ARG A . n 
A 1 92  PHE 92  92  92  PHE PHE A . n 
A 1 93  SER 93  93  93  SER SER A . n 
A 1 94  GLU 94  94  94  GLU GLU A . n 
A 1 95  TYR 95  95  95  TYR TYR A . n 
A 1 96  GLN 96  96  96  GLN GLN A . n 
A 1 97  LYS 97  97  97  LYS LYS A . n 
A 1 98  GLU 98  98  98  GLU GLU A . n 
A 1 99  GLN 99  99  99  GLN GLN A . n 
A 1 100 ASN 100 100 100 ASN ASN A . n 
A 1 101 SER 101 101 101 SER SER A . n 
A 1 102 LEU 102 102 102 LEU LEU A . n 
A 1 103 LEU 103 103 103 LEU LEU A . n 
A 1 104 MET 104 104 104 MET MET A . n 
A 1 105 SER 105 105 105 SER SER A . n 
A 1 106 ASN 106 106 106 ASN ASN A . n 
A 1 107 LEU 107 107 107 LEU LEU A . n 
A 1 108 SER 108 108 108 SER SER A . n 
A 1 109 THR 109 109 109 THR THR A . n 
A 1 110 LEU 110 110 110 LEU LEU A . n 
A 1 111 HIS 111 111 111 HIS HIS A . n 
A 1 112 ILE 112 112 112 ILE ILE A . n 
A 1 113 ILE 113 113 113 ILE ILE A . n 
A 1 114 THR 114 114 114 THR THR A . n 
A 1 115 ASP 115 115 115 ASP ASP A . n 
# 
loop_
_pdbx_nonpoly_scheme.asym_id 
_pdbx_nonpoly_scheme.entity_id 
_pdbx_nonpoly_scheme.mon_id 
_pdbx_nonpoly_scheme.ndb_seq_num 
_pdbx_nonpoly_scheme.pdb_seq_num 
_pdbx_nonpoly_scheme.auth_seq_num 
_pdbx_nonpoly_scheme.pdb_mon_id 
_pdbx_nonpoly_scheme.auth_mon_id 
_pdbx_nonpoly_scheme.pdb_strand_id 
_pdbx_nonpoly_scheme.pdb_ins_code 
B 2 EMC 1   1002 2   EMC EMC A . 
C 3 CA  1   1001 1   CA  CA  A . 
D 4 HOH 1   1003 3   HOH WAT A . 
D 4 HOH 2   1004 4   HOH WAT A . 
D 4 HOH 3   1005 5   HOH WAT A . 
D 4 HOH 4   1006 6   HOH WAT A . 
D 4 HOH 5   1007 7   HOH WAT A . 
D 4 HOH 6   1008 8   HOH WAT A . 
D 4 HOH 7   1009 9   HOH WAT A . 
D 4 HOH 8   1010 10  HOH WAT A . 
D 4 HOH 9   1011 11  HOH WAT A . 
D 4 HOH 10  1012 12  HOH WAT A . 
D 4 HOH 11  1013 13  HOH WAT A . 
D 4 HOH 12  1014 14  HOH WAT A . 
D 4 HOH 13  1015 15  HOH WAT A . 
D 4 HOH 14  1016 16  HOH WAT A . 
D 4 HOH 15  1017 17  HOH WAT A . 
D 4 HOH 16  1018 18  HOH WAT A . 
D 4 HOH 17  1019 19  HOH WAT A . 
D 4 HOH 18  1020 20  HOH WAT A . 
D 4 HOH 19  1021 21  HOH WAT A . 
D 4 HOH 20  1022 22  HOH WAT A . 
D 4 HOH 21  1023 23  HOH WAT A . 
D 4 HOH 22  1024 24  HOH WAT A . 
D 4 HOH 23  1025 25  HOH WAT A . 
D 4 HOH 24  1026 26  HOH WAT A . 
D 4 HOH 25  1027 27  HOH WAT A . 
D 4 HOH 26  1028 28  HOH WAT A . 
D 4 HOH 27  1029 29  HOH WAT A . 
D 4 HOH 28  1030 30  HOH WAT A . 
D 4 HOH 29  1031 31  HOH WAT A . 
D 4 HOH 30  1032 32  HOH WAT A . 
D 4 HOH 31  1033 33  HOH WAT A . 
D 4 HOH 32  1034 34  HOH WAT A . 
D 4 HOH 33  1035 35  HOH WAT A . 
D 4 HOH 34  1036 36  HOH WAT A . 
D 4 HOH 35  1037 37  HOH WAT A . 
D 4 HOH 36  1038 38  HOH WAT A . 
D 4 HOH 37  1039 39  HOH WAT A . 
D 4 HOH 38  1040 40  HOH WAT A . 
D 4 HOH 39  1041 41  HOH WAT A . 
D 4 HOH 40  1042 42  HOH WAT A . 
D 4 HOH 41  1043 43  HOH WAT A . 
D 4 HOH 42  1044 44  HOH WAT A . 
D 4 HOH 43  1045 45  HOH WAT A . 
D 4 HOH 44  1046 46  HOH WAT A . 
D 4 HOH 45  1047 47  HOH WAT A . 
D 4 HOH 46  1048 48  HOH WAT A . 
D 4 HOH 47  1049 49  HOH WAT A . 
D 4 HOH 48  1050 50  HOH WAT A . 
D 4 HOH 49  1051 51  HOH WAT A . 
D 4 HOH 50  1052 52  HOH WAT A . 
D 4 HOH 51  1053 53  HOH WAT A . 
D 4 HOH 52  1054 54  HOH WAT A . 
D 4 HOH 53  1055 55  HOH WAT A . 
D 4 HOH 54  1056 56  HOH WAT A . 
D 4 HOH 55  1057 57  HOH WAT A . 
D 4 HOH 56  1058 58  HOH WAT A . 
D 4 HOH 57  1059 59  HOH WAT A . 
D 4 HOH 58  1060 60  HOH WAT A . 
D 4 HOH 59  1061 61  HOH WAT A . 
D 4 HOH 60  1062 62  HOH WAT A . 
D 4 HOH 61  1063 63  HOH WAT A . 
D 4 HOH 62  1064 64  HOH WAT A . 
D 4 HOH 63  1065 65  HOH WAT A . 
D 4 HOH 64  1066 66  HOH WAT A . 
D 4 HOH 65  1067 67  HOH WAT A . 
D 4 HOH 66  1068 68  HOH WAT A . 
D 4 HOH 67  1069 69  HOH WAT A . 
D 4 HOH 68  1070 70  HOH WAT A . 
D 4 HOH 69  1071 71  HOH WAT A . 
D 4 HOH 70  1072 72  HOH WAT A . 
D 4 HOH 71  1073 73  HOH WAT A . 
D 4 HOH 72  1074 74  HOH WAT A . 
D 4 HOH 73  1075 75  HOH WAT A . 
D 4 HOH 74  1076 76  HOH WAT A . 
D 4 HOH 75  1077 77  HOH WAT A . 
D 4 HOH 76  1078 78  HOH WAT A . 
D 4 HOH 77  1079 79  HOH WAT A . 
D 4 HOH 78  1080 80  HOH WAT A . 
D 4 HOH 79  1081 81  HOH WAT A . 
D 4 HOH 80  1082 82  HOH WAT A . 
D 4 HOH 81  1083 83  HOH WAT A . 
D 4 HOH 82  1084 84  HOH WAT A . 
D 4 HOH 83  1085 85  HOH WAT A . 
D 4 HOH 84  1086 86  HOH WAT A . 
D 4 HOH 85  1087 87  HOH WAT A . 
D 4 HOH 86  1088 88  HOH WAT A . 
D 4 HOH 87  1089 89  HOH WAT A . 
D 4 HOH 88  1090 90  HOH WAT A . 
D 4 HOH 89  1091 91  HOH WAT A . 
D 4 HOH 90  1092 92  HOH WAT A . 
D 4 HOH 91  1093 93  HOH WAT A . 
D 4 HOH 92  1094 94  HOH WAT A . 
D 4 HOH 93  1095 95  HOH WAT A . 
D 4 HOH 94  1096 96  HOH WAT A . 
D 4 HOH 95  1097 97  HOH WAT A . 
D 4 HOH 96  1098 98  HOH WAT A . 
D 4 HOH 97  1099 99  HOH WAT A . 
D 4 HOH 98  1100 100 HOH WAT A . 
D 4 HOH 99  1101 101 HOH WAT A . 
D 4 HOH 100 1102 102 HOH WAT A . 
D 4 HOH 101 1103 103 HOH WAT A . 
D 4 HOH 102 1104 104 HOH WAT A . 
D 4 HOH 103 1105 105 HOH WAT A . 
D 4 HOH 104 1106 106 HOH WAT A . 
D 4 HOH 105 1107 107 HOH WAT A . 
D 4 HOH 106 1108 108 HOH WAT A . 
D 4 HOH 107 1109 109 HOH WAT A . 
D 4 HOH 108 1110 110 HOH WAT A . 
D 4 HOH 109 1111 111 HOH WAT A . 
D 4 HOH 110 1112 112 HOH WAT A . 
D 4 HOH 111 1113 113 HOH WAT A . 
D 4 HOH 112 1114 114 HOH WAT A . 
D 4 HOH 113 1115 115 HOH WAT A . 
D 4 HOH 114 1116 116 HOH WAT A . 
D 4 HOH 115 1117 117 HOH WAT A . 
D 4 HOH 116 1118 118 HOH WAT A . 
D 4 HOH 117 1119 119 HOH WAT A . 
D 4 HOH 118 1120 120 HOH WAT A . 
D 4 HOH 119 1121 121 HOH WAT A . 
D 4 HOH 120 1122 122 HOH WAT A . 
D 4 HOH 121 1123 123 HOH WAT A . 
D 4 HOH 122 1124 124 HOH WAT A . 
D 4 HOH 123 1125 125 HOH WAT A . 
D 4 HOH 124 1126 126 HOH WAT A . 
D 4 HOH 125 1127 127 HOH WAT A . 
D 4 HOH 126 1128 128 HOH WAT A . 
D 4 HOH 127 1129 129 HOH WAT A . 
D 4 HOH 128 1130 130 HOH WAT A . 
D 4 HOH 129 1131 131 HOH WAT A . 
D 4 HOH 130 1132 132 HOH WAT A . 
D 4 HOH 131 1133 133 HOH WAT A . 
D 4 HOH 132 1134 134 HOH WAT A . 
D 4 HOH 133 1135 135 HOH WAT A . 
D 4 HOH 134 1136 136 HOH WAT A . 
D 4 HOH 135 1137 137 HOH WAT A . 
D 4 HOH 136 1138 138 HOH WAT A . 
D 4 HOH 137 1139 139 HOH WAT A . 
D 4 HOH 138 1140 140 HOH WAT A . 
D 4 HOH 139 1141 141 HOH WAT A . 
D 4 HOH 140 1142 142 HOH WAT A . 
D 4 HOH 141 1143 143 HOH WAT A . 
D 4 HOH 142 1144 144 HOH WAT A . 
D 4 HOH 143 1145 145 HOH WAT A . 
D 4 HOH 144 1146 146 HOH WAT A . 
D 4 HOH 145 1147 147 HOH WAT A . 
D 4 HOH 146 1148 148 HOH WAT A . 
# 
loop_
_software.name 
_software.classification 
_software.version 
_software.citation_id 
_software.pdbx_ordinal 
SHARP phasing          .            ? 1 
CNS   refinement       0.9          ? 2 
DENZO 'data reduction' .            ? 3 
CCP4  'data scaling'   '(TRUNCATE)' ? 4 
# 
_cell.entry_id           1EZJ 
_cell.length_a           48.584 
_cell.length_b           48.584 
_cell.length_c           100.847 
_cell.angle_alpha        90.00 
_cell.angle_beta         90.00 
_cell.angle_gamma        90.00 
_cell.Z_PDB              8 
_cell.pdbx_unique_axis   ? 
# 
_symmetry.entry_id                         1EZJ 
_symmetry.space_group_name_H-M             'P 4 21 2' 
_symmetry.pdbx_full_space_group_name_H-M   ? 
_symmetry.cell_setting                     ? 
_symmetry.Int_Tables_number                90 
# 
_exptl.entry_id          1EZJ 
_exptl.method            'X-RAY DIFFRACTION' 
_exptl.crystals_number   1 
# 
_exptl_crystal.id                    1 
_exptl_crystal.density_meas          ? 
_exptl_crystal.density_percent_sol   48 
_exptl_crystal.density_Matthews      2.27 
_exptl_crystal.description           ? 
# 
_exptl_crystal_grow.crystal_id      1 
_exptl_crystal_grow.method          'VAPOR DIFFUSION, HANGING DROP' 
_exptl_crystal_grow.pH              9.0 
_exptl_crystal_grow.temp            293.0 
_exptl_crystal_grow.temp_details    ? 
_exptl_crystal_grow.pdbx_details    
;PEG 3000 16%, Sodium chloride 200 mM, Calcium chloride 10 mM, ethylmercurythiosalicilic acid 5 mM, Tris-HCl 100 mM, pH 9.0, VAPOR DIFFUSION, HANGING DROP, temperature 293.0K
;
_exptl_crystal_grow.pdbx_pH_range   . 
# 
_diffrn.id                     1 
_diffrn.ambient_temp           100 
_diffrn.ambient_temp_details   ? 
_diffrn.crystal_id             1 
# 
_diffrn_detector.diffrn_id              1 
_diffrn_detector.detector               CCD 
_diffrn_detector.type                   MARRESEARCH 
_diffrn_detector.pdbx_collection_date   1999-05-05 
_diffrn_detector.details                ? 
# 
_diffrn_radiation.diffrn_id                        1 
_diffrn_radiation.wavelength_id                    1 
_diffrn_radiation.monochromator                    ? 
_diffrn_radiation.pdbx_monochromatic_or_laue_m_l   M 
_diffrn_radiation.pdbx_diffrn_protocol             'SINGLE WAVELENGTH' 
_diffrn_radiation.pdbx_scattering_type             x-ray 
# 
_diffrn_radiation_wavelength.id           1 
_diffrn_radiation_wavelength.wavelength   0.94 
_diffrn_radiation_wavelength.wt           1.0 
# 
_diffrn_source.diffrn_id                   1 
_diffrn_source.source                      SYNCHROTRON 
_diffrn_source.type                        'ESRF BEAMLINE ID14-3' 
_diffrn_source.pdbx_wavelength             0.94 
_diffrn_source.pdbx_synchrotron_site       ESRF 
_diffrn_source.pdbx_synchrotron_beamline   ID14-3 
_diffrn_source.pdbx_wavelength_list        ? 
# 
_reflns.entry_id                     1EZJ 
_reflns.observed_criterion_sigma_I   0 
_reflns.observed_criterion_sigma_F   0 
_reflns.d_resolution_low             15 
_reflns.d_resolution_high            1.9 
_reflns.number_obs                   9175 
_reflns.number_all                   10106 
_reflns.percent_possible_obs         92.1 
_reflns.pdbx_Rmerge_I_obs            0.0890000 
_reflns.pdbx_Rsym_value              ? 
_reflns.pdbx_netI_over_sigmaI        15.0 
_reflns.B_iso_Wilson_estimate        37 
_reflns.pdbx_redundancy              3.7 
_reflns.R_free_details               ? 
_reflns.limit_h_max                  ? 
_reflns.limit_h_min                  ? 
_reflns.limit_k_max                  ? 
_reflns.limit_k_min                  ? 
_reflns.limit_l_max                  ? 
_reflns.limit_l_min                  ? 
_reflns.observed_criterion_F_max     ? 
_reflns.observed_criterion_F_min     ? 
_reflns.pdbx_ordinal                 1 
_reflns.pdbx_diffrn_id               1 
# 
_reflns_shell.d_res_high             1.90 
_reflns_shell.d_res_low              1.97 
_reflns_shell.percent_possible_obs   ? 
_reflns_shell.percent_possible_all   94.5 
_reflns_shell.Rmerge_I_obs           0.3860000 
_reflns_shell.meanI_over_sigI_obs    ? 
_reflns_shell.pdbx_Rsym_value        ? 
_reflns_shell.pdbx_redundancy        3.8 
_reflns_shell.number_unique_all      917 
_reflns_shell.pdbx_ordinal           1 
_reflns_shell.pdbx_diffrn_id         1 
# 
_refine.entry_id                                 1EZJ 
_refine.ls_number_reflns_obs                     9175 
_refine.ls_number_reflns_all                     10106 
_refine.pdbx_ls_sigma_I                          0 
_refine.pdbx_ls_sigma_F                          0 
_refine.pdbx_data_cutoff_high_absF               ? 
_refine.pdbx_data_cutoff_low_absF                ? 
_refine.ls_d_res_low                             15.0 
_refine.ls_d_res_high                            1.90 
_refine.ls_percent_reflns_obs                    92.1 
_refine.ls_R_factor_obs                          0.2550000 
_refine.ls_R_factor_all                          0.2550000 
_refine.ls_R_factor_R_work                       0.2490000 
_refine.ls_R_factor_R_free                       0.2930000 
_refine.ls_R_factor_R_free_error                 ? 
_refine.ls_R_factor_R_free_error_details         ? 
_refine.ls_percent_reflns_R_free                 ? 
_refine.ls_number_reflns_R_free                  931 
_refine.ls_number_parameters                     ? 
_refine.ls_number_restraints                     ? 
_refine.occupancy_min                            ? 
_refine.occupancy_max                            ? 
_refine.B_iso_mean                               ? 
_refine.aniso_B[1][1]                            ? 
_refine.aniso_B[2][2]                            ? 
_refine.aniso_B[3][3]                            ? 
_refine.aniso_B[1][2]                            ? 
_refine.aniso_B[1][3]                            ? 
_refine.aniso_B[2][3]                            ? 
_refine.solvent_model_details                    ? 
_refine.solvent_model_param_ksol                 ? 
_refine.solvent_model_param_bsol                 ? 
_refine.pdbx_ls_cross_valid_method               ? 
_refine.details                                  ? 
_refine.pdbx_starting_model                      ? 
_refine.pdbx_method_to_determine_struct          ? 
_refine.pdbx_isotropic_thermal_model             ? 
_refine.pdbx_stereochemistry_target_values       'Engh & Huber' 
_refine.pdbx_stereochem_target_val_spec_case     ? 
_refine.pdbx_R_Free_selection_details            random 
_refine.pdbx_overall_ESU_R_Free                  ? 
_refine.overall_SU_B                             ? 
_refine.ls_redundancy_reflns_obs                 ? 
_refine.B_iso_min                                ? 
_refine.B_iso_max                                ? 
_refine.overall_SU_ML                            ? 
_refine.pdbx_overall_ESU_R                       ? 
_refine.pdbx_data_cutoff_high_rms_absF           ? 
_refine.pdbx_refine_id                           'X-RAY DIFFRACTION' 
_refine.pdbx_diffrn_id                           1 
_refine.pdbx_TLS_residual_ADP_flag               ? 
_refine.correlation_coeff_Fo_to_Fc               ? 
_refine.correlation_coeff_Fo_to_Fc_free          ? 
_refine.pdbx_solvent_vdw_probe_radii             ? 
_refine.pdbx_solvent_ion_probe_radii             ? 
_refine.pdbx_solvent_shrinkage_radii             ? 
_refine.pdbx_overall_phase_error                 ? 
_refine.overall_SU_R_Cruickshank_DPI             ? 
_refine.pdbx_overall_SU_R_free_Cruickshank_DPI   ? 
_refine.pdbx_overall_SU_R_Blow_DPI               ? 
_refine.pdbx_overall_SU_R_free_Blow_DPI          ? 
# 
_refine_hist.pdbx_refine_id                   'X-RAY DIFFRACTION' 
_refine_hist.cycle_id                         LAST 
_refine_hist.pdbx_number_atoms_protein        908 
_refine_hist.pdbx_number_atoms_nucleic_acid   0 
_refine_hist.pdbx_number_atoms_ligand         4 
_refine_hist.number_atoms_solvent             146 
_refine_hist.number_atoms_total               1058 
_refine_hist.d_res_high                       1.90 
_refine_hist.d_res_low                        15.0 
# 
loop_
_refine_ls_restr.type 
_refine_ls_restr.dev_ideal 
_refine_ls_restr.dev_ideal_target 
_refine_ls_restr.weight 
_refine_ls_restr.number 
_refine_ls_restr.pdbx_refine_id 
_refine_ls_restr.pdbx_restraint_function 
c_bond_d    0.007 ? ? ? 'X-RAY DIFFRACTION' ? 
c_angle_deg 1.21  ? ? ? 'X-RAY DIFFRACTION' ? 
# 
_struct.entry_id                  1EZJ 
_struct.title                     'CRYSTAL STRUCTURE OF THE MULTIMERIZATION DOMAIN OF THE PHOSPHOPROTEIN FROM SENDAI VIRUS' 
_struct.pdbx_model_details        ? 
_struct.pdbx_CASP_flag            ? 
_struct.pdbx_model_type_details   ? 
# 
_struct_keywords.entry_id        1EZJ 
_struct_keywords.pdbx_keywords   'Viral protein, transferase' 
_struct_keywords.text            'Four stranded coiled coil, viral polymerase, Sendai virus, tetramer, Viral protein, transferase' 
# 
loop_
_struct_asym.id 
_struct_asym.pdbx_blank_PDB_chainid_flag 
_struct_asym.pdbx_modified 
_struct_asym.entity_id 
_struct_asym.details 
A N N 1 ? 
B N N 2 ? 
C N N 3 ? 
D N N 4 ? 
# 
_struct_ref.id                         1 
_struct_ref.db_code                    PHOSP_SENDH 
_struct_ref.db_name                    UNP 
_struct_ref.entity_id                  1 
_struct_ref.pdbx_db_accession          P04859 
_struct_ref.pdbx_align_begin           320 
_struct_ref.pdbx_seq_one_letter_code   
;ENTSSMKEMATLLTSLGVIQSAQEFESSRDASYVFARRALKSANYAEMTFNVCGLILSAEKSSARKVDENKQLLKQIQES
VESFRDIYKRFSEYQKEQNSLLMSNLSTLHIITD
;
_struct_ref.pdbx_db_isoform            ? 
# 
_struct_ref_seq.align_id                      1 
_struct_ref_seq.ref_id                        1 
_struct_ref_seq.pdbx_PDB_id_code              1EZJ 
_struct_ref_seq.pdbx_strand_id                A 
_struct_ref_seq.seq_align_beg                 2 
_struct_ref_seq.pdbx_seq_align_beg_ins_code   ? 
_struct_ref_seq.seq_align_end                 115 
_struct_ref_seq.pdbx_seq_align_end_ins_code   ? 
_struct_ref_seq.pdbx_db_accession             P04859 
_struct_ref_seq.db_align_beg                  320 
_struct_ref_seq.pdbx_db_align_beg_ins_code    ? 
_struct_ref_seq.db_align_end                  433 
_struct_ref_seq.pdbx_db_align_end_ins_code    ? 
_struct_ref_seq.pdbx_auth_seq_align_beg       2 
_struct_ref_seq.pdbx_auth_seq_align_end       115 
# 
_struct_ref_seq_dif.align_id                     1 
_struct_ref_seq_dif.pdbx_pdb_id_code             1EZJ 
_struct_ref_seq_dif.mon_id                       MET 
_struct_ref_seq_dif.pdbx_pdb_strand_id           A 
_struct_ref_seq_dif.seq_num                      1 
_struct_ref_seq_dif.pdbx_pdb_ins_code            ? 
_struct_ref_seq_dif.pdbx_seq_db_name             UNP 
_struct_ref_seq_dif.pdbx_seq_db_accession_code   P04859 
_struct_ref_seq_dif.db_mon_id                    ? 
_struct_ref_seq_dif.pdbx_seq_db_seq_num          ? 
_struct_ref_seq_dif.details                      'cloning artifact' 
_struct_ref_seq_dif.pdbx_auth_seq_num            1 
_struct_ref_seq_dif.pdbx_ordinal                 1 
# 
_pdbx_struct_assembly.id                   1 
_pdbx_struct_assembly.details              author_and_software_defined_assembly 
_pdbx_struct_assembly.method_details       PISA,PQS 
_pdbx_struct_assembly.oligomeric_details   tetrameric 
_pdbx_struct_assembly.oligomeric_count     4 
# 
loop_
_pdbx_struct_assembly_prop.biol_id 
_pdbx_struct_assembly_prop.type 
_pdbx_struct_assembly_prop.value 
_pdbx_struct_assembly_prop.details 
1 'ABSA (A^2)' 15850 ? 
1 MORE         -138  ? 
1 'SSA (A^2)'  23210 ? 
# 
_pdbx_struct_assembly_gen.assembly_id       1 
_pdbx_struct_assembly_gen.oper_expression   1,2,3,4 
_pdbx_struct_assembly_gen.asym_id_list      A,B,C,D 
# 
loop_
_pdbx_struct_oper_list.id 
_pdbx_struct_oper_list.type 
_pdbx_struct_oper_list.name 
_pdbx_struct_oper_list.symmetry_operation 
_pdbx_struct_oper_list.matrix[1][1] 
_pdbx_struct_oper_list.matrix[1][2] 
_pdbx_struct_oper_list.matrix[1][3] 
_pdbx_struct_oper_list.vector[1] 
_pdbx_struct_oper_list.matrix[2][1] 
_pdbx_struct_oper_list.matrix[2][2] 
_pdbx_struct_oper_list.matrix[2][3] 
_pdbx_struct_oper_list.vector[2] 
_pdbx_struct_oper_list.matrix[3][1] 
_pdbx_struct_oper_list.matrix[3][2] 
_pdbx_struct_oper_list.matrix[3][3] 
_pdbx_struct_oper_list.vector[3] 
1 'identity operation'         1_555 x,y,z          1.0000000000  0.0000000000  0.0000000000  0.0000000000   0.0000000000  1.0000000000 0.0000000000  0.0000000000  0.0000000000  0.0000000000  1.0000000000  0.0000000000  
2 'crystal symmetry operation' 2_655 -x+1,-y,z      -0.6233897331 -0.7705220584 -0.1329699146 -12.0945944052 -0.7705220584 0.5764420003 0.2720484843  -5.9279414461 -0.1329699146 0.2720484843  -0.9530522672 0.0952186682  
3 'crystal symmetry operation' 3_545 -y+1/2,x-1/2,z 0.1883051334  -0.5384728643 0.8213331548  -6.5436810253  -0.2320491941 0.7882210001 0.5699656362  -2.0581128822 -0.9543030694 -0.2979171519 0.0234738664  -6.6074802389 
4 'crystal symmetry operation' 4_555 y+1/2,-x+1/2,z 0.1883051334  -0.2320491941 -0.9543030694 -5.5509133798  -0.5384728643 0.7882210001 -0.2979171519 -3.8698285639 0.8213331548  0.5699656362  0.0234738664  6.7026989071 
# 
_struct_biol.id                    1 
_struct_biol.details               
;The biological assembly is a tetramer constructed from chain A and 
symmetry partners generated by the four-fold axis.
;
_struct_biol.pdbx_parent_biol_id   ? 
# 
loop_
_struct_conf.conf_type_id 
_struct_conf.id 
_struct_conf.pdbx_PDB_helix_id 
_struct_conf.beg_label_comp_id 
_struct_conf.beg_label_asym_id 
_struct_conf.beg_label_seq_id 
_struct_conf.pdbx_beg_PDB_ins_code 
_struct_conf.end_label_comp_id 
_struct_conf.end_label_asym_id 
_struct_conf.end_label_seq_id 
_struct_conf.pdbx_end_PDB_ins_code 
_struct_conf.beg_auth_comp_id 
_struct_conf.beg_auth_asym_id 
_struct_conf.beg_auth_seq_id 
_struct_conf.end_auth_comp_id 
_struct_conf.end_auth_asym_id 
_struct_conf.end_auth_seq_id 
_struct_conf.pdbx_PDB_helix_class 
_struct_conf.details 
_struct_conf.pdbx_PDB_helix_length 
HELX_P HELX_P1 1 ASN A 3   ? LEU A 17  ? ASN A 3   LEU A 17  1 ? 15 
HELX_P HELX_P2 2 SER A 22  ? GLU A 27  ? SER A 22  GLU A 27  1 ? 6  
HELX_P HELX_P3 3 ASP A 31  ? LYS A 42  ? ASP A 31  LYS A 42  1 ? 12 
HELX_P HELX_P4 4 ASN A 45  ? LEU A 107 ? ASN A 45  LEU A 107 1 ? 63 
HELX_P HELX_P5 5 SER A 108 ? HIS A 111 ? SER A 108 HIS A 111 5 ? 4  
# 
_struct_conf_type.id          HELX_P 
_struct_conf_type.criteria    ? 
_struct_conf_type.reference   ? 
# 
_struct_conn.id                            metalc1 
_struct_conn.conn_type_id                  metalc 
_struct_conn.pdbx_leaving_atom_flag        ? 
_struct_conn.pdbx_PDB_id                   ? 
_struct_conn.ptnr1_label_asym_id           A 
_struct_conn.ptnr1_label_comp_id           THR 
_struct_conn.ptnr1_label_seq_id            50 
_struct_conn.ptnr1_label_atom_id           O 
_struct_conn.pdbx_ptnr1_label_alt_id       ? 
_struct_conn.pdbx_ptnr1_PDB_ins_code       ? 
_struct_conn.pdbx_ptnr1_standard_comp_id   ? 
_struct_conn.ptnr1_symmetry                1_555 
_struct_conn.ptnr2_label_asym_id           B 
_struct_conn.ptnr2_label_comp_id           EMC 
_struct_conn.ptnr2_label_seq_id            . 
_struct_conn.ptnr2_label_atom_id           HG 
_struct_conn.pdbx_ptnr2_label_alt_id       ? 
_struct_conn.pdbx_ptnr2_PDB_ins_code       ? 
_struct_conn.ptnr1_auth_asym_id            A 
_struct_conn.ptnr1_auth_comp_id            THR 
_struct_conn.ptnr1_auth_seq_id             50 
_struct_conn.ptnr2_auth_asym_id            A 
_struct_conn.ptnr2_auth_comp_id            EMC 
_struct_conn.ptnr2_auth_seq_id             1002 
_struct_conn.ptnr2_symmetry                1_555 
_struct_conn.pdbx_ptnr3_label_atom_id      ? 
_struct_conn.pdbx_ptnr3_label_seq_id       ? 
_struct_conn.pdbx_ptnr3_label_comp_id      ? 
_struct_conn.pdbx_ptnr3_label_asym_id      ? 
_struct_conn.pdbx_ptnr3_label_alt_id       ? 
_struct_conn.pdbx_ptnr3_PDB_ins_code       ? 
_struct_conn.details                       ? 
_struct_conn.pdbx_dist_value               2.698 
_struct_conn.pdbx_value_order              ? 
_struct_conn.pdbx_role                     ? 
# 
_struct_conn_type.id          metalc 
_struct_conn_type.criteria    ? 
_struct_conn_type.reference   ? 
# 
_pdbx_struct_conn_angle.id                    1 
_pdbx_struct_conn_angle.ptnr1_label_atom_id   O 
_pdbx_struct_conn_angle.ptnr1_label_alt_id    ? 
_pdbx_struct_conn_angle.ptnr1_label_asym_id   A 
_pdbx_struct_conn_angle.ptnr1_label_comp_id   THR 
_pdbx_struct_conn_angle.ptnr1_label_seq_id    50 
_pdbx_struct_conn_angle.ptnr1_auth_atom_id    ? 
_pdbx_struct_conn_angle.ptnr1_auth_asym_id    A 
_pdbx_struct_conn_angle.ptnr1_auth_comp_id    THR 
_pdbx_struct_conn_angle.ptnr1_auth_seq_id     50 
_pdbx_struct_conn_angle.ptnr1_PDB_ins_code    ? 
_pdbx_struct_conn_angle.ptnr1_symmetry        1_555 
_pdbx_struct_conn_angle.ptnr2_label_atom_id   HG 
_pdbx_struct_conn_angle.ptnr2_label_alt_id    ? 
_pdbx_struct_conn_angle.ptnr2_label_asym_id   B 
_pdbx_struct_conn_angle.ptnr2_label_comp_id   EMC 
_pdbx_struct_conn_angle.ptnr2_label_seq_id    . 
_pdbx_struct_conn_angle.ptnr2_auth_atom_id    ? 
_pdbx_struct_conn_angle.ptnr2_auth_asym_id    A 
_pdbx_struct_conn_angle.ptnr2_auth_comp_id    EMC 
_pdbx_struct_conn_angle.ptnr2_auth_seq_id     1002 
_pdbx_struct_conn_angle.ptnr2_PDB_ins_code    ? 
_pdbx_struct_conn_angle.ptnr2_symmetry        1_555 
_pdbx_struct_conn_angle.ptnr3_label_atom_id   C1 
_pdbx_struct_conn_angle.ptnr3_label_alt_id    ? 
_pdbx_struct_conn_angle.ptnr3_label_asym_id   B 
_pdbx_struct_conn_angle.ptnr3_label_comp_id   EMC 
_pdbx_struct_conn_angle.ptnr3_label_seq_id    . 
_pdbx_struct_conn_angle.ptnr3_auth_atom_id    ? 
_pdbx_struct_conn_angle.ptnr3_auth_asym_id    A 
_pdbx_struct_conn_angle.ptnr3_auth_comp_id    EMC 
_pdbx_struct_conn_angle.ptnr3_auth_seq_id     1002 
_pdbx_struct_conn_angle.ptnr3_PDB_ins_code    ? 
_pdbx_struct_conn_angle.ptnr3_symmetry        1_555 
_pdbx_struct_conn_angle.value                 99.3 
_pdbx_struct_conn_angle.value_esd             ? 
# 
loop_
_struct_site.id 
_struct_site.pdbx_evidence_code 
_struct_site.pdbx_auth_asym_id 
_struct_site.pdbx_auth_comp_id 
_struct_site.pdbx_auth_seq_id 
_struct_site.pdbx_auth_ins_code 
_struct_site.pdbx_num_residues 
_struct_site.details 
AC1 Software A EMC 1002 ? 7 'BINDING SITE FOR RESIDUE EMC A 1002' 
AC2 Software A CA  1001 ? 4 'BINDING SITE FOR RESIDUE CA A 1001'  
# 
loop_
_struct_site_gen.id 
_struct_site_gen.site_id 
_struct_site_gen.pdbx_num_res 
_struct_site_gen.label_comp_id 
_struct_site_gen.label_asym_id 
_struct_site_gen.label_seq_id 
_struct_site_gen.pdbx_auth_ins_code 
_struct_site_gen.auth_comp_id 
_struct_site_gen.auth_asym_id 
_struct_site_gen.auth_seq_id 
_struct_site_gen.label_atom_id 
_struct_site_gen.label_alt_id 
_struct_site_gen.symmetry 
_struct_site_gen.details 
1  AC1 7 MET A 49 ? MET A 49   . ? 3_545 ? 
2  AC1 7 THR A 50 ? THR A 50   . ? 1_555 ? 
3  AC1 7 VAL A 53 ? VAL A 53   . ? 1_555 ? 
4  AC1 7 VAL A 53 ? VAL A 53   . ? 3_545 ? 
5  AC1 7 CYS A 54 ? CYS A 54   . ? 1_555 ? 
6  AC1 7 HOH D .  ? HOH A 1045 . ? 4_555 ? 
7  AC1 7 HOH D .  ? HOH A 1045 . ? 1_555 ? 
8  AC2 4 ASN A 71 ? ASN A 71   . ? 2_655 ? 
9  AC2 4 ASN A 71 ? ASN A 71   . ? 4_555 ? 
10 AC2 4 ASN A 71 ? ASN A 71   . ? 3_545 ? 
11 AC2 4 ASN A 71 ? ASN A 71   . ? 1_555 ? 
# 
loop_
_pdbx_validate_symm_contact.id 
_pdbx_validate_symm_contact.PDB_model_num 
_pdbx_validate_symm_contact.auth_atom_id_1 
_pdbx_validate_symm_contact.auth_asym_id_1 
_pdbx_validate_symm_contact.auth_comp_id_1 
_pdbx_validate_symm_contact.auth_seq_id_1 
_pdbx_validate_symm_contact.PDB_ins_code_1 
_pdbx_validate_symm_contact.label_alt_id_1 
_pdbx_validate_symm_contact.site_symmetry_1 
_pdbx_validate_symm_contact.auth_atom_id_2 
_pdbx_validate_symm_contact.auth_asym_id_2 
_pdbx_validate_symm_contact.auth_comp_id_2 
_pdbx_validate_symm_contact.auth_seq_id_2 
_pdbx_validate_symm_contact.PDB_ins_code_2 
_pdbx_validate_symm_contact.label_alt_id_2 
_pdbx_validate_symm_contact.site_symmetry_2 
_pdbx_validate_symm_contact.dist 
1 1 O A HOH 1059 ? ? 1_555 O A HOH 1059 ? ? 4_555 2.07 
2 1 O A HOH 1139 ? ? 1_555 O A HOH 1139 ? ? 8_555 2.11 
# 
loop_
_pdbx_validate_torsion.id 
_pdbx_validate_torsion.PDB_model_num 
_pdbx_validate_torsion.auth_comp_id 
_pdbx_validate_torsion.auth_asym_id 
_pdbx_validate_torsion.auth_seq_id 
_pdbx_validate_torsion.PDB_ins_code 
_pdbx_validate_torsion.label_alt_id 
_pdbx_validate_torsion.phi 
_pdbx_validate_torsion.psi 
1 1 PHE A 26  ? ? -61.57 -73.26 
2 1 SER A 28  ? ? 79.79  -65.62 
3 1 SER A 29  ? ? -29.72 139.14 
4 1 THR A 114 ? ? 98.85  52.00  
# 
loop_
_pdbx_struct_special_symmetry.id 
_pdbx_struct_special_symmetry.PDB_model_num 
_pdbx_struct_special_symmetry.auth_asym_id 
_pdbx_struct_special_symmetry.auth_comp_id 
_pdbx_struct_special_symmetry.auth_seq_id 
_pdbx_struct_special_symmetry.PDB_ins_code 
_pdbx_struct_special_symmetry.label_asym_id 
_pdbx_struct_special_symmetry.label_comp_id 
_pdbx_struct_special_symmetry.label_seq_id 
1  1 A CA  1001 ? C CA  . 
2  1 A HOH 1049 ? D HOH . 
3  1 A HOH 1060 ? D HOH . 
4  1 A HOH 1067 ? D HOH . 
5  1 A HOH 1069 ? D HOH . 
6  1 A HOH 1072 ? D HOH . 
7  1 A HOH 1073 ? D HOH . 
8  1 A HOH 1074 ? D HOH . 
9  1 A HOH 1075 ? D HOH . 
10 1 A HOH 1092 ? D HOH . 
11 1 A HOH 1123 ? D HOH . 
12 1 A HOH 1129 ? D HOH . 
13 1 A HOH 1133 ? D HOH . 
14 1 A HOH 1138 ? D HOH . 
# 
_pdbx_unobs_or_zero_occ_residues.id               1 
_pdbx_unobs_or_zero_occ_residues.PDB_model_num    1 
_pdbx_unobs_or_zero_occ_residues.polymer_flag     Y 
_pdbx_unobs_or_zero_occ_residues.occupancy_flag   1 
_pdbx_unobs_or_zero_occ_residues.auth_asym_id     A 
_pdbx_unobs_or_zero_occ_residues.auth_comp_id     MET 
_pdbx_unobs_or_zero_occ_residues.auth_seq_id      1 
_pdbx_unobs_or_zero_occ_residues.PDB_ins_code     ? 
_pdbx_unobs_or_zero_occ_residues.label_asym_id    A 
_pdbx_unobs_or_zero_occ_residues.label_comp_id    MET 
_pdbx_unobs_or_zero_occ_residues.label_seq_id     1 
# 
loop_
_chem_comp_atom.comp_id 
_chem_comp_atom.atom_id 
_chem_comp_atom.type_symbol 
_chem_comp_atom.pdbx_aromatic_flag 
_chem_comp_atom.pdbx_stereo_config 
_chem_comp_atom.pdbx_ordinal 
ALA N    N  N N 1   
ALA CA   C  N S 2   
ALA C    C  N N 3   
ALA O    O  N N 4   
ALA CB   C  N N 5   
ALA OXT  O  N N 6   
ALA H    H  N N 7   
ALA H2   H  N N 8   
ALA HA   H  N N 9   
ALA HB1  H  N N 10  
ALA HB2  H  N N 11  
ALA HB3  H  N N 12  
ALA HXT  H  N N 13  
ARG N    N  N N 14  
ARG CA   C  N S 15  
ARG C    C  N N 16  
ARG O    O  N N 17  
ARG CB   C  N N 18  
ARG CG   C  N N 19  
ARG CD   C  N N 20  
ARG NE   N  N N 21  
ARG CZ   C  N N 22  
ARG NH1  N  N N 23  
ARG NH2  N  N N 24  
ARG OXT  O  N N 25  
ARG H    H  N N 26  
ARG H2   H  N N 27  
ARG HA   H  N N 28  
ARG HB2  H  N N 29  
ARG HB3  H  N N 30  
ARG HG2  H  N N 31  
ARG HG3  H  N N 32  
ARG HD2  H  N N 33  
ARG HD3  H  N N 34  
ARG HE   H  N N 35  
ARG HH11 H  N N 36  
ARG HH12 H  N N 37  
ARG HH21 H  N N 38  
ARG HH22 H  N N 39  
ARG HXT  H  N N 40  
ASN N    N  N N 41  
ASN CA   C  N S 42  
ASN C    C  N N 43  
ASN O    O  N N 44  
ASN CB   C  N N 45  
ASN CG   C  N N 46  
ASN OD1  O  N N 47  
ASN ND2  N  N N 48  
ASN OXT  O  N N 49  
ASN H    H  N N 50  
ASN H2   H  N N 51  
ASN HA   H  N N 52  
ASN HB2  H  N N 53  
ASN HB3  H  N N 54  
ASN HD21 H  N N 55  
ASN HD22 H  N N 56  
ASN HXT  H  N N 57  
ASP N    N  N N 58  
ASP CA   C  N S 59  
ASP C    C  N N 60  
ASP O    O  N N 61  
ASP CB   C  N N 62  
ASP CG   C  N N 63  
ASP OD1  O  N N 64  
ASP OD2  O  N N 65  
ASP OXT  O  N N 66  
ASP H    H  N N 67  
ASP H2   H  N N 68  
ASP HA   H  N N 69  
ASP HB2  H  N N 70  
ASP HB3  H  N N 71  
ASP HD2  H  N N 72  
ASP HXT  H  N N 73  
CA  CA   CA N N 74  
CYS N    N  N N 75  
CYS CA   C  N R 76  
CYS C    C  N N 77  
CYS O    O  N N 78  
CYS CB   C  N N 79  
CYS SG   S  N N 80  
CYS OXT  O  N N 81  
CYS H    H  N N 82  
CYS H2   H  N N 83  
CYS HA   H  N N 84  
CYS HB2  H  N N 85  
CYS HB3  H  N N 86  
CYS HG   H  N N 87  
CYS HXT  H  N N 88  
EMC HG   HG N N 89  
EMC C1   C  N N 90  
EMC C2   C  N N 91  
EMC H11  H  N N 92  
EMC H12  H  N N 93  
EMC H21  H  N N 94  
EMC H22  H  N N 95  
EMC H23  H  N N 96  
GLN N    N  N N 97  
GLN CA   C  N S 98  
GLN C    C  N N 99  
GLN O    O  N N 100 
GLN CB   C  N N 101 
GLN CG   C  N N 102 
GLN CD   C  N N 103 
GLN OE1  O  N N 104 
GLN NE2  N  N N 105 
GLN OXT  O  N N 106 
GLN H    H  N N 107 
GLN H2   H  N N 108 
GLN HA   H  N N 109 
GLN HB2  H  N N 110 
GLN HB3  H  N N 111 
GLN HG2  H  N N 112 
GLN HG3  H  N N 113 
GLN HE21 H  N N 114 
GLN HE22 H  N N 115 
GLN HXT  H  N N 116 
GLU N    N  N N 117 
GLU CA   C  N S 118 
GLU C    C  N N 119 
GLU O    O  N N 120 
GLU CB   C  N N 121 
GLU CG   C  N N 122 
GLU CD   C  N N 123 
GLU OE1  O  N N 124 
GLU OE2  O  N N 125 
GLU OXT  O  N N 126 
GLU H    H  N N 127 
GLU H2   H  N N 128 
GLU HA   H  N N 129 
GLU HB2  H  N N 130 
GLU HB3  H  N N 131 
GLU HG2  H  N N 132 
GLU HG3  H  N N 133 
GLU HE2  H  N N 134 
GLU HXT  H  N N 135 
GLY N    N  N N 136 
GLY CA   C  N N 137 
GLY C    C  N N 138 
GLY O    O  N N 139 
GLY OXT  O  N N 140 
GLY H    H  N N 141 
GLY H2   H  N N 142 
GLY HA2  H  N N 143 
GLY HA3  H  N N 144 
GLY HXT  H  N N 145 
HIS N    N  N N 146 
HIS CA   C  N S 147 
HIS C    C  N N 148 
HIS O    O  N N 149 
HIS CB   C  N N 150 
HIS CG   C  Y N 151 
HIS ND1  N  Y N 152 
HIS CD2  C  Y N 153 
HIS CE1  C  Y N 154 
HIS NE2  N  Y N 155 
HIS OXT  O  N N 156 
HIS H    H  N N 157 
HIS H2   H  N N 158 
HIS HA   H  N N 159 
HIS HB2  H  N N 160 
HIS HB3  H  N N 161 
HIS HD1  H  N N 162 
HIS HD2  H  N N 163 
HIS HE1  H  N N 164 
HIS HE2  H  N N 165 
HIS HXT  H  N N 166 
HOH O    O  N N 167 
HOH H1   H  N N 168 
HOH H2   H  N N 169 
ILE N    N  N N 170 
ILE CA   C  N S 171 
ILE C    C  N N 172 
ILE O    O  N N 173 
ILE CB   C  N S 174 
ILE CG1  C  N N 175 
ILE CG2  C  N N 176 
ILE CD1  C  N N 177 
ILE OXT  O  N N 178 
ILE H    H  N N 179 
ILE H2   H  N N 180 
ILE HA   H  N N 181 
ILE HB   H  N N 182 
ILE HG12 H  N N 183 
ILE HG13 H  N N 184 
ILE HG21 H  N N 185 
ILE HG22 H  N N 186 
ILE HG23 H  N N 187 
ILE HD11 H  N N 188 
ILE HD12 H  N N 189 
ILE HD13 H  N N 190 
ILE HXT  H  N N 191 
LEU N    N  N N 192 
LEU CA   C  N S 193 
LEU C    C  N N 194 
LEU O    O  N N 195 
LEU CB   C  N N 196 
LEU CG   C  N N 197 
LEU CD1  C  N N 198 
LEU CD2  C  N N 199 
LEU OXT  O  N N 200 
LEU H    H  N N 201 
LEU H2   H  N N 202 
LEU HA   H  N N 203 
LEU HB2  H  N N 204 
LEU HB3  H  N N 205 
LEU HG   H  N N 206 
LEU HD11 H  N N 207 
LEU HD12 H  N N 208 
LEU HD13 H  N N 209 
LEU HD21 H  N N 210 
LEU HD22 H  N N 211 
LEU HD23 H  N N 212 
LEU HXT  H  N N 213 
LYS N    N  N N 214 
LYS CA   C  N S 215 
LYS C    C  N N 216 
LYS O    O  N N 217 
LYS CB   C  N N 218 
LYS CG   C  N N 219 
LYS CD   C  N N 220 
LYS CE   C  N N 221 
LYS NZ   N  N N 222 
LYS OXT  O  N N 223 
LYS H    H  N N 224 
LYS H2   H  N N 225 
LYS HA   H  N N 226 
LYS HB2  H  N N 227 
LYS HB3  H  N N 228 
LYS HG2  H  N N 229 
LYS HG3  H  N N 230 
LYS HD2  H  N N 231 
LYS HD3  H  N N 232 
LYS HE2  H  N N 233 
LYS HE3  H  N N 234 
LYS HZ1  H  N N 235 
LYS HZ2  H  N N 236 
LYS HZ3  H  N N 237 
LYS HXT  H  N N 238 
MET N    N  N N 239 
MET CA   C  N S 240 
MET C    C  N N 241 
MET O    O  N N 242 
MET CB   C  N N 243 
MET CG   C  N N 244 
MET SD   S  N N 245 
MET CE   C  N N 246 
MET OXT  O  N N 247 
MET H    H  N N 248 
MET H2   H  N N 249 
MET HA   H  N N 250 
MET HB2  H  N N 251 
MET HB3  H  N N 252 
MET HG2  H  N N 253 
MET HG3  H  N N 254 
MET HE1  H  N N 255 
MET HE2  H  N N 256 
MET HE3  H  N N 257 
MET HXT  H  N N 258 
PHE N    N  N N 259 
PHE CA   C  N S 260 
PHE C    C  N N 261 
PHE O    O  N N 262 
PHE CB   C  N N 263 
PHE CG   C  Y N 264 
PHE CD1  C  Y N 265 
PHE CD2  C  Y N 266 
PHE CE1  C  Y N 267 
PHE CE2  C  Y N 268 
PHE CZ   C  Y N 269 
PHE OXT  O  N N 270 
PHE H    H  N N 271 
PHE H2   H  N N 272 
PHE HA   H  N N 273 
PHE HB2  H  N N 274 
PHE HB3  H  N N 275 
PHE HD1  H  N N 276 
PHE HD2  H  N N 277 
PHE HE1  H  N N 278 
PHE HE2  H  N N 279 
PHE HZ   H  N N 280 
PHE HXT  H  N N 281 
SER N    N  N N 282 
SER CA   C  N S 283 
SER C    C  N N 284 
SER O    O  N N 285 
SER CB   C  N N 286 
SER OG   O  N N 287 
SER OXT  O  N N 288 
SER H    H  N N 289 
SER H2   H  N N 290 
SER HA   H  N N 291 
SER HB2  H  N N 292 
SER HB3  H  N N 293 
SER HG   H  N N 294 
SER HXT  H  N N 295 
THR N    N  N N 296 
THR CA   C  N S 297 
THR C    C  N N 298 
THR O    O  N N 299 
THR CB   C  N R 300 
THR OG1  O  N N 301 
THR CG2  C  N N 302 
THR OXT  O  N N 303 
THR H    H  N N 304 
THR H2   H  N N 305 
THR HA   H  N N 306 
THR HB   H  N N 307 
THR HG1  H  N N 308 
THR HG21 H  N N 309 
THR HG22 H  N N 310 
THR HG23 H  N N 311 
THR HXT  H  N N 312 
TYR N    N  N N 313 
TYR CA   C  N S 314 
TYR C    C  N N 315 
TYR O    O  N N 316 
TYR CB   C  N N 317 
TYR CG   C  Y N 318 
TYR CD1  C  Y N 319 
TYR CD2  C  Y N 320 
TYR CE1  C  Y N 321 
TYR CE2  C  Y N 322 
TYR CZ   C  Y N 323 
TYR OH   O  N N 324 
TYR OXT  O  N N 325 
TYR H    H  N N 326 
TYR H2   H  N N 327 
TYR HA   H  N N 328 
TYR HB2  H  N N 329 
TYR HB3  H  N N 330 
TYR HD1  H  N N 331 
TYR HD2  H  N N 332 
TYR HE1  H  N N 333 
TYR HE2  H  N N 334 
TYR HH   H  N N 335 
TYR HXT  H  N N 336 
VAL N    N  N N 337 
VAL CA   C  N S 338 
VAL C    C  N N 339 
VAL O    O  N N 340 
VAL CB   C  N N 341 
VAL CG1  C  N N 342 
VAL CG2  C  N N 343 
VAL OXT  O  N N 344 
VAL H    H  N N 345 
VAL H2   H  N N 346 
VAL HA   H  N N 347 
VAL HB   H  N N 348 
VAL HG11 H  N N 349 
VAL HG12 H  N N 350 
VAL HG13 H  N N 351 
VAL HG21 H  N N 352 
VAL HG22 H  N N 353 
VAL HG23 H  N N 354 
VAL HXT  H  N N 355 
# 
loop_
_chem_comp_bond.comp_id 
_chem_comp_bond.atom_id_1 
_chem_comp_bond.atom_id_2 
_chem_comp_bond.value_order 
_chem_comp_bond.pdbx_aromatic_flag 
_chem_comp_bond.pdbx_stereo_config 
_chem_comp_bond.pdbx_ordinal 
ALA N   CA   sing N N 1   
ALA N   H    sing N N 2   
ALA N   H2   sing N N 3   
ALA CA  C    sing N N 4   
ALA CA  CB   sing N N 5   
ALA CA  HA   sing N N 6   
ALA C   O    doub N N 7   
ALA C   OXT  sing N N 8   
ALA CB  HB1  sing N N 9   
ALA CB  HB2  sing N N 10  
ALA CB  HB3  sing N N 11  
ALA OXT HXT  sing N N 12  
ARG N   CA   sing N N 13  
ARG N   H    sing N N 14  
ARG N   H2   sing N N 15  
ARG CA  C    sing N N 16  
ARG CA  CB   sing N N 17  
ARG CA  HA   sing N N 18  
ARG C   O    doub N N 19  
ARG C   OXT  sing N N 20  
ARG CB  CG   sing N N 21  
ARG CB  HB2  sing N N 22  
ARG CB  HB3  sing N N 23  
ARG CG  CD   sing N N 24  
ARG CG  HG2  sing N N 25  
ARG CG  HG3  sing N N 26  
ARG CD  NE   sing N N 27  
ARG CD  HD2  sing N N 28  
ARG CD  HD3  sing N N 29  
ARG NE  CZ   sing N N 30  
ARG NE  HE   sing N N 31  
ARG CZ  NH1  sing N N 32  
ARG CZ  NH2  doub N N 33  
ARG NH1 HH11 sing N N 34  
ARG NH1 HH12 sing N N 35  
ARG NH2 HH21 sing N N 36  
ARG NH2 HH22 sing N N 37  
ARG OXT HXT  sing N N 38  
ASN N   CA   sing N N 39  
ASN N   H    sing N N 40  
ASN N   H2   sing N N 41  
ASN CA  C    sing N N 42  
ASN CA  CB   sing N N 43  
ASN CA  HA   sing N N 44  
ASN C   O    doub N N 45  
ASN C   OXT  sing N N 46  
ASN CB  CG   sing N N 47  
ASN CB  HB2  sing N N 48  
ASN CB  HB3  sing N N 49  
ASN CG  OD1  doub N N 50  
ASN CG  ND2  sing N N 51  
ASN ND2 HD21 sing N N 52  
ASN ND2 HD22 sing N N 53  
ASN OXT HXT  sing N N 54  
ASP N   CA   sing N N 55  
ASP N   H    sing N N 56  
ASP N   H2   sing N N 57  
ASP CA  C    sing N N 58  
ASP CA  CB   sing N N 59  
ASP CA  HA   sing N N 60  
ASP C   O    doub N N 61  
ASP C   OXT  sing N N 62  
ASP CB  CG   sing N N 63  
ASP CB  HB2  sing N N 64  
ASP CB  HB3  sing N N 65  
ASP CG  OD1  doub N N 66  
ASP CG  OD2  sing N N 67  
ASP OD2 HD2  sing N N 68  
ASP OXT HXT  sing N N 69  
CYS N   CA   sing N N 70  
CYS N   H    sing N N 71  
CYS N   H2   sing N N 72  
CYS CA  C    sing N N 73  
CYS CA  CB   sing N N 74  
CYS CA  HA   sing N N 75  
CYS C   O    doub N N 76  
CYS C   OXT  sing N N 77  
CYS CB  SG   sing N N 78  
CYS CB  HB2  sing N N 79  
CYS CB  HB3  sing N N 80  
CYS SG  HG   sing N N 81  
CYS OXT HXT  sing N N 82  
EMC HG  C1   sing N N 83  
EMC C1  C2   sing N N 84  
EMC C1  H11  sing N N 85  
EMC C1  H12  sing N N 86  
EMC C2  H21  sing N N 87  
EMC C2  H22  sing N N 88  
EMC C2  H23  sing N N 89  
GLN N   CA   sing N N 90  
GLN N   H    sing N N 91  
GLN N   H2   sing N N 92  
GLN CA  C    sing N N 93  
GLN CA  CB   sing N N 94  
GLN CA  HA   sing N N 95  
GLN C   O    doub N N 96  
GLN C   OXT  sing N N 97  
GLN CB  CG   sing N N 98  
GLN CB  HB2  sing N N 99  
GLN CB  HB3  sing N N 100 
GLN CG  CD   sing N N 101 
GLN CG  HG2  sing N N 102 
GLN CG  HG3  sing N N 103 
GLN CD  OE1  doub N N 104 
GLN CD  NE2  sing N N 105 
GLN NE2 HE21 sing N N 106 
GLN NE2 HE22 sing N N 107 
GLN OXT HXT  sing N N 108 
GLU N   CA   sing N N 109 
GLU N   H    sing N N 110 
GLU N   H2   sing N N 111 
GLU CA  C    sing N N 112 
GLU CA  CB   sing N N 113 
GLU CA  HA   sing N N 114 
GLU C   O    doub N N 115 
GLU C   OXT  sing N N 116 
GLU CB  CG   sing N N 117 
GLU CB  HB2  sing N N 118 
GLU CB  HB3  sing N N 119 
GLU CG  CD   sing N N 120 
GLU CG  HG2  sing N N 121 
GLU CG  HG3  sing N N 122 
GLU CD  OE1  doub N N 123 
GLU CD  OE2  sing N N 124 
GLU OE2 HE2  sing N N 125 
GLU OXT HXT  sing N N 126 
GLY N   CA   sing N N 127 
GLY N   H    sing N N 128 
GLY N   H2   sing N N 129 
GLY CA  C    sing N N 130 
GLY CA  HA2  sing N N 131 
GLY CA  HA3  sing N N 132 
GLY C   O    doub N N 133 
GLY C   OXT  sing N N 134 
GLY OXT HXT  sing N N 135 
HIS N   CA   sing N N 136 
HIS N   H    sing N N 137 
HIS N   H2   sing N N 138 
HIS CA  C    sing N N 139 
HIS CA  CB   sing N N 140 
HIS CA  HA   sing N N 141 
HIS C   O    doub N N 142 
HIS C   OXT  sing N N 143 
HIS CB  CG   sing N N 144 
HIS CB  HB2  sing N N 145 
HIS CB  HB3  sing N N 146 
HIS CG  ND1  sing Y N 147 
HIS CG  CD2  doub Y N 148 
HIS ND1 CE1  doub Y N 149 
HIS ND1 HD1  sing N N 150 
HIS CD2 NE2  sing Y N 151 
HIS CD2 HD2  sing N N 152 
HIS CE1 NE2  sing Y N 153 
HIS CE1 HE1  sing N N 154 
HIS NE2 HE2  sing N N 155 
HIS OXT HXT  sing N N 156 
HOH O   H1   sing N N 157 
HOH O   H2   sing N N 158 
ILE N   CA   sing N N 159 
ILE N   H    sing N N 160 
ILE N   H2   sing N N 161 
ILE CA  C    sing N N 162 
ILE CA  CB   sing N N 163 
ILE CA  HA   sing N N 164 
ILE C   O    doub N N 165 
ILE C   OXT  sing N N 166 
ILE CB  CG1  sing N N 167 
ILE CB  CG2  sing N N 168 
ILE CB  HB   sing N N 169 
ILE CG1 CD1  sing N N 170 
ILE CG1 HG12 sing N N 171 
ILE CG1 HG13 sing N N 172 
ILE CG2 HG21 sing N N 173 
ILE CG2 HG22 sing N N 174 
ILE CG2 HG23 sing N N 175 
ILE CD1 HD11 sing N N 176 
ILE CD1 HD12 sing N N 177 
ILE CD1 HD13 sing N N 178 
ILE OXT HXT  sing N N 179 
LEU N   CA   sing N N 180 
LEU N   H    sing N N 181 
LEU N   H2   sing N N 182 
LEU CA  C    sing N N 183 
LEU CA  CB   sing N N 184 
LEU CA  HA   sing N N 185 
LEU C   O    doub N N 186 
LEU C   OXT  sing N N 187 
LEU CB  CG   sing N N 188 
LEU CB  HB2  sing N N 189 
LEU CB  HB3  sing N N 190 
LEU CG  CD1  sing N N 191 
LEU CG  CD2  sing N N 192 
LEU CG  HG   sing N N 193 
LEU CD1 HD11 sing N N 194 
LEU CD1 HD12 sing N N 195 
LEU CD1 HD13 sing N N 196 
LEU CD2 HD21 sing N N 197 
LEU CD2 HD22 sing N N 198 
LEU CD2 HD23 sing N N 199 
LEU OXT HXT  sing N N 200 
LYS N   CA   sing N N 201 
LYS N   H    sing N N 202 
LYS N   H2   sing N N 203 
LYS CA  C    sing N N 204 
LYS CA  CB   sing N N 205 
LYS CA  HA   sing N N 206 
LYS C   O    doub N N 207 
LYS C   OXT  sing N N 208 
LYS CB  CG   sing N N 209 
LYS CB  HB2  sing N N 210 
LYS CB  HB3  sing N N 211 
LYS CG  CD   sing N N 212 
LYS CG  HG2  sing N N 213 
LYS CG  HG3  sing N N 214 
LYS CD  CE   sing N N 215 
LYS CD  HD2  sing N N 216 
LYS CD  HD3  sing N N 217 
LYS CE  NZ   sing N N 218 
LYS CE  HE2  sing N N 219 
LYS CE  HE3  sing N N 220 
LYS NZ  HZ1  sing N N 221 
LYS NZ  HZ2  sing N N 222 
LYS NZ  HZ3  sing N N 223 
LYS OXT HXT  sing N N 224 
MET N   CA   sing N N 225 
MET N   H    sing N N 226 
MET N   H2   sing N N 227 
MET CA  C    sing N N 228 
MET CA  CB   sing N N 229 
MET CA  HA   sing N N 230 
MET C   O    doub N N 231 
MET C   OXT  sing N N 232 
MET CB  CG   sing N N 233 
MET CB  HB2  sing N N 234 
MET CB  HB3  sing N N 235 
MET CG  SD   sing N N 236 
MET CG  HG2  sing N N 237 
MET CG  HG3  sing N N 238 
MET SD  CE   sing N N 239 
MET CE  HE1  sing N N 240 
MET CE  HE2  sing N N 241 
MET CE  HE3  sing N N 242 
MET OXT HXT  sing N N 243 
PHE N   CA   sing N N 244 
PHE N   H    sing N N 245 
PHE N   H2   sing N N 246 
PHE CA  C    sing N N 247 
PHE CA  CB   sing N N 248 
PHE CA  HA   sing N N 249 
PHE C   O    doub N N 250 
PHE C   OXT  sing N N 251 
PHE CB  CG   sing N N 252 
PHE CB  HB2  sing N N 253 
PHE CB  HB3  sing N N 254 
PHE CG  CD1  doub Y N 255 
PHE CG  CD2  sing Y N 256 
PHE CD1 CE1  sing Y N 257 
PHE CD1 HD1  sing N N 258 
PHE CD2 CE2  doub Y N 259 
PHE CD2 HD2  sing N N 260 
PHE CE1 CZ   doub Y N 261 
PHE CE1 HE1  sing N N 262 
PHE CE2 CZ   sing Y N 263 
PHE CE2 HE2  sing N N 264 
PHE CZ  HZ   sing N N 265 
PHE OXT HXT  sing N N 266 
SER N   CA   sing N N 267 
SER N   H    sing N N 268 
SER N   H2   sing N N 269 
SER CA  C    sing N N 270 
SER CA  CB   sing N N 271 
SER CA  HA   sing N N 272 
SER C   O    doub N N 273 
SER C   OXT  sing N N 274 
SER CB  OG   sing N N 275 
SER CB  HB2  sing N N 276 
SER CB  HB3  sing N N 277 
SER OG  HG   sing N N 278 
SER OXT HXT  sing N N 279 
THR N   CA   sing N N 280 
THR N   H    sing N N 281 
THR N   H2   sing N N 282 
THR CA  C    sing N N 283 
THR CA  CB   sing N N 284 
THR CA  HA   sing N N 285 
THR C   O    doub N N 286 
THR C   OXT  sing N N 287 
THR CB  OG1  sing N N 288 
THR CB  CG2  sing N N 289 
THR CB  HB   sing N N 290 
THR OG1 HG1  sing N N 291 
THR CG2 HG21 sing N N 292 
THR CG2 HG22 sing N N 293 
THR CG2 HG23 sing N N 294 
THR OXT HXT  sing N N 295 
TYR N   CA   sing N N 296 
TYR N   H    sing N N 297 
TYR N   H2   sing N N 298 
TYR CA  C    sing N N 299 
TYR CA  CB   sing N N 300 
TYR CA  HA   sing N N 301 
TYR C   O    doub N N 302 
TYR C   OXT  sing N N 303 
TYR CB  CG   sing N N 304 
TYR CB  HB2  sing N N 305 
TYR CB  HB3  sing N N 306 
TYR CG  CD1  doub Y N 307 
TYR CG  CD2  sing Y N 308 
TYR CD1 CE1  sing Y N 309 
TYR CD1 HD1  sing N N 310 
TYR CD2 CE2  doub Y N 311 
TYR CD2 HD2  sing N N 312 
TYR CE1 CZ   doub Y N 313 
TYR CE1 HE1  sing N N 314 
TYR CE2 CZ   sing Y N 315 
TYR CE2 HE2  sing N N 316 
TYR CZ  OH   sing N N 317 
TYR OH  HH   sing N N 318 
TYR OXT HXT  sing N N 319 
VAL N   CA   sing N N 320 
VAL N   H    sing N N 321 
VAL N   H2   sing N N 322 
VAL CA  C    sing N N 323 
VAL CA  CB   sing N N 324 
VAL CA  HA   sing N N 325 
VAL C   O    doub N N 326 
VAL C   OXT  sing N N 327 
VAL CB  CG1  sing N N 328 
VAL CB  CG2  sing N N 329 
VAL CB  HB   sing N N 330 
VAL CG1 HG11 sing N N 331 
VAL CG1 HG12 sing N N 332 
VAL CG1 HG13 sing N N 333 
VAL CG2 HG21 sing N N 334 
VAL CG2 HG22 sing N N 335 
VAL CG2 HG23 sing N N 336 
VAL OXT HXT  sing N N 337 
# 
_atom_sites.entry_id                    1EZJ 
_atom_sites.fract_transf_matrix[1][1]   0.01762333 
_atom_sites.fract_transf_matrix[1][2]   0.00727411 
_atom_sites.fract_transf_matrix[1][3]   0.00775664 
_atom_sites.fract_transf_matrix[2][1]   0.00577158 
_atom_sites.fract_transf_matrix[2][2]   0.00606479 
_atom_sites.fract_transf_matrix[2][3]   -0.01880338 
_atom_sites.fract_transf_matrix[3][1]   -0.00430296 
_atom_sites.fract_transf_matrix[3][2]   0.00880360 
_atom_sites.fract_transf_matrix[3][3]   0.00151925 
_atom_sites.fract_transf_vector[1]      0.627719 
_atom_sites.fract_transf_vector[2]      0.053726 
_atom_sites.fract_transf_vector[3]      0.473391 
# 
loop_
_atom_type.symbol 
C  
CA 
HG 
N  
O  
S  
# 
loop_
_atom_site.group_PDB 
_atom_site.id 
_atom_site.type_symbol 
_atom_site.label_atom_id 
_atom_site.label_alt_id 
_atom_site.label_comp_id 
_atom_site.label_asym_id 
_atom_site.label_entity_id 
_atom_site.label_seq_id 
_atom_site.pdbx_PDB_ins_code 
_atom_site.Cartn_x 
_atom_site.Cartn_y 
_atom_site.Cartn_z 
_atom_site.occupancy 
_atom_site.B_iso_or_equiv 
_atom_site.pdbx_formal_charge 
_atom_site.auth_seq_id 
_atom_site.auth_comp_id 
_atom_site.auth_asym_id 
_atom_site.auth_atom_id 
_atom_site.pdbx_PDB_model_num 
ATOM   1    N  N   . GLU A 1 2   ? -3.593  33.976  9.929   1.00 75.40 ? 2    GLU A N   1 
ATOM   2    C  CA  . GLU A 1 2   ? -4.522  35.015  10.455  1.00 74.44 ? 2    GLU A CA  1 
ATOM   3    C  C   . GLU A 1 2   ? -4.679  34.855  11.967  1.00 73.99 ? 2    GLU A C   1 
ATOM   4    O  O   . GLU A 1 2   ? -4.599  35.836  12.709  1.00 74.83 ? 2    GLU A O   1 
ATOM   5    C  CB  . GLU A 1 2   ? -5.881  34.898  9.761   1.00 76.58 ? 2    GLU A CB  1 
ATOM   6    C  CG  . GLU A 1 2   ? -6.856  36.032  10.051  1.00 77.61 ? 2    GLU A CG  1 
ATOM   7    C  CD  . GLU A 1 2   ? -6.373  37.385  9.554   1.00 80.00 ? 2    GLU A CD  1 
ATOM   8    O  OE1 . GLU A 1 2   ? -6.051  37.504  8.352   1.00 80.00 ? 2    GLU A OE1 1 
ATOM   9    O  OE2 . GLU A 1 2   ? -6.323  38.333  10.367  1.00 80.00 ? 2    GLU A OE2 1 
ATOM   10   N  N   . ASN A 1 3   ? -4.897  33.621  12.421  1.00 71.26 ? 3    ASN A N   1 
ATOM   11   C  CA  . ASN A 1 3   ? -5.039  33.355  13.851  1.00 67.03 ? 3    ASN A CA  1 
ATOM   12   C  C   . ASN A 1 3   ? -4.459  31.993  14.241  1.00 62.81 ? 3    ASN A C   1 
ATOM   13   O  O   . ASN A 1 3   ? -4.911  30.948  13.772  1.00 65.40 ? 3    ASN A O   1 
ATOM   14   C  CB  . ASN A 1 3   ? -6.516  33.464  14.277  1.00 70.59 ? 3    ASN A CB  1 
ATOM   15   C  CG  . ASN A 1 3   ? -7.288  32.162  14.110  1.00 72.11 ? 3    ASN A CG  1 
ATOM   16   O  OD1 . ASN A 1 3   ? -7.464  31.658  12.999  1.00 70.16 ? 3    ASN A OD1 1 
ATOM   17   N  ND2 . ASN A 1 3   ? -7.761  31.616  15.227  1.00 71.93 ? 3    ASN A ND2 1 
ATOM   18   N  N   . THR A 1 4   ? -3.444  32.015  15.100  1.00 58.66 ? 4    THR A N   1 
ATOM   19   C  CA  . THR A 1 4   ? -2.791  30.790  15.548  1.00 53.64 ? 4    THR A CA  1 
ATOM   20   C  C   . THR A 1 4   ? -3.456  30.182  16.780  1.00 50.71 ? 4    THR A C   1 
ATOM   21   O  O   . THR A 1 4   ? -3.017  29.150  17.277  1.00 53.49 ? 4    THR A O   1 
ATOM   22   C  CB  . THR A 1 4   ? -1.294  31.031  15.870  1.00 55.79 ? 4    THR A CB  1 
ATOM   23   O  OG1 . THR A 1 4   ? -0.666  29.785  16.193  1.00 58.63 ? 4    THR A OG1 1 
ATOM   24   C  CG2 . THR A 1 4   ? -1.142  31.978  17.054  1.00 56.20 ? 4    THR A CG2 1 
ATOM   25   N  N   . SER A 1 5   ? -4.510  30.819  17.276  1.00 46.87 ? 5    SER A N   1 
ATOM   26   C  CA  . SER A 1 5   ? -5.200  30.303  18.449  1.00 44.30 ? 5    SER A CA  1 
ATOM   27   C  C   . SER A 1 5   ? -5.831  28.949  18.146  1.00 43.83 ? 5    SER A C   1 
ATOM   28   O  O   . SER A 1 5   ? -5.510  27.951  18.791  1.00 33.91 ? 5    SER A O   1 
ATOM   29   C  CB  . SER A 1 5   ? -6.287  31.269  18.902  1.00 48.14 ? 5    SER A CB  1 
ATOM   30   O  OG  . SER A 1 5   ? -7.009  30.718  19.991  1.00 47.92 ? 5    SER A OG  1 
ATOM   31   N  N   . SER A 1 6   ? -6.730  28.928  17.160  1.00 41.00 ? 6    SER A N   1 
ATOM   32   C  CA  . SER A 1 6   ? -7.410  27.699  16.767  1.00 37.79 ? 6    SER A CA  1 
ATOM   33   C  C   . SER A 1 6   ? -6.435  26.656  16.231  1.00 34.45 ? 6    SER A C   1 
ATOM   34   O  O   . SER A 1 6   ? -6.612  25.457  16.466  1.00 32.13 ? 6    SER A O   1 
ATOM   35   C  CB  . SER A 1 6   ? -8.503  27.995  15.728  1.00 43.83 ? 6    SER A CB  1 
ATOM   36   O  OG  . SER A 1 6   ? -8.007  28.762  14.646  1.00 51.14 ? 6    SER A OG  1 
ATOM   37   N  N   . MET A 1 7   ? -5.406  27.099  15.513  1.00 33.93 ? 7    MET A N   1 
ATOM   38   C  CA  . MET A 1 7   ? -4.422  26.165  14.987  1.00 32.97 ? 7    MET A CA  1 
ATOM   39   C  C   . MET A 1 7   ? -3.814  25.437  16.177  1.00 38.97 ? 7    MET A C   1 
ATOM   40   O  O   . MET A 1 7   ? -3.579  24.222  16.130  1.00 37.87 ? 7    MET A O   1 
ATOM   41   C  CB  . MET A 1 7   ? -3.324  26.900  14.225  1.00 44.84 ? 7    MET A CB  1 
ATOM   42   C  CG  . MET A 1 7   ? -3.777  27.489  12.904  1.00 54.05 ? 7    MET A CG  1 
ATOM   43   S  SD  . MET A 1 7   ? -2.438  28.322  12.046  1.00 61.92 ? 7    MET A SD  1 
ATOM   44   C  CE  . MET A 1 7   ? -1.476  26.936  11.513  1.00 59.70 ? 7    MET A CE  1 
ATOM   45   N  N   . LYS A 1 8   ? -3.573  26.199  17.243  1.00 37.51 ? 8    LYS A N   1 
ATOM   46   C  CA  . LYS A 1 8   ? -3.002  25.679  18.480  1.00 35.94 ? 8    LYS A CA  1 
ATOM   47   C  C   . LYS A 1 8   ? -3.934  24.698  19.162  1.00 30.06 ? 8    LYS A C   1 
ATOM   48   O  O   . LYS A 1 8   ? -3.501  23.653  19.646  1.00 32.29 ? 8    LYS A O   1 
ATOM   49   C  CB  . LYS A 1 8   ? -2.701  26.816  19.462  1.00 38.88 ? 8    LYS A CB  1 
ATOM   50   C  CG  . LYS A 1 8   ? -1.423  27.570  19.184  1.00 43.68 ? 8    LYS A CG  1 
ATOM   51   C  CD  . LYS A 1 8   ? -1.146  28.564  20.303  1.00 45.35 ? 8    LYS A CD  1 
ATOM   52   C  CE  . LYS A 1 8   ? 0.149   29.321  20.061  1.00 51.03 ? 8    LYS A CE  1 
ATOM   53   N  NZ  . LYS A 1 8   ? 0.458   30.269  21.173  1.00 51.79 ? 8    LYS A NZ  1 
ATOM   54   N  N   . GLU A 1 9   ? -5.211  25.046  19.224  1.00 25.40 ? 9    GLU A N   1 
ATOM   55   C  CA  . GLU A 1 9   ? -6.189  24.173  19.852  1.00 31.86 ? 9    GLU A CA  1 
ATOM   56   C  C   . GLU A 1 9   ? -6.378  22.899  19.029  1.00 29.85 ? 9    GLU A C   1 
ATOM   57   O  O   . GLU A 1 9   ? -6.577  21.824  19.588  1.00 25.57 ? 9    GLU A O   1 
ATOM   58   C  CB  . GLU A 1 9   ? -7.517  24.909  20.014  1.00 30.37 ? 9    GLU A CB  1 
ATOM   59   C  CG  . GLU A 1 9   ? -8.682  24.024  20.415  1.00 41.28 ? 9    GLU A CG  1 
ATOM   60   C  CD  . GLU A 1 9   ? -9.952  24.816  20.692  1.00 50.06 ? 9    GLU A CD  1 
ATOM   61   O  OE1 . GLU A 1 9   ? -10.211 25.806  19.971  1.00 55.21 ? 9    GLU A OE1 1 
ATOM   62   O  OE2 . GLU A 1 9   ? -10.699 24.442  21.621  1.00 52.48 ? 9    GLU A OE2 1 
ATOM   63   N  N   . MET A 1 10  ? -6.307  23.017  17.703  1.00 30.16 ? 10   MET A N   1 
ATOM   64   C  CA  . MET A 1 10  ? -6.463  21.842  16.839  1.00 27.11 ? 10   MET A CA  1 
ATOM   65   C  C   . MET A 1 10  ? -5.309  20.885  17.066  1.00 25.37 ? 10   MET A C   1 
ATOM   66   O  O   . MET A 1 10  ? -5.520  19.699  17.292  1.00 26.01 ? 10   MET A O   1 
ATOM   67   C  CB  . MET A 1 10  ? -6.513  22.243  15.364  1.00 25.48 ? 10   MET A CB  1 
ATOM   68   C  CG  . MET A 1 10  ? -6.779  21.049  14.413  1.00 25.45 ? 10   MET A CG  1 
ATOM   69   S  SD  . MET A 1 10  ? -8.309  20.086  14.784  1.00 25.95 ? 10   MET A SD  1 
ATOM   70   C  CE  . MET A 1 10  ? -9.519  21.057  13.912  1.00 34.75 ? 10   MET A CE  1 
ATOM   71   N  N   . ALA A 1 11  ? -4.083  21.397  17.006  1.00 23.59 ? 11   ALA A N   1 
ATOM   72   C  CA  . ALA A 1 11  ? -2.907  20.563  17.227  1.00 27.83 ? 11   ALA A CA  1 
ATOM   73   C  C   . ALA A 1 11  ? -3.031  19.788  18.549  1.00 25.36 ? 11   ALA A C   1 
ATOM   74   O  O   . ALA A 1 11  ? -2.751  18.588  18.617  1.00 23.81 ? 11   ALA A O   1 
ATOM   75   C  CB  . ALA A 1 11  ? -1.636  21.429  17.234  1.00 24.48 ? 11   ALA A CB  1 
ATOM   76   N  N   . THR A 1 12  ? -3.441  20.480  19.604  1.00 26.61 ? 12   THR A N   1 
ATOM   77   C  CA  . THR A 1 12  ? -3.593  19.837  20.907  1.00 29.81 ? 12   THR A CA  1 
ATOM   78   C  C   . THR A 1 12  ? -4.665  18.755  20.864  1.00 26.26 ? 12   THR A C   1 
ATOM   79   O  O   . THR A 1 12  ? -4.443  17.623  21.297  1.00 23.57 ? 12   THR A O   1 
ATOM   80   C  CB  . THR A 1 12  ? -3.961  20.876  21.993  1.00 31.69 ? 12   THR A CB  1 
ATOM   81   O  OG1 . THR A 1 12  ? -2.825  21.707  22.249  1.00 28.55 ? 12   THR A OG1 1 
ATOM   82   C  CG2 . THR A 1 12  ? -4.393  20.183  23.282  1.00 33.80 ? 12   THR A CG2 1 
ATOM   83   N  N   . LEU A 1 13  ? -5.829  19.101  20.331  1.00 23.31 ? 13   LEU A N   1 
ATOM   84   C  CA  . LEU A 1 13  ? -6.917  18.143  20.238  1.00 24.33 ? 13   LEU A CA  1 
ATOM   85   C  C   . LEU A 1 13  ? -6.554  16.932  19.377  1.00 19.05 ? 13   LEU A C   1 
ATOM   86   O  O   . LEU A 1 13  ? -6.805  15.800  19.778  1.00 22.04 ? 13   LEU A O   1 
ATOM   87   C  CB  . LEU A 1 13  ? -8.167  18.815  19.676  1.00 26.81 ? 13   LEU A CB  1 
ATOM   88   C  CG  . LEU A 1 13  ? -9.431  17.984  19.882  1.00 33.65 ? 13   LEU A CG  1 
ATOM   89   C  CD1 . LEU A 1 13  ? -9.636  17.750  21.382  1.00 41.47 ? 13   LEU A CD1 1 
ATOM   90   C  CD2 . LEU A 1 13  ? -10.640 18.702  19.278  1.00 42.34 ? 13   LEU A CD2 1 
ATOM   91   N  N   . LEU A 1 14  ? -5.966  17.154  18.199  1.00 21.79 ? 14   LEU A N   1 
ATOM   92   C  CA  . LEU A 1 14  ? -5.601  16.015  17.337  1.00 17.74 ? 14   LEU A CA  1 
ATOM   93   C  C   . LEU A 1 14  ? -4.630  15.094  18.077  1.00 22.59 ? 14   LEU A C   1 
ATOM   94   O  O   . LEU A 1 14  ? -4.665  13.875  17.920  1.00 22.53 ? 14   LEU A O   1 
ATOM   95   C  CB  . LEU A 1 14  ? -4.956  16.496  16.022  1.00 15.65 ? 14   LEU A CB  1 
ATOM   96   C  CG  . LEU A 1 14  ? -5.918  17.221  15.065  1.00 23.26 ? 14   LEU A CG  1 
ATOM   97   C  CD1 . LEU A 1 14  ? -5.158  17.734  13.852  1.00 19.02 ? 14   LEU A CD1 1 
ATOM   98   C  CD2 . LEU A 1 14  ? -7.016  16.273  14.627  1.00 18.70 ? 14   LEU A CD2 1 
ATOM   99   N  N   . THR A 1 15  ? -3.754  15.677  18.889  1.00 23.95 ? 15   THR A N   1 
ATOM   100  C  CA  . THR A 1 15  ? -2.795  14.869  19.641  1.00 21.81 ? 15   THR A CA  1 
ATOM   101  C  C   . THR A 1 15  ? -3.509  14.057  20.715  1.00 23.58 ? 15   THR A C   1 
ATOM   102  O  O   . THR A 1 15  ? -3.322  12.847  20.821  1.00 26.64 ? 15   THR A O   1 
ATOM   103  C  CB  . THR A 1 15  ? -1.702  15.741  20.316  1.00 21.95 ? 15   THR A CB  1 
ATOM   104  O  OG1 . THR A 1 15  ? -0.906  16.393  19.316  1.00 27.64 ? 15   THR A OG1 1 
ATOM   105  C  CG2 . THR A 1 15  ? -0.773  14.862  21.144  1.00 31.09 ? 15   THR A CG2 1 
ATOM   106  N  N   . SER A 1 16  ? -4.351  14.725  21.496  1.00 25.04 ? 16   SER A N   1 
ATOM   107  C  CA  . SER A 1 16  ? -5.076  14.063  22.557  1.00 28.23 ? 16   SER A CA  1 
ATOM   108  C  C   . SER A 1 16  ? -5.993  12.963  22.030  1.00 36.06 ? 16   SER A C   1 
ATOM   109  O  O   . SER A 1 16  ? -6.269  11.994  22.733  1.00 31.11 ? 16   SER A O   1 
ATOM   110  C  CB  . SER A 1 16  ? -5.877  15.093  23.345  1.00 35.63 ? 16   SER A CB  1 
ATOM   111  O  OG  . SER A 1 16  ? -5.009  16.106  23.828  1.00 42.14 ? 16   SER A OG  1 
ATOM   112  N  N   . LEU A 1 17  ? -6.454  13.104  20.788  1.00 35.16 ? 17   LEU A N   1 
ATOM   113  C  CA  . LEU A 1 17  ? -7.352  12.115  20.203  1.00 34.54 ? 17   LEU A CA  1 
ATOM   114  C  C   . LEU A 1 17  ? -6.609  10.991  19.523  1.00 33.03 ? 17   LEU A C   1 
ATOM   115  O  O   . LEU A 1 17  ? -7.214  10.022  19.067  1.00 33.91 ? 17   LEU A O   1 
ATOM   116  C  CB  . LEU A 1 17  ? -8.310  12.789  19.215  1.00 31.71 ? 17   LEU A CB  1 
ATOM   117  C  CG  . LEU A 1 17  ? -9.358  13.622  19.949  1.00 34.70 ? 17   LEU A CG  1 
ATOM   118  C  CD1 . LEU A 1 17  ? -10.168 14.489  18.975  1.00 34.89 ? 17   LEU A CD1 1 
ATOM   119  C  CD2 . LEU A 1 17  ? -10.254 12.657  20.728  1.00 31.58 ? 17   LEU A CD2 1 
ATOM   120  N  N   . GLY A 1 18  ? -5.292  11.129  19.456  1.00 29.67 ? 18   GLY A N   1 
ATOM   121  C  CA  . GLY A 1 18  ? -4.470  10.113  18.837  1.00 33.61 ? 18   GLY A CA  1 
ATOM   122  C  C   . GLY A 1 18  ? -4.384  10.180  17.324  1.00 32.90 ? 18   GLY A C   1 
ATOM   123  O  O   . GLY A 1 18  ? -3.840  9.263   16.708  1.00 24.43 ? 18   GLY A O   1 
ATOM   124  N  N   . VAL A 1 19  ? -4.918  11.248  16.726  1.00 29.40 ? 19   VAL A N   1 
ATOM   125  C  CA  . VAL A 1 19  ? -4.881  11.423  15.274  1.00 28.12 ? 19   VAL A CA  1 
ATOM   126  C  C   . VAL A 1 19  ? -3.446  11.677  14.813  1.00 31.80 ? 19   VAL A C   1 
ATOM   127  O  O   . VAL A 1 19  ? -3.027  11.204  13.754  1.00 32.93 ? 19   VAL A O   1 
ATOM   128  C  CB  . VAL A 1 19  ? -5.793  12.590  14.823  1.00 22.86 ? 19   VAL A CB  1 
ATOM   129  C  CG1 . VAL A 1 19  ? -5.591  12.856  13.334  1.00 24.22 ? 19   VAL A CG1 1 
ATOM   130  C  CG2 . VAL A 1 19  ? -7.275  12.239  15.104  1.00 23.41 ? 19   VAL A CG2 1 
ATOM   131  N  N   . ILE A 1 20  ? -2.697  12.437  15.609  1.00 31.02 ? 20   ILE A N   1 
ATOM   132  C  CA  . ILE A 1 20  ? -1.293  12.705  15.323  1.00 33.62 ? 20   ILE A CA  1 
ATOM   133  C  C   . ILE A 1 20  ? -0.529  12.332  16.595  1.00 37.74 ? 20   ILE A C   1 
ATOM   134  O  O   . ILE A 1 20  ? -1.126  12.260  17.672  1.00 34.80 ? 20   ILE A O   1 
ATOM   135  C  CB  . ILE A 1 20  ? -1.040  14.190  14.953  1.00 31.37 ? 20   ILE A CB  1 
ATOM   136  C  CG1 . ILE A 1 20  ? -1.471  15.112  16.092  1.00 24.70 ? 20   ILE A CG1 1 
ATOM   137  C  CG2 . ILE A 1 20  ? -1.810  14.541  13.684  1.00 36.98 ? 20   ILE A CG2 1 
ATOM   138  C  CD1 . ILE A 1 20  ? -1.232  16.574  15.810  1.00 34.80 ? 20   ILE A CD1 1 
ATOM   139  N  N   . GLN A 1 21  ? 0.773   12.080  16.478  1.00 39.46 ? 21   GLN A N   1 
ATOM   140  C  CA  . GLN A 1 21  ? 1.573   11.689  17.636  1.00 46.02 ? 21   GLN A CA  1 
ATOM   141  C  C   . GLN A 1 21  ? 2.084   12.862  18.480  1.00 43.19 ? 21   GLN A C   1 
ATOM   142  O  O   . GLN A 1 21  ? 2.312   12.709  19.681  1.00 48.99 ? 21   GLN A O   1 
ATOM   143  C  CB  . GLN A 1 21  ? 2.753   10.800  17.192  1.00 48.44 ? 21   GLN A CB  1 
ATOM   144  C  CG  . GLN A 1 21  ? 3.888   11.532  16.494  1.00 57.18 ? 21   GLN A CG  1 
ATOM   145  C  CD  . GLN A 1 21  ? 5.018   10.602  16.065  1.00 58.06 ? 21   GLN A CD  1 
ATOM   146  O  OE1 . GLN A 1 21  ? 5.509   9.793   16.855  1.00 56.40 ? 21   GLN A OE1 1 
ATOM   147  N  NE2 . GLN A 1 21  ? 5.441   10.724  14.809  1.00 57.81 ? 21   GLN A NE2 1 
ATOM   148  N  N   . SER A 1 22  ? 2.260   14.023  17.856  1.00 43.88 ? 22   SER A N   1 
ATOM   149  C  CA  . SER A 1 22  ? 2.729   15.229  18.547  1.00 41.25 ? 22   SER A CA  1 
ATOM   150  C  C   . SER A 1 22  ? 2.179   16.460  17.834  1.00 36.33 ? 22   SER A C   1 
ATOM   151  O  O   . SER A 1 22  ? 2.038   16.456  16.616  1.00 42.48 ? 22   SER A O   1 
ATOM   152  C  CB  . SER A 1 22  ? 4.261   15.286  18.562  1.00 39.98 ? 22   SER A CB  1 
ATOM   153  O  OG  . SER A 1 22  ? 4.792   15.376  17.250  1.00 47.15 ? 22   SER A OG  1 
ATOM   154  N  N   . ALA A 1 23  ? 1.883   17.514  18.588  1.00 31.31 ? 23   ALA A N   1 
ATOM   155  C  CA  . ALA A 1 23  ? 1.322   18.738  18.018  1.00 36.88 ? 23   ALA A CA  1 
ATOM   156  C  C   . ALA A 1 23  ? 2.192   19.439  16.973  1.00 46.62 ? 23   ALA A C   1 
ATOM   157  O  O   . ALA A 1 23  ? 1.677   19.921  15.958  1.00 45.20 ? 23   ALA A O   1 
ATOM   158  C  CB  . ALA A 1 23  ? 0.981   19.715  19.131  1.00 37.45 ? 23   ALA A CB  1 
ATOM   159  N  N   . GLN A 1 24  ? 3.499   19.507  17.217  1.00 47.56 ? 24   GLN A N   1 
ATOM   160  C  CA  . GLN A 1 24  ? 4.402   20.175  16.278  1.00 53.67 ? 24   GLN A CA  1 
ATOM   161  C  C   . GLN A 1 24  ? 4.186   19.567  14.904  1.00 57.38 ? 24   GLN A C   1 
ATOM   162  O  O   . GLN A 1 24  ? 4.348   20.226  13.881  1.00 58.64 ? 24   GLN A O   1 
ATOM   163  C  CB  . GLN A 1 24  ? 5.872   19.985  16.676  1.00 51.12 ? 24   GLN A CB  1 
ATOM   164  C  CG  . GLN A 1 24  ? 6.405   18.565  16.472  1.00 52.60 ? 24   GLN A CG  1 
ATOM   165  C  CD  . GLN A 1 24  ? 7.919   18.524  16.298  1.00 57.27 ? 24   GLN A CD  1 
ATOM   166  O  OE1 . GLN A 1 24  ? 8.452   19.000  15.293  1.00 60.23 ? 24   GLN A OE1 1 
ATOM   167  N  NE2 . GLN A 1 24  ? 8.616   17.957  17.279  1.00 53.84 ? 24   GLN A NE2 1 
ATOM   168  N  N   . GLU A 1 25  ? 3.830   18.291  14.907  1.00 56.42 ? 25   GLU A N   1 
ATOM   169  C  CA  . GLU A 1 25  ? 3.579   17.554  13.691  1.00 57.86 ? 25   GLU A CA  1 
ATOM   170  C  C   . GLU A 1 25  ? 2.394   18.128  12.911  1.00 59.33 ? 25   GLU A C   1 
ATOM   171  O  O   . GLU A 1 25  ? 2.425   18.172  11.680  1.00 55.86 ? 25   GLU A O   1 
ATOM   172  C  CB  . GLU A 1 25  ? 3.354   16.089  14.055  1.00 60.24 ? 25   GLU A CB  1 
ATOM   173  C  CG  . GLU A 1 25  ? 2.449   15.310  13.146  1.00 62.28 ? 25   GLU A CG  1 
ATOM   174  C  CD  . GLU A 1 25  ? 2.132   13.957  13.734  1.00 63.68 ? 25   GLU A CD  1 
ATOM   175  O  OE1 . GLU A 1 25  ? 1.838   13.901  14.948  1.00 68.45 ? 25   GLU A OE1 1 
ATOM   176  O  OE2 . GLU A 1 25  ? 2.171   12.954  12.994  1.00 64.30 ? 25   GLU A OE2 1 
ATOM   177  N  N   . PHE A 1 26  ? 1.353   18.575  13.612  1.00 57.53 ? 26   PHE A N   1 
ATOM   178  C  CA  . PHE A 1 26  ? 0.203   19.144  12.918  1.00 55.66 ? 26   PHE A CA  1 
ATOM   179  C  C   . PHE A 1 26  ? 0.695   20.361  12.158  1.00 58.94 ? 26   PHE A C   1 
ATOM   180  O  O   . PHE A 1 26  ? 0.818   20.339  10.934  1.00 55.89 ? 26   PHE A O   1 
ATOM   181  C  CB  . PHE A 1 26  ? -0.894  19.557  13.900  1.00 52.70 ? 26   PHE A CB  1 
ATOM   182  C  CG  . PHE A 1 26  ? -2.018  20.327  13.260  1.00 45.21 ? 26   PHE A CG  1 
ATOM   183  C  CD1 . PHE A 1 26  ? -2.767  19.770  12.228  1.00 47.20 ? 26   PHE A CD1 1 
ATOM   184  C  CD2 . PHE A 1 26  ? -2.313  21.620  13.673  1.00 46.07 ? 26   PHE A CD2 1 
ATOM   185  C  CE1 . PHE A 1 26  ? -3.796  20.495  11.614  1.00 45.92 ? 26   PHE A CE1 1 
ATOM   186  C  CE2 . PHE A 1 26  ? -3.336  22.352  13.068  1.00 44.62 ? 26   PHE A CE2 1 
ATOM   187  C  CZ  . PHE A 1 26  ? -4.077  21.785  12.036  1.00 46.52 ? 26   PHE A CZ  1 
ATOM   188  N  N   . GLU A 1 27  ? 0.978   21.426  12.898  1.00 62.34 ? 27   GLU A N   1 
ATOM   189  C  CA  . GLU A 1 27  ? 1.491   22.647  12.304  1.00 63.18 ? 27   GLU A CA  1 
ATOM   190  C  C   . GLU A 1 27  ? 2.830   22.200  11.734  1.00 59.97 ? 27   GLU A C   1 
ATOM   191  O  O   . GLU A 1 27  ? 3.278   21.103  12.042  1.00 61.06 ? 27   GLU A O   1 
ATOM   192  C  CB  . GLU A 1 27  ? 1.669   23.708  13.396  1.00 67.79 ? 27   GLU A CB  1 
ATOM   193  C  CG  . GLU A 1 27  ? 0.527   23.686  14.419  1.00 71.83 ? 27   GLU A CG  1 
ATOM   194  C  CD  . GLU A 1 27  ? 0.461   24.922  15.296  1.00 74.84 ? 27   GLU A CD  1 
ATOM   195  O  OE1 . GLU A 1 27  ? 1.440   25.205  16.018  1.00 80.00 ? 27   GLU A OE1 1 
ATOM   196  O  OE2 . GLU A 1 27  ? -0.580  25.612  15.267  1.00 75.44 ? 27   GLU A OE2 1 
ATOM   197  N  N   . SER A 1 28  ? 3.452   23.010  10.886  1.00 59.87 ? 28   SER A N   1 
ATOM   198  C  CA  . SER A 1 28  ? 4.748   22.654  10.295  1.00 62.10 ? 28   SER A CA  1 
ATOM   199  C  C   . SER A 1 28  ? 4.659   21.682  9.113   1.00 61.06 ? 28   SER A C   1 
ATOM   200  O  O   . SER A 1 28  ? 5.002   22.041  7.985   1.00 62.97 ? 28   SER A O   1 
ATOM   201  C  CB  . SER A 1 28  ? 5.685   22.057  11.359  1.00 64.29 ? 28   SER A CB  1 
ATOM   202  O  OG  . SER A 1 28  ? 5.879   20.668  11.171  1.00 65.30 ? 28   SER A OG  1 
ATOM   203  N  N   . SER A 1 29  ? 4.216   20.454  9.386   1.00 58.06 ? 29   SER A N   1 
ATOM   204  C  CA  . SER A 1 29  ? 4.089   19.404  8.373   1.00 54.77 ? 29   SER A CA  1 
ATOM   205  C  C   . SER A 1 29  ? 3.800   19.928  6.965   1.00 52.43 ? 29   SER A C   1 
ATOM   206  O  O   . SER A 1 29  ? 3.002   20.851  6.790   1.00 48.58 ? 29   SER A O   1 
ATOM   207  C  CB  . SER A 1 29  ? 2.991   18.422  8.776   1.00 53.85 ? 29   SER A CB  1 
ATOM   208  O  OG  . SER A 1 29  ? 2.639   17.586  7.688   1.00 57.16 ? 29   SER A OG  1 
ATOM   209  N  N   . ARG A 1 30  ? 4.449   19.323  5.969   1.00 52.17 ? 30   ARG A N   1 
ATOM   210  C  CA  . ARG A 1 30  ? 4.282   19.713  4.569   1.00 47.22 ? 30   ARG A CA  1 
ATOM   211  C  C   . ARG A 1 30  ? 3.187   18.911  3.890   1.00 42.98 ? 30   ARG A C   1 
ATOM   212  O  O   . ARG A 1 30  ? 2.991   19.006  2.680   1.00 38.73 ? 30   ARG A O   1 
ATOM   213  C  CB  . ARG A 1 30  ? 5.590   19.518  3.789   1.00 57.39 ? 30   ARG A CB  1 
ATOM   214  C  CG  . ARG A 1 30  ? 6.077   18.072  3.698   1.00 63.15 ? 30   ARG A CG  1 
ATOM   215  C  CD  . ARG A 1 30  ? 7.367   17.979  2.877   1.00 71.09 ? 30   ARG A CD  1 
ATOM   216  N  NE  . ARG A 1 30  ? 7.948   16.636  2.891   1.00 77.63 ? 30   ARG A NE  1 
ATOM   217  C  CZ  . ARG A 1 30  ? 9.123   16.318  2.353   1.00 79.25 ? 30   ARG A CZ  1 
ATOM   218  N  NH1 . ARG A 1 30  ? 9.857   17.244  1.746   1.00 79.71 ? 30   ARG A NH1 1 
ATOM   219  N  NH2 . ARG A 1 30  ? 9.574   15.074  2.434   1.00 80.00 ? 30   ARG A NH2 1 
ATOM   220  N  N   . ASP A 1 31  ? 2.483   18.111  4.677   1.00 36.88 ? 31   ASP A N   1 
ATOM   221  C  CA  . ASP A 1 31  ? 1.396   17.290  4.170   1.00 35.97 ? 31   ASP A CA  1 
ATOM   222  C  C   . ASP A 1 31  ? 0.308   18.195  3.579   1.00 19.74 ? 31   ASP A C   1 
ATOM   223  O  O   . ASP A 1 31  ? -0.168  19.105  4.243   1.00 28.55 ? 31   ASP A O   1 
ATOM   224  C  CB  . ASP A 1 31  ? 0.851   16.440  5.320   1.00 43.57 ? 31   ASP A CB  1 
ATOM   225  C  CG  . ASP A 1 31  ? -0.522  15.890  5.043   1.00 49.08 ? 31   ASP A CG  1 
ATOM   226  O  OD1 . ASP A 1 31  ? -1.470  16.698  4.938   1.00 55.73 ? 31   ASP A OD1 1 
ATOM   227  O  OD2 . ASP A 1 31  ? -0.654  14.654  4.936   1.00 59.30 ? 31   ASP A OD2 1 
ATOM   228  N  N   . ALA A 1 32  ? -0.067  17.955  2.321   1.00 23.67 ? 32   ALA A N   1 
ATOM   229  C  CA  . ALA A 1 32  ? -1.090  18.768  1.660   1.00 24.45 ? 32   ALA A CA  1 
ATOM   230  C  C   . ALA A 1 32  ? -2.349  18.922  2.519   1.00 22.10 ? 32   ALA A C   1 
ATOM   231  O  O   . ALA A 1 32  ? -2.848  20.028  2.704   1.00 21.83 ? 32   ALA A O   1 
ATOM   232  C  CB  . ALA A 1 32  ? -1.443  18.159  0.306   1.00 26.11 ? 32   ALA A CB  1 
ATOM   233  N  N   . SER A 1 33  ? -2.871  17.817  3.042   1.00 21.73 ? 33   SER A N   1 
ATOM   234  C  CA  . SER A 1 33  ? -4.066  17.885  3.891   1.00 22.86 ? 33   SER A CA  1 
ATOM   235  C  C   . SER A 1 33  ? -3.868  18.842  5.058   1.00 23.01 ? 33   SER A C   1 
ATOM   236  O  O   . SER A 1 33  ? -4.707  19.690  5.326   1.00 19.85 ? 33   SER A O   1 
ATOM   237  C  CB  . SER A 1 33  ? -4.410  16.502  4.457   1.00 26.68 ? 33   SER A CB  1 
ATOM   238  O  OG  . SER A 1 33  ? -4.769  15.606  3.428   1.00 38.43 ? 33   SER A OG  1 
ATOM   239  N  N   . TYR A 1 34  ? -2.759  18.695  5.768   1.00 24.72 ? 34   TYR A N   1 
ATOM   240  C  CA  . TYR A 1 34  ? -2.529  19.578  6.895   1.00 26.83 ? 34   TYR A CA  1 
ATOM   241  C  C   . TYR A 1 34  ? -2.226  21.003  6.471   1.00 24.67 ? 34   TYR A C   1 
ATOM   242  O  O   . TYR A 1 34  ? -2.572  21.942  7.175   1.00 23.65 ? 34   TYR A O   1 
ATOM   243  C  CB  . TYR A 1 34  ? -1.433  19.015  7.788   1.00 30.33 ? 34   TYR A CB  1 
ATOM   244  C  CG  . TYR A 1 34  ? -1.877  17.722  8.421   1.00 31.45 ? 34   TYR A CG  1 
ATOM   245  C  CD1 . TYR A 1 34  ? -1.571  16.494  7.841   1.00 45.85 ? 34   TYR A CD1 1 
ATOM   246  C  CD2 . TYR A 1 34  ? -2.636  17.725  9.586   1.00 39.29 ? 34   TYR A CD2 1 
ATOM   247  C  CE1 . TYR A 1 34  ? -2.006  15.295  8.410   1.00 45.71 ? 34   TYR A CE1 1 
ATOM   248  C  CE2 . TYR A 1 34  ? -3.077  16.533  10.165  1.00 41.24 ? 34   TYR A CE2 1 
ATOM   249  C  CZ  . TYR A 1 34  ? -2.753  15.323  9.574   1.00 48.71 ? 34   TYR A CZ  1 
ATOM   250  O  OH  . TYR A 1 34  ? -3.144  14.144  10.171  1.00 49.89 ? 34   TYR A OH  1 
ATOM   251  N  N   . VAL A 1 35  ? -1.594  21.182  5.317   1.00 25.51 ? 35   VAL A N   1 
ATOM   252  C  CA  . VAL A 1 35  ? -1.328  22.548  4.884   1.00 28.15 ? 35   VAL A CA  1 
ATOM   253  C  C   . VAL A 1 35  ? -2.659  23.260  4.712   1.00 28.83 ? 35   VAL A C   1 
ATOM   254  O  O   . VAL A 1 35  ? -2.863  24.356  5.233   1.00 26.95 ? 35   VAL A O   1 
ATOM   255  C  CB  . VAL A 1 35  ? -0.584  22.594  3.536   1.00 33.11 ? 35   VAL A CB  1 
ATOM   256  C  CG1 . VAL A 1 35  ? -0.520  24.034  3.026   1.00 33.15 ? 35   VAL A CG1 1 
ATOM   257  C  CG2 . VAL A 1 35  ? 0.801   22.034  3.699   1.00 29.94 ? 35   VAL A CG2 1 
ATOM   258  N  N   . PHE A 1 36  ? -3.576  22.634  3.981   1.00 23.90 ? 36   PHE A N   1 
ATOM   259  C  CA  . PHE A 1 36  ? -4.871  23.244  3.748   1.00 22.30 ? 36   PHE A CA  1 
ATOM   260  C  C   . PHE A 1 36  ? -5.661  23.428  5.047   1.00 21.97 ? 36   PHE A C   1 
ATOM   261  O  O   . PHE A 1 36  ? -6.357  24.427  5.214   1.00 24.42 ? 36   PHE A O   1 
ATOM   262  C  CB  . PHE A 1 36  ? -5.671  22.413  2.731   1.00 28.80 ? 36   PHE A CB  1 
ATOM   263  C  CG  . PHE A 1 36  ? -5.348  22.737  1.298   1.00 22.47 ? 36   PHE A CG  1 
ATOM   264  C  CD1 . PHE A 1 36  ? -4.707  21.809  0.483   1.00 18.93 ? 36   PHE A CD1 1 
ATOM   265  C  CD2 . PHE A 1 36  ? -5.693  23.982  0.760   1.00 21.70 ? 36   PHE A CD2 1 
ATOM   266  C  CE1 . PHE A 1 36  ? -4.415  22.110  -0.850  1.00 21.79 ? 36   PHE A CE1 1 
ATOM   267  C  CE2 . PHE A 1 36  ? -5.405  24.287  -0.568  1.00 22.59 ? 36   PHE A CE2 1 
ATOM   268  C  CZ  . PHE A 1 36  ? -4.767  23.347  -1.374  1.00 19.13 ? 36   PHE A CZ  1 
ATOM   269  N  N   . ALA A 1 37  ? -5.529  22.486  5.974   1.00 25.88 ? 37   ALA A N   1 
ATOM   270  C  CA  . ALA A 1 37  ? -6.233  22.594  7.249   1.00 24.34 ? 37   ALA A CA  1 
ATOM   271  C  C   . ALA A 1 37  ? -5.756  23.840  8.014   1.00 22.17 ? 37   ALA A C   1 
ATOM   272  O  O   . ALA A 1 37  ? -6.555  24.589  8.567   1.00 27.69 ? 37   ALA A O   1 
ATOM   273  C  CB  . ALA A 1 37  ? -5.989  21.341  8.080   1.00 24.73 ? 37   ALA A CB  1 
ATOM   274  N  N   . ARG A 1 38  ? -4.449  24.055  8.038   1.00 33.63 ? 38   ARG A N   1 
ATOM   275  C  CA  . ARG A 1 38  ? -3.897  25.217  8.729   1.00 34.28 ? 38   ARG A CA  1 
ATOM   276  C  C   . ARG A 1 38  ? -4.414  26.473  8.055   1.00 32.82 ? 38   ARG A C   1 
ATOM   277  O  O   . ARG A 1 38  ? -4.904  27.398  8.705   1.00 32.49 ? 38   ARG A O   1 
ATOM   278  C  CB  . ARG A 1 38  ? -2.377  25.187  8.678   1.00 35.81 ? 38   ARG A CB  1 
ATOM   279  C  CG  . ARG A 1 38  ? -1.759  24.033  9.432   1.00 34.65 ? 38   ARG A CG  1 
ATOM   280  C  CD  . ARG A 1 38  ? -0.292  24.308  9.714   1.00 44.77 ? 38   ARG A CD  1 
ATOM   281  N  NE  . ARG A 1 38  ? 0.551   24.231  8.522   1.00 51.02 ? 38   ARG A NE  1 
ATOM   282  C  CZ  . ARG A 1 38  ? 0.973   23.094  7.974   1.00 51.29 ? 38   ARG A CZ  1 
ATOM   283  N  NH1 . ARG A 1 38  ? 0.632   21.929  8.505   1.00 57.79 ? 38   ARG A NH1 1 
ATOM   284  N  NH2 . ARG A 1 38  ? 1.750   23.119  6.899   1.00 56.32 ? 38   ARG A NH2 1 
ATOM   285  N  N   . ARG A 1 39  ? -4.313  26.506  6.736   1.00 33.10 ? 39   ARG A N   1 
ATOM   286  C  CA  . ARG A 1 39  ? -4.798  27.652  5.992   1.00 31.03 ? 39   ARG A CA  1 
ATOM   287  C  C   . ARG A 1 39  ? -6.281  27.877  6.268   1.00 36.13 ? 39   ARG A C   1 
ATOM   288  O  O   . ARG A 1 39  ? -6.753  29.018  6.306   1.00 38.39 ? 39   ARG A O   1 
ATOM   289  C  CB  . ARG A 1 39  ? -4.576  27.439  4.494   1.00 29.17 ? 39   ARG A CB  1 
ATOM   290  C  CG  . ARG A 1 39  ? -3.115  27.493  4.042   1.00 29.92 ? 39   ARG A CG  1 
ATOM   291  C  CD  . ARG A 1 39  ? -3.020  27.191  2.562   1.00 32.17 ? 39   ARG A CD  1 
ATOM   292  N  NE  . ARG A 1 39  ? -3.991  27.987  1.820   1.00 38.06 ? 39   ARG A NE  1 
ATOM   293  C  CZ  . ARG A 1 39  ? -3.684  28.946  0.956   1.00 38.80 ? 39   ARG A CZ  1 
ATOM   294  N  NH1 . ARG A 1 39  ? -2.413  29.241  0.701   1.00 38.46 ? 39   ARG A NH1 1 
ATOM   295  N  NH2 . ARG A 1 39  ? -4.654  29.632  0.368   1.00 39.08 ? 39   ARG A NH2 1 
ATOM   296  N  N   . ALA A 1 40  ? -7.024  26.789  6.463   1.00 30.74 ? 40   ALA A N   1 
ATOM   297  C  CA  . ALA A 1 40  ? -8.452  26.900  6.726   1.00 30.93 ? 40   ALA A CA  1 
ATOM   298  C  C   . ALA A 1 40  ? -8.704  27.519  8.098   1.00 32.95 ? 40   ALA A C   1 
ATOM   299  O  O   . ALA A 1 40  ? -9.599  28.337  8.261   1.00 34.64 ? 40   ALA A O   1 
ATOM   300  C  CB  . ALA A 1 40  ? -9.116  25.525  6.640   1.00 31.90 ? 40   ALA A CB  1 
ATOM   301  N  N   . LEU A 1 41  ? -7.905  27.125  9.081   1.00 35.83 ? 41   LEU A N   1 
ATOM   302  C  CA  . LEU A 1 41  ? -8.063  27.655  10.422  1.00 40.67 ? 41   LEU A CA  1 
ATOM   303  C  C   . LEU A 1 41  ? -7.663  29.132  10.452  1.00 41.20 ? 41   LEU A C   1 
ATOM   304  O  O   . LEU A 1 41  ? -8.317  29.938  11.104  1.00 48.02 ? 41   LEU A O   1 
ATOM   305  C  CB  . LEU A 1 41  ? -7.226  26.826  11.403  1.00 37.85 ? 41   LEU A CB  1 
ATOM   306  C  CG  . LEU A 1 41  ? -7.636  25.345  11.420  1.00 33.58 ? 41   LEU A CG  1 
ATOM   307  C  CD1 . LEU A 1 41  ? -6.584  24.500  12.127  1.00 42.80 ? 41   LEU A CD1 1 
ATOM   308  C  CD2 . LEU A 1 41  ? -8.985  25.211  12.074  1.00 39.39 ? 41   LEU A CD2 1 
ATOM   309  N  N   . LYS A 1 42  ? -6.610  29.494  9.724   1.00 48.41 ? 42   LYS A N   1 
ATOM   310  C  CA  . LYS A 1 42  ? -6.167  30.890  9.690   1.00 46.67 ? 42   LYS A CA  1 
ATOM   311  C  C   . LYS A 1 42  ? -6.919  31.708  8.640   1.00 46.47 ? 42   LYS A C   1 
ATOM   312  O  O   . LYS A 1 42  ? -6.395  32.689  8.115   1.00 47.76 ? 42   LYS A O   1 
ATOM   313  C  CB  . LYS A 1 42  ? -4.664  30.976  9.418   1.00 47.69 ? 42   LYS A CB  1 
ATOM   314  C  CG  . LYS A 1 42  ? -4.265  30.649  7.989   1.00 56.12 ? 42   LYS A CG  1 
ATOM   315  C  CD  . LYS A 1 42  ? -2.764  30.798  7.771   1.00 56.57 ? 42   LYS A CD  1 
ATOM   316  C  CE  . LYS A 1 42  ? -2.401  30.563  6.307   1.00 61.23 ? 42   LYS A CE  1 
ATOM   317  N  NZ  . LYS A 1 42  ? -0.936  30.690  6.044   1.00 64.53 ? 42   LYS A NZ  1 
ATOM   318  N  N   . SER A 1 43  ? -8.141  31.293  8.317   1.00 44.70 ? 43   SER A N   1 
ATOM   319  C  CA  . SER A 1 43  ? -8.955  32.019  7.352   1.00 42.92 ? 43   SER A CA  1 
ATOM   320  C  C   . SER A 1 43  ? -9.880  32.915  8.164   1.00 48.96 ? 43   SER A C   1 
ATOM   321  O  O   . SER A 1 43  ? -10.296 32.551  9.266   1.00 48.93 ? 43   SER A O   1 
ATOM   322  C  CB  . SER A 1 43  ? -9.780  31.057  6.494   1.00 44.71 ? 43   SER A CB  1 
ATOM   323  O  OG  . SER A 1 43  ? -8.948  30.195  5.735   1.00 40.58 ? 43   SER A OG  1 
ATOM   324  N  N   . ALA A 1 44  ? -10.196 34.086  7.628   1.00 50.17 ? 44   ALA A N   1 
ATOM   325  C  CA  . ALA A 1 44  ? -11.058 35.027  8.331   1.00 51.11 ? 44   ALA A CA  1 
ATOM   326  C  C   . ALA A 1 44  ? -12.250 35.451  7.479   1.00 51.43 ? 44   ALA A C   1 
ATOM   327  O  O   . ALA A 1 44  ? -13.116 36.201  7.935   1.00 52.15 ? 44   ALA A O   1 
ATOM   328  C  CB  . ALA A 1 44  ? -10.254 36.241  8.745   1.00 49.50 ? 44   ALA A CB  1 
ATOM   329  N  N   . ASN A 1 45  ? -12.283 34.959  6.245   1.00 51.38 ? 45   ASN A N   1 
ATOM   330  C  CA  . ASN A 1 45  ? -13.354 35.254  5.290   1.00 52.34 ? 45   ASN A CA  1 
ATOM   331  C  C   . ASN A 1 45  ? -13.857 33.932  4.694   1.00 49.29 ? 45   ASN A C   1 
ATOM   332  O  O   . ASN A 1 45  ? -13.083 32.987  4.564   1.00 48.33 ? 45   ASN A O   1 
ATOM   333  C  CB  . ASN A 1 45  ? -12.802 36.166  4.192   1.00 52.44 ? 45   ASN A CB  1 
ATOM   334  C  CG  . ASN A 1 45  ? -13.563 36.047  2.897   1.00 58.35 ? 45   ASN A CG  1 
ATOM   335  O  OD1 . ASN A 1 45  ? -14.715 36.468  2.785   1.00 58.70 ? 45   ASN A OD1 1 
ATOM   336  N  ND2 . ASN A 1 45  ? -12.918 35.465  1.903   1.00 59.93 ? 45   ASN A ND2 1 
ATOM   337  N  N   . TYR A 1 46  ? -15.138 33.854  4.333   1.00 41.84 ? 46   TYR A N   1 
ATOM   338  C  CA  . TYR A 1 46  ? -15.670 32.604  3.778   1.00 43.00 ? 46   TYR A CA  1 
ATOM   339  C  C   . TYR A 1 46  ? -15.167 32.226  2.386   1.00 46.19 ? 46   TYR A C   1 
ATOM   340  O  O   . TYR A 1 46  ? -15.405 31.110  1.914   1.00 48.83 ? 46   TYR A O   1 
ATOM   341  C  CB  . TYR A 1 46  ? -17.201 32.605  3.788   1.00 41.23 ? 46   TYR A CB  1 
ATOM   342  C  CG  . TYR A 1 46  ? -17.775 32.376  5.167   1.00 44.50 ? 46   TYR A CG  1 
ATOM   343  C  CD1 . TYR A 1 46  ? -17.973 33.440  6.051   1.00 42.32 ? 46   TYR A CD1 1 
ATOM   344  C  CD2 . TYR A 1 46  ? -18.087 31.088  5.608   1.00 46.89 ? 46   TYR A CD2 1 
ATOM   345  C  CE1 . TYR A 1 46  ? -18.470 33.225  7.341   1.00 45.56 ? 46   TYR A CE1 1 
ATOM   346  C  CE2 . TYR A 1 46  ? -18.583 30.862  6.895   1.00 51.03 ? 46   TYR A CE2 1 
ATOM   347  C  CZ  . TYR A 1 46  ? -18.773 31.935  7.759   1.00 49.71 ? 46   TYR A CZ  1 
ATOM   348  O  OH  . TYR A 1 46  ? -19.247 31.714  9.038   1.00 46.65 ? 46   TYR A OH  1 
ATOM   349  N  N   . ALA A 1 47  ? -14.475 33.141  1.721   1.00 40.70 ? 47   ALA A N   1 
ATOM   350  C  CA  . ALA A 1 47  ? -13.934 32.832  0.407   1.00 39.51 ? 47   ALA A CA  1 
ATOM   351  C  C   . ALA A 1 47  ? -12.633 32.064  0.592   1.00 37.06 ? 47   ALA A C   1 
ATOM   352  O  O   . ALA A 1 47  ? -12.322 31.163  -0.182  1.00 36.18 ? 47   ALA A O   1 
ATOM   353  C  CB  . ALA A 1 47  ? -13.684 34.107  -0.384  1.00 40.49 ? 47   ALA A CB  1 
ATOM   354  N  N   . GLU A 1 48  ? -11.862 32.422  1.613   1.00 35.00 ? 48   GLU A N   1 
ATOM   355  C  CA  . GLU A 1 48  ? -10.611 31.718  1.855   1.00 41.22 ? 48   GLU A CA  1 
ATOM   356  C  C   . GLU A 1 48  ? -10.960 30.384  2.477   1.00 34.94 ? 48   GLU A C   1 
ATOM   357  O  O   . GLU A 1 48  ? -10.435 29.351  2.097   1.00 35.37 ? 48   GLU A O   1 
ATOM   358  C  CB  . GLU A 1 48  ? -9.719  32.511  2.807   1.00 42.87 ? 48   GLU A CB  1 
ATOM   359  C  CG  . GLU A 1 48  ? -9.223  33.825  2.245   1.00 48.21 ? 48   GLU A CG  1 
ATOM   360  C  CD  . GLU A 1 48  ? -8.400  34.610  3.252   1.00 56.85 ? 48   GLU A CD  1 
ATOM   361  O  OE1 . GLU A 1 48  ? -8.912  34.881  4.363   1.00 57.17 ? 48   GLU A OE1 1 
ATOM   362  O  OE2 . GLU A 1 48  ? -7.243  34.961  2.931   1.00 61.02 ? 48   GLU A OE2 1 
ATOM   363  N  N   . MET A 1 49  ? -11.867 30.417  3.439   1.00 34.47 ? 49   MET A N   1 
ATOM   364  C  CA  . MET A 1 49  ? -12.286 29.209  4.114   1.00 36.61 ? 49   MET A CA  1 
ATOM   365  C  C   . MET A 1 49  ? -12.792 28.158  3.127   1.00 32.01 ? 49   MET A C   1 
ATOM   366  O  O   . MET A 1 49  ? -12.296 27.032  3.112   1.00 43.61 ? 49   MET A O   1 
ATOM   367  C  CB  . MET A 1 49  ? -13.375 29.538  5.134   1.00 41.31 ? 49   MET A CB  1 
ATOM   368  C  CG  . MET A 1 49  ? -13.862 28.344  5.955   1.00 53.24 ? 49   MET A CG  1 
ATOM   369  S  SD  . MET A 1 49  ? -14.818 27.139  4.996   1.00 64.13 ? 49   MET A SD  1 
ATOM   370  C  CE  . MET A 1 49  ? -16.500 27.723  5.272   1.00 65.64 ? 49   MET A CE  1 
ATOM   371  N  N   . THR A 1 50  ? -13.770 28.510  2.299   1.00 28.70 ? 50   THR A N   1 
ATOM   372  C  CA  . THR A 1 50  ? -14.304 27.532  1.358   1.00 31.05 ? 50   THR A CA  1 
ATOM   373  C  C   . THR A 1 50  ? -13.220 27.040  0.389   1.00 31.43 ? 50   THR A C   1 
ATOM   374  O  O   . THR A 1 50  ? -13.199 25.869  0.010   1.00 24.34 ? 50   THR A O   1 
ATOM   375  C  CB  . THR A 1 50  ? -15.522 28.105  0.600   1.00 36.67 ? 50   THR A CB  1 
ATOM   376  O  OG1 . THR A 1 50  ? -15.143 29.290  -0.110  1.00 36.19 ? 50   THR A OG1 1 
ATOM   377  C  CG2 . THR A 1 50  ? -16.647 28.450  1.597   1.00 23.78 ? 50   THR A CG2 1 
ATOM   378  N  N   . PHE A 1 51  ? -12.321 27.943  0.004   1.00 29.64 ? 51   PHE A N   1 
ATOM   379  C  CA  . PHE A 1 51  ? -11.209 27.615  -0.885  1.00 26.15 ? 51   PHE A CA  1 
ATOM   380  C  C   . PHE A 1 51  ? -10.352 26.542  -0.218  1.00 19.66 ? 51   PHE A C   1 
ATOM   381  O  O   . PHE A 1 51  ? -10.032 25.511  -0.814  1.00 22.57 ? 51   PHE A O   1 
ATOM   382  C  CB  . PHE A 1 51  ? -10.350 28.868  -1.102  1.00 25.63 ? 51   PHE A CB  1 
ATOM   383  C  CG  . PHE A 1 51  ? -9.102  28.632  -1.918  1.00 29.97 ? 51   PHE A CG  1 
ATOM   384  C  CD1 . PHE A 1 51  ? -9.126  28.762  -3.301  1.00 30.39 ? 51   PHE A CD1 1 
ATOM   385  C  CD2 . PHE A 1 51  ? -7.909  28.267  -1.301  1.00 24.02 ? 51   PHE A CD2 1 
ATOM   386  C  CE1 . PHE A 1 51  ? -7.973  28.536  -4.065  1.00 29.84 ? 51   PHE A CE1 1 
ATOM   387  C  CE2 . PHE A 1 51  ? -6.752  28.040  -2.051  1.00 29.25 ? 51   PHE A CE2 1 
ATOM   388  C  CZ  . PHE A 1 51  ? -6.785  28.171  -3.440  1.00 29.86 ? 51   PHE A CZ  1 
ATOM   389  N  N   . ASN A 1 52  ? -9.995  26.798  1.033   1.00 20.20 ? 52   ASN A N   1 
ATOM   390  C  CA  . ASN A 1 52  ? -9.152  25.894  1.781   1.00 24.33 ? 52   ASN A CA  1 
ATOM   391  C  C   . ASN A 1 52  ? -9.835  24.568  2.127   1.00 24.84 ? 52   ASN A C   1 
ATOM   392  O  O   . ASN A 1 52  ? -9.161  23.542  2.198   1.00 25.65 ? 52   ASN A O   1 
ATOM   393  C  CB  . ASN A 1 52  ? -8.616  26.593  3.038   1.00 24.70 ? 52   ASN A CB  1 
ATOM   394  C  CG  . ASN A 1 52  ? -7.553  27.634  2.713   1.00 26.87 ? 52   ASN A CG  1 
ATOM   395  O  OD1 . ASN A 1 52  ? -6.598  27.357  1.989   1.00 25.39 ? 52   ASN A OD1 1 
ATOM   396  N  ND2 . ASN A 1 52  ? -7.708  28.830  3.260   1.00 33.74 ? 52   ASN A ND2 1 
ATOM   397  N  N   . VAL A 1 53  ? -11.154 24.566  2.329   1.00 27.12 ? 53   VAL A N   1 
ATOM   398  C  CA  . VAL A 1 53  ? -11.808 23.295  2.608   1.00 25.10 ? 53   VAL A CA  1 
ATOM   399  C  C   . VAL A 1 53  ? -11.816 22.445  1.324   1.00 23.86 ? 53   VAL A C   1 
ATOM   400  O  O   . VAL A 1 53  ? -11.621 21.230  1.382   1.00 23.03 ? 53   VAL A O   1 
ATOM   401  C  CB  . VAL A 1 53  ? -13.237 23.463  3.150   1.00 29.93 ? 53   VAL A CB  1 
ATOM   402  C  CG1 . VAL A 1 53  ? -13.855 22.094  3.349   1.00 28.93 ? 53   VAL A CG1 1 
ATOM   403  C  CG2 . VAL A 1 53  ? -13.210 24.202  4.481   1.00 39.55 ? 53   VAL A CG2 1 
ATOM   404  N  N   A CYS A 1 54  ? -12.040 23.092  0.181   0.64 21.38 ? 54   CYS A N   1 
ATOM   405  N  N   B CYS A 1 54  ? -12.046 23.075  0.173   0.36 20.72 ? 54   CYS A N   1 
ATOM   406  C  CA  A CYS A 1 54  ? -12.026 22.413  -1.115  0.64 24.99 ? 54   CYS A CA  1 
ATOM   407  C  CA  B CYS A 1 54  ? -12.026 22.338  -1.091  0.36 21.14 ? 54   CYS A CA  1 
ATOM   408  C  C   A CYS A 1 54  ? -10.662 21.736  -1.286  0.64 19.71 ? 54   CYS A C   1 
ATOM   409  C  C   B CYS A 1 54  ? -10.647 21.705  -1.263  0.36 18.97 ? 54   CYS A C   1 
ATOM   410  O  O   A CYS A 1 54  ? -10.573 20.564  -1.653  0.64 17.76 ? 54   CYS A O   1 
ATOM   411  O  O   B CYS A 1 54  ? -10.530 20.533  -1.621  0.36 17.34 ? 54   CYS A O   1 
ATOM   412  C  CB  A CYS A 1 54  ? -12.236 23.437  -2.240  0.64 26.66 ? 54   CYS A CB  1 
ATOM   413  C  CB  B CYS A 1 54  ? -12.317 23.268  -2.276  0.36 20.99 ? 54   CYS A CB  1 
ATOM   414  S  SG  A CYS A 1 54  ? -12.300 22.750  -3.911  0.64 41.16 ? 54   CYS A SG  1 
ATOM   415  S  SG  B CYS A 1 54  ? -14.062 23.315  -2.780  0.36 20.60 ? 54   CYS A SG  1 
ATOM   416  N  N   . GLY A 1 55  ? -9.604  22.488  -1.003  1.00 18.43 ? 55   GLY A N   1 
ATOM   417  C  CA  . GLY A 1 55  ? -8.250  21.968  -1.115  1.00 19.16 ? 55   GLY A CA  1 
ATOM   418  C  C   . GLY A 1 55  ? -8.003  20.812  -0.152  1.00 19.62 ? 55   GLY A C   1 
ATOM   419  O  O   . GLY A 1 55  ? -7.323  19.850  -0.487  1.00 18.34 ? 55   GLY A O   1 
ATOM   420  N  N   . LEU A 1 56  ? -8.566  20.900  1.044   1.00 15.49 ? 56   LEU A N   1 
ATOM   421  C  CA  . LEU A 1 56  ? -8.406  19.844  2.039   1.00 20.39 ? 56   LEU A CA  1 
ATOM   422  C  C   . LEU A 1 56  ? -9.042  18.545  1.535   1.00 18.94 ? 56   LEU A C   1 
ATOM   423  O  O   . LEU A 1 56  ? -8.451  17.486  1.626   1.00 18.16 ? 56   LEU A O   1 
ATOM   424  C  CB  . LEU A 1 56  ? -9.051  20.272  3.359   1.00 19.99 ? 56   LEU A CB  1 
ATOM   425  C  CG  . LEU A 1 56  ? -9.108  19.279  4.532   1.00 20.21 ? 56   LEU A CG  1 
ATOM   426  C  CD1 . LEU A 1 56  ? -7.721  18.722  4.847   1.00 21.00 ? 56   LEU A CD1 1 
ATOM   427  C  CD2 . LEU A 1 56  ? -9.709  19.990  5.751   1.00 28.85 ? 56   LEU A CD2 1 
ATOM   428  N  N   . ILE A 1 57  ? -10.245 18.630  0.982   1.00 19.44 ? 57   ILE A N   1 
ATOM   429  C  CA  . ILE A 1 57  ? -10.914 17.424  0.495   1.00 22.98 ? 57   ILE A CA  1 
ATOM   430  C  C   . ILE A 1 57  ? -10.173 16.785  -0.676  1.00 17.71 ? 57   ILE A C   1 
ATOM   431  O  O   . ILE A 1 57  ? -10.014 15.561  -0.742  1.00 14.83 ? 57   ILE A O   1 
ATOM   432  C  CB  . ILE A 1 57  ? -12.394 17.745  0.146   1.00 17.39 ? 57   ILE A CB  1 
ATOM   433  C  CG1 . ILE A 1 57  ? -13.112 18.165  1.436   1.00 22.59 ? 57   ILE A CG1 1 
ATOM   434  C  CG2 . ILE A 1 57  ? -13.070 16.536  -0.490  1.00 23.38 ? 57   ILE A CG2 1 
ATOM   435  C  CD1 . ILE A 1 57  ? -14.523 18.713  1.265   1.00 23.65 ? 57   ILE A CD1 1 
ATOM   436  N  N   . LEU A 1 58  ? -9.689  17.592  -1.611  1.00 18.04 ? 58   LEU A N   1 
ATOM   437  C  CA  . LEU A 1 58  ? -8.944  17.031  -2.738  1.00 18.90 ? 58   LEU A CA  1 
ATOM   438  C  C   . LEU A 1 58  ? -7.602  16.427  -2.273  1.00 18.42 ? 58   LEU A C   1 
ATOM   439  O  O   . LEU A 1 58  ? -7.146  15.434  -2.815  1.00 19.44 ? 58   LEU A O   1 
ATOM   440  C  CB  . LEU A 1 58  ? -8.670  18.106  -3.788  1.00 20.77 ? 58   LEU A CB  1 
ATOM   441  C  CG  . LEU A 1 58  ? -9.879  18.663  -4.556  1.00 20.24 ? 58   LEU A CG  1 
ATOM   442  C  CD1 . LEU A 1 58  ? -9.444  19.858  -5.410  1.00 25.70 ? 58   LEU A CD1 1 
ATOM   443  C  CD2 . LEU A 1 58  ? -10.462 17.573  -5.434  1.00 22.45 ? 58   LEU A CD2 1 
ATOM   444  N  N   . SER A 1 59  ? -6.966  17.040  -1.280  1.00 16.28 ? 59   SER A N   1 
ATOM   445  C  CA  . SER A 1 59  ? -5.690  16.537  -0.774  1.00 17.16 ? 59   SER A CA  1 
ATOM   446  C  C   . SER A 1 59  ? -5.882  15.194  -0.076  1.00 16.96 ? 59   SER A C   1 
ATOM   447  O  O   . SER A 1 59  ? -5.066  14.275  -0.222  1.00 20.36 ? 59   SER A O   1 
ATOM   448  C  CB  . SER A 1 59  ? -5.087  17.553  0.187   1.00 15.73 ? 59   SER A CB  1 
ATOM   449  O  OG  . SER A 1 59  ? -4.597  18.655  -0.551  1.00 25.41 ? 59   SER A OG  1 
ATOM   450  N  N   . ALA A 1 60  ? -6.971  15.099  0.679   1.00 18.96 ? 60   ALA A N   1 
ATOM   451  C  CA  . ALA A 1 60  ? -7.335  13.866  1.384   1.00 20.50 ? 60   ALA A CA  1 
ATOM   452  C  C   . ALA A 1 60  ? -7.563  12.744  0.374   1.00 22.74 ? 60   ALA A C   1 
ATOM   453  O  O   . ALA A 1 60  ? -7.034  11.639  0.516   1.00 20.33 ? 60   ALA A O   1 
ATOM   454  C  CB  . ALA A 1 60  ? -8.580  14.099  2.161   1.00 18.87 ? 60   ALA A CB  1 
ATOM   455  N  N   . GLU A 1 61  ? -8.386  13.021  -0.631  1.00 19.16 ? 61   GLU A N   1 
ATOM   456  C  CA  . GLU A 1 61  ? -8.660  12.038  -1.684  1.00 19.17 ? 61   GLU A CA  1 
ATOM   457  C  C   . GLU A 1 61  ? -7.374  11.551  -2.349  1.00 21.82 ? 61   GLU A C   1 
ATOM   458  O  O   . GLU A 1 61  ? -7.167  10.344  -2.523  1.00 17.72 ? 61   GLU A O   1 
ATOM   459  C  CB  . GLU A 1 61  ? -9.580  12.647  -2.747  1.00 27.06 ? 61   GLU A CB  1 
ATOM   460  C  CG  . GLU A 1 61  ? -9.635  11.844  -4.041  1.00 32.85 ? 61   GLU A CG  1 
ATOM   461  C  CD  . GLU A 1 61  ? -10.458 12.509  -5.126  1.00 41.93 ? 61   GLU A CD  1 
ATOM   462  O  OE1 . GLU A 1 61  ? -10.340 13.741  -5.300  1.00 38.11 ? 61   GLU A OE1 1 
ATOM   463  O  OE2 . GLU A 1 61  ? -11.213 11.791  -5.815  1.00 39.88 ? 61   GLU A OE2 1 
ATOM   464  N  N   . LYS A 1 62  ? -6.499  12.487  -2.722  1.00 17.89 ? 62   LYS A N   1 
ATOM   465  C  CA  . LYS A 1 62  ? -5.249  12.122  -3.383  1.00 19.55 ? 62   LYS A CA  1 
ATOM   466  C  C   . LYS A 1 62  ? -4.298  11.299  -2.506  1.00 18.12 ? 62   LYS A C   1 
ATOM   467  O  O   . LYS A 1 62  ? -3.704  10.340  -2.991  1.00 20.95 ? 62   LYS A O   1 
ATOM   468  C  CB  . LYS A 1 62  ? -4.505  13.383  -3.871  1.00 23.09 ? 62   LYS A CB  1 
ATOM   469  C  CG  . LYS A 1 62  ? -3.439  13.080  -4.917  1.00 33.91 ? 62   LYS A CG  1 
ATOM   470  C  CD  . LYS A 1 62  ? -4.112  12.659  -6.213  1.00 40.41 ? 62   LYS A CD  1 
ATOM   471  C  CE  . LYS A 1 62  ? -3.128  12.294  -7.300  1.00 47.86 ? 62   LYS A CE  1 
ATOM   472  N  NZ  . LYS A 1 62  ? -3.879  11.962  -8.544  1.00 43.87 ? 62   LYS A NZ  1 
ATOM   473  N  N   . SER A 1 63  ? -4.145  11.660  -1.234  1.00 23.63 ? 63   SER A N   1 
ATOM   474  C  CA  . SER A 1 63  ? -3.237  10.909  -0.357  1.00 23.84 ? 63   SER A CA  1 
ATOM   475  C  C   . SER A 1 63  ? -3.764  9.486   -0.139  1.00 21.34 ? 63   SER A C   1 
ATOM   476  O  O   . SER A 1 63  ? -2.990  8.539   -0.129  1.00 22.24 ? 63   SER A O   1 
ATOM   477  C  CB  . SER A 1 63  ? -3.032  11.608  0.995   1.00 27.19 ? 63   SER A CB  1 
ATOM   478  O  OG  . SER A 1 63  ? -4.175  11.532  1.827   1.00 37.57 ? 63   SER A OG  1 
ATOM   479  N  N   . SER A 1 64  ? -5.072  9.344   0.047   1.00 16.43 ? 64   SER A N   1 
ATOM   480  C  CA  . SER A 1 64  ? -5.661  8.018   0.210   1.00 18.99 ? 64   SER A CA  1 
ATOM   481  C  C   . SER A 1 64  ? -5.458  7.234   -1.086  1.00 21.31 ? 64   SER A C   1 
ATOM   482  O  O   . SER A 1 64  ? -5.093  6.060   -1.060  1.00 21.71 ? 64   SER A O   1 
ATOM   483  C  CB  . SER A 1 64  ? -7.161  8.102   0.512   1.00 24.07 ? 64   SER A CB  1 
ATOM   484  O  OG  . SER A 1 64  ? -7.739  6.799   0.470   1.00 23.50 ? 64   SER A OG  1 
ATOM   485  N  N   . ALA A 1 65  ? -5.688  7.870   -2.229  1.00 18.77 ? 65   ALA A N   1 
ATOM   486  C  CA  . ALA A 1 65  ? -5.496  7.159   -3.496  1.00 22.12 ? 65   ALA A CA  1 
ATOM   487  C  C   . ALA A 1 65  ? -4.059  6.628   -3.642  1.00 21.51 ? 65   ALA A C   1 
ATOM   488  O  O   . ALA A 1 65  ? -3.841  5.514   -4.135  1.00 20.91 ? 65   ALA A O   1 
ATOM   489  C  CB  . ALA A 1 65  ? -5.857  8.064   -4.679  1.00 22.34 ? 65   ALA A CB  1 
ATOM   490  N  N   . ARG A 1 66  ? -3.069  7.414   -3.222  1.00 17.76 ? 66   ARG A N   1 
ATOM   491  C  CA  . ARG A 1 66  ? -1.672  6.963   -3.310  1.00 20.84 ? 66   ARG A CA  1 
ATOM   492  C  C   . ARG A 1 66  ? -1.416  5.732   -2.455  1.00 19.43 ? 66   ARG A C   1 
ATOM   493  O  O   . ARG A 1 66  ? -0.710  4.821   -2.871  1.00 26.53 ? 66   ARG A O   1 
ATOM   494  C  CB  . ARG A 1 66  ? -0.700  8.053   -2.854  1.00 24.05 ? 66   ARG A CB  1 
ATOM   495  C  CG  . ARG A 1 66  ? -0.596  9.233   -3.781  1.00 36.86 ? 66   ARG A CG  1 
ATOM   496  C  CD  . ARG A 1 66  ? 0.761   9.882   -3.623  1.00 42.99 ? 66   ARG A CD  1 
ATOM   497  N  NE  . ARG A 1 66  ? 0.854   11.132  -4.359  1.00 45.99 ? 66   ARG A NE  1 
ATOM   498  C  CZ  . ARG A 1 66  ? 0.486   12.311  -3.877  1.00 47.62 ? 66   ARG A CZ  1 
ATOM   499  N  NH1 . ARG A 1 66  ? -0.006  12.410  -2.646  1.00 51.64 ? 66   ARG A NH1 1 
ATOM   500  N  NH2 . ARG A 1 66  ? 0.612   13.391  -4.629  1.00 49.26 ? 66   ARG A NH2 1 
ATOM   501  N  N   . LYS A 1 67  ? -1.973  5.710   -1.249  1.00 19.33 ? 67   LYS A N   1 
ATOM   502  C  CA  . LYS A 1 67  ? -1.777  4.569   -0.364  1.00 21.63 ? 67   LYS A CA  1 
ATOM   503  C  C   . LYS A 1 67  ? -2.471  3.330   -0.927  1.00 22.07 ? 67   LYS A C   1 
ATOM   504  O  O   . LYS A 1 67  ? -1.957  2.218   -0.830  1.00 21.33 ? 67   LYS A O   1 
ATOM   505  C  CB  . LYS A 1 67  ? -2.315  4.872   1.026   1.00 22.25 ? 67   LYS A CB  1 
ATOM   506  C  CG  . LYS A 1 67  ? -1.574  5.980   1.769   1.00 28.77 ? 67   LYS A CG  1 
ATOM   507  C  CD  . LYS A 1 67  ? -2.298  6.323   3.071   1.00 36.26 ? 67   LYS A CD  1 
ATOM   508  C  CE  . LYS A 1 67  ? -1.484  7.275   3.937   1.00 39.96 ? 67   LYS A CE  1 
ATOM   509  N  NZ  . LYS A 1 67  ? -0.260  6.612   4.463   1.00 37.93 ? 67   LYS A NZ  1 
ATOM   510  N  N   . VAL A 1 68  ? -3.649  3.515   -1.507  1.00 15.82 ? 68   VAL A N   1 
ATOM   511  C  CA  . VAL A 1 68  ? -4.332  2.366   -2.071  1.00 21.16 ? 68   VAL A CA  1 
ATOM   512  C  C   . VAL A 1 68  ? -3.532  1.871   -3.293  1.00 21.83 ? 68   VAL A C   1 
ATOM   513  O  O   . VAL A 1 68  ? -3.471  0.663   -3.571  1.00 18.13 ? 68   VAL A O   1 
ATOM   514  C  CB  . VAL A 1 68  ? -5.785  2.735   -2.451  1.00 16.77 ? 68   VAL A CB  1 
ATOM   515  C  CG1 . VAL A 1 68  ? -6.453  1.566   -3.178  1.00 24.32 ? 68   VAL A CG1 1 
ATOM   516  C  CG2 . VAL A 1 68  ? -6.578  3.075   -1.172  1.00 10.56 ? 68   VAL A CG2 1 
ATOM   517  N  N   . ASP A 1 69  ? -2.906  2.795   -4.021  1.00 20.36 ? 69   ASP A N   1 
ATOM   518  C  CA  . ASP A 1 69  ? -2.113  2.400   -5.184  1.00 21.48 ? 69   ASP A CA  1 
ATOM   519  C  C   . ASP A 1 69  ? -0.852  1.660   -4.776  1.00 18.80 ? 69   ASP A C   1 
ATOM   520  O  O   . ASP A 1 69  ? -0.343  0.853   -5.547  1.00 24.26 ? 69   ASP A O   1 
ATOM   521  C  CB  . ASP A 1 69  ? -1.698  3.597   -6.043  1.00 25.85 ? 69   ASP A CB  1 
ATOM   522  C  CG  . ASP A 1 69  ? -0.937  3.161   -7.292  1.00 37.15 ? 69   ASP A CG  1 
ATOM   523  O  OD1 . ASP A 1 69  ? -1.535  2.471   -8.149  1.00 46.42 ? 69   ASP A OD1 1 
ATOM   524  O  OD2 . ASP A 1 69  ? 0.260   3.487   -7.417  1.00 42.23 ? 69   ASP A OD2 1 
ATOM   525  N  N   . GLU A 1 70  ? -0.326  1.960   -3.589  1.00 21.72 ? 70   GLU A N   1 
ATOM   526  C  CA  . GLU A 1 70  ? 0.864   1.270   -3.090  1.00 24.52 ? 70   GLU A CA  1 
ATOM   527  C  C   . GLU A 1 70  ? 0.465   -0.172  -2.837  1.00 20.94 ? 70   GLU A C   1 
ATOM   528  O  O   . GLU A 1 70  ? 1.224   -1.099  -3.122  1.00 20.12 ? 70   GLU A O   1 
ATOM   529  C  CB  . GLU A 1 70  ? 1.342   1.859   -1.759  1.00 28.71 ? 70   GLU A CB  1 
ATOM   530  C  CG  . GLU A 1 70  ? 2.065   3.188   -1.842  1.00 40.32 ? 70   GLU A CG  1 
ATOM   531  C  CD  . GLU A 1 70  ? 2.413   3.728   -0.467  1.00 47.53 ? 70   GLU A CD  1 
ATOM   532  O  OE1 . GLU A 1 70  ? 2.886   2.937   0.387   1.00 50.72 ? 70   GLU A OE1 1 
ATOM   533  O  OE2 . GLU A 1 70  ? 2.220   4.940   -0.239  1.00 52.11 ? 70   GLU A OE2 1 
ATOM   534  N  N   . ASN A 1 71  ? -0.731  -0.362  -2.281  1.00 18.16 ? 71   ASN A N   1 
ATOM   535  C  CA  . ASN A 1 71  ? -1.185  -1.711  -2.006  1.00 18.57 ? 71   ASN A CA  1 
ATOM   536  C  C   . ASN A 1 71  ? -1.415  -2.411  -3.330  1.00 13.98 ? 71   ASN A C   1 
ATOM   537  O  O   . ASN A 1 71  ? -1.107  -3.596  -3.467  1.00 16.34 ? 71   ASN A O   1 
ATOM   538  C  CB  . ASN A 1 71  ? -2.468  -1.707  -1.154  1.00 17.12 ? 71   ASN A CB  1 
ATOM   539  C  CG  . ASN A 1 71  ? -2.200  -1.396  0.318   1.00 21.61 ? 71   ASN A CG  1 
ATOM   540  O  OD1 . ASN A 1 71  ? -3.113  -1.416  1.135   1.00 24.99 ? 71   ASN A OD1 1 
ATOM   541  N  ND2 . ASN A 1 71  ? -0.946  -1.111  0.654   1.00 17.03 ? 71   ASN A ND2 1 
ATOM   542  N  N   . LYS A 1 72  ? -1.933  -1.687  -4.320  1.00 14.70 ? 72   LYS A N   1 
ATOM   543  C  CA  . LYS A 1 72  ? -2.166  -2.332  -5.598  1.00 15.89 ? 72   LYS A CA  1 
ATOM   544  C  C   . LYS A 1 72  ? -0.857  -2.854  -6.188  1.00 19.30 ? 72   LYS A C   1 
ATOM   545  O  O   . LYS A 1 72  ? -0.810  -3.952  -6.725  1.00 21.95 ? 72   LYS A O   1 
ATOM   546  C  CB  . LYS A 1 72  ? -2.854  -1.398  -6.588  1.00 18.29 ? 72   LYS A CB  1 
ATOM   547  C  CG  . LYS A 1 72  ? -2.891  -1.999  -7.988  1.00 25.35 ? 72   LYS A CG  1 
ATOM   548  C  CD  . LYS A 1 72  ? -4.067  -1.546  -8.839  1.00 31.24 ? 72   LYS A CD  1 
ATOM   549  C  CE  . LYS A 1 72  ? -4.014  -2.270  -10.197 1.00 37.61 ? 72   LYS A CE  1 
ATOM   550  N  NZ  . LYS A 1 72  ? -5.315  -2.281  -10.935 1.00 35.29 ? 72   LYS A NZ  1 
ATOM   551  N  N   . GLN A 1 73  ? 0.211   -2.071  -6.091  1.00 21.94 ? 73   GLN A N   1 
ATOM   552  C  CA  . GLN A 1 73  ? 1.492   -2.520  -6.622  1.00 24.35 ? 73   GLN A CA  1 
ATOM   553  C  C   . GLN A 1 73  ? 1.974   -3.781  -5.904  1.00 22.59 ? 73   GLN A C   1 
ATOM   554  O  O   . GLN A 1 73  ? 2.492   -4.720  -6.533  1.00 21.50 ? 73   GLN A O   1 
ATOM   555  C  CB  . GLN A 1 73  ? 2.533   -1.407  -6.496  1.00 26.00 ? 73   GLN A CB  1 
ATOM   556  C  CG  . GLN A 1 73  ? 2.277   -0.245  -7.442  1.00 36.71 ? 73   GLN A CG  1 
ATOM   557  C  CD  . GLN A 1 73  ? 2.069   -0.719  -8.864  1.00 40.65 ? 73   GLN A CD  1 
ATOM   558  O  OE1 . GLN A 1 73  ? 2.806   -1.582  -9.349  1.00 46.71 ? 73   GLN A OE1 1 
ATOM   559  N  NE2 . GLN A 1 73  ? 1.071   -0.162  -9.542  1.00 47.98 ? 73   GLN A NE2 1 
ATOM   560  N  N   . LEU A 1 74  ? 1.807   -3.812  -4.588  1.00 16.24 ? 74   LEU A N   1 
ATOM   561  C  CA  . LEU A 1 74  ? 2.215   -4.981  -3.824  1.00 19.27 ? 74   LEU A CA  1 
ATOM   562  C  C   . LEU A 1 74  ? 1.430   -6.210  -4.262  1.00 19.46 ? 74   LEU A C   1 
ATOM   563  O  O   . LEU A 1 74  ? 1.960   -7.313  -4.286  1.00 16.23 ? 74   LEU A O   1 
ATOM   564  C  CB  . LEU A 1 74  ? 1.993   -4.762  -2.319  1.00 15.52 ? 74   LEU A CB  1 
ATOM   565  C  CG  . LEU A 1 74  ? 3.062   -3.900  -1.648  1.00 27.90 ? 74   LEU A CG  1 
ATOM   566  C  CD1 . LEU A 1 74  ? 2.671   -3.550  -0.225  1.00 26.03 ? 74   LEU A CD1 1 
ATOM   567  C  CD2 . LEU A 1 74  ? 4.380   -4.664  -1.681  1.00 30.07 ? 74   LEU A CD2 1 
ATOM   568  N  N   . LEU A 1 75  ? 0.162   -6.013  -4.604  1.00 18.28 ? 75   LEU A N   1 
ATOM   569  C  CA  . LEU A 1 75  ? -0.671  -7.137  -5.013  1.00 19.70 ? 75   LEU A CA  1 
ATOM   570  C  C   . LEU A 1 75  ? -0.229  -7.684  -6.353  1.00 19.26 ? 75   LEU A C   1 
ATOM   571  O  O   . LEU A 1 75  ? -0.283  -8.897  -6.595  1.00 14.99 ? 75   LEU A O   1 
ATOM   572  C  CB  . LEU A 1 75  ? -2.126  -6.704  -5.086  1.00 15.93 ? 75   LEU A CB  1 
ATOM   573  C  CG  . LEU A 1 75  ? -2.873  -6.591  -3.766  1.00 12.42 ? 75   LEU A CG  1 
ATOM   574  C  CD1 . LEU A 1 75  ? -4.083  -5.678  -3.995  1.00 11.58 ? 75   LEU A CD1 1 
ATOM   575  C  CD2 . LEU A 1 75  ? -3.326  -7.971  -3.268  1.00 18.13 ? 75   LEU A CD2 1 
ATOM   576  N  N   . LYS A 1 76  ? 0.198   -6.784  -7.232  1.00 19.15 ? 76   LYS A N   1 
ATOM   577  C  CA  . LYS A 1 76  ? 0.673   -7.184  -8.559  1.00 23.70 ? 76   LYS A CA  1 
ATOM   578  C  C   . LYS A 1 76  ? 1.963   -7.983  -8.435  1.00 18.98 ? 76   LYS A C   1 
ATOM   579  O  O   . LYS A 1 76  ? 2.160   -8.967  -9.152  1.00 25.97 ? 76   LYS A O   1 
ATOM   580  C  CB  . LYS A 1 76  ? 0.890   -5.946  -9.438  1.00 25.49 ? 76   LYS A CB  1 
ATOM   581  C  CG  . LYS A 1 76  ? -0.396  -5.249  -9.847  1.00 24.15 ? 76   LYS A CG  1 
ATOM   582  C  CD  . LYS A 1 76  ? -1.282  -6.177  -10.660 1.00 40.79 ? 76   LYS A CD  1 
ATOM   583  C  CE  . LYS A 1 76  ? -2.568  -5.510  -11.133 1.00 46.61 ? 76   LYS A CE  1 
ATOM   584  N  NZ  . LYS A 1 76  ? -2.359  -4.513  -12.228 1.00 51.34 ? 76   LYS A NZ  1 
ATOM   585  N  N   . GLN A 1 77  ? 2.842   -7.573  -7.532  1.00 19.66 ? 77   GLN A N   1 
ATOM   586  C  CA  . GLN A 1 77  ? 4.088   -8.292  -7.306  1.00 18.90 ? 77   GLN A CA  1 
ATOM   587  C  C   . GLN A 1 77  ? 3.768   -9.687  -6.750  1.00 19.85 ? 77   GLN A C   1 
ATOM   588  O  O   . GLN A 1 77  ? 4.374   -10.661 -7.159  1.00 18.09 ? 77   GLN A O   1 
ATOM   589  C  CB  . GLN A 1 77  ? 4.981   -7.540  -6.305  1.00 24.84 ? 77   GLN A CB  1 
ATOM   590  C  CG  . GLN A 1 77  ? 5.411   -6.148  -6.762  1.00 24.15 ? 77   GLN A CG  1 
ATOM   591  C  CD  . GLN A 1 77  ? 6.471   -5.539  -5.869  1.00 38.67 ? 77   GLN A CD  1 
ATOM   592  O  OE1 . GLN A 1 77  ? 6.429   -5.681  -4.645  1.00 37.67 ? 77   GLN A OE1 1 
ATOM   593  N  NE2 . GLN A 1 77  ? 7.427   -4.843  -6.479  1.00 46.78 ? 77   GLN A NE2 1 
ATOM   594  N  N   . ILE A 1 78  ? 2.822   -9.779  -5.814  1.00 17.42 ? 78   ILE A N   1 
ATOM   595  C  CA  . ILE A 1 78  ? 2.461   -11.093 -5.243  1.00 13.95 ? 78   ILE A CA  1 
ATOM   596  C  C   . ILE A 1 78  ? 1.834   -11.969 -6.328  1.00 17.35 ? 78   ILE A C   1 
ATOM   597  O  O   . ILE A 1 78  ? 2.144   -13.157 -6.446  1.00 15.34 ? 78   ILE A O   1 
ATOM   598  C  CB  . ILE A 1 78  ? 1.458   -10.945 -4.061  1.00 13.44 ? 78   ILE A CB  1 
ATOM   599  C  CG1 . ILE A 1 78  ? 2.180   -10.347 -2.853  1.00 12.79 ? 78   ILE A CG1 1 
ATOM   600  C  CG2 . ILE A 1 78  ? 0.862   -12.303 -3.671  1.00 17.06 ? 78   ILE A CG2 1 
ATOM   601  C  CD1 . ILE A 1 78  ? 1.214   -9.848  -1.768  1.00 21.35 ? 78   ILE A CD1 1 
ATOM   602  N  N   . GLN A 1 79  ? 0.954   -11.389 -7.134  1.00 17.64 ? 79   GLN A N   1 
ATOM   603  C  CA  . GLN A 1 79  ? 0.324   -12.177 -8.182  1.00 23.89 ? 79   GLN A CA  1 
ATOM   604  C  C   . GLN A 1 79  ? 1.340   -12.779 -9.159  1.00 27.30 ? 79   GLN A C   1 
ATOM   605  O  O   . GLN A 1 79  ? 1.284   -13.962 -9.493  1.00 23.07 ? 79   GLN A O   1 
ATOM   606  C  CB  . GLN A 1 79  ? -0.680  -11.309 -8.941  1.00 30.37 ? 79   GLN A CB  1 
ATOM   607  C  CG  . GLN A 1 79  ? -1.457  -12.037 -10.019 1.00 39.93 ? 79   GLN A CG  1 
ATOM   608  C  CD  . GLN A 1 79  ? -2.544  -11.159 -10.623 1.00 45.74 ? 79   GLN A CD  1 
ATOM   609  O  OE1 . GLN A 1 79  ? -2.272  -10.066 -11.131 1.00 43.67 ? 79   GLN A OE1 1 
ATOM   610  N  NE2 . GLN A 1 79  ? -3.783  -11.634 -10.566 1.00 36.92 ? 79   GLN A NE2 1 
ATOM   611  N  N   . GLU A 1 80  ? 2.282   -11.976 -9.623  1.00 28.04 ? 80   GLU A N   1 
ATOM   612  C  CA  . GLU A 1 80  ? 3.249   -12.496 -10.576 1.00 28.43 ? 80   GLU A CA  1 
ATOM   613  C  C   . GLU A 1 80  ? 4.195   -13.496 -9.896  1.00 25.74 ? 80   GLU A C   1 
ATOM   614  O  O   . GLU A 1 80  ? 4.652   -14.472 -10.499 1.00 25.73 ? 80   GLU A O   1 
ATOM   615  C  CB  . GLU A 1 80  ? 3.994   -11.319 -11.202 1.00 31.24 ? 80   GLU A CB  1 
ATOM   616  C  CG  . GLU A 1 80  ? 4.923   -10.574 -10.271 1.00 33.82 ? 80   GLU A CG  1 
ATOM   617  C  CD  . GLU A 1 80  ? 6.311   -11.155 -10.315 1.00 42.39 ? 80   GLU A CD  1 
ATOM   618  O  OE1 . GLU A 1 80  ? 6.814   -11.315 -11.445 1.00 45.11 ? 80   GLU A OE1 1 
ATOM   619  O  OE2 . GLU A 1 80  ? 6.894   -11.450 -9.244  1.00 48.06 ? 80   GLU A OE2 1 
ATOM   620  N  N   . SER A 1 81  ? 4.472   -13.266 -8.624  1.00 20.30 ? 81   SER A N   1 
ATOM   621  C  CA  . SER A 1 81  ? 5.340   -14.152 -7.879  1.00 16.47 ? 81   SER A CA  1 
ATOM   622  C  C   . SER A 1 81  ? 4.697   -15.555 -7.741  1.00 15.76 ? 81   SER A C   1 
ATOM   623  O  O   . SER A 1 81  ? 5.353   -16.585 -7.913  1.00 19.30 ? 81   SER A O   1 
ATOM   624  C  CB  . SER A 1 81  ? 5.581   -13.547 -6.506  1.00 22.22 ? 81   SER A CB  1 
ATOM   625  O  OG  . SER A 1 81  ? 6.519   -14.319 -5.811  1.00 31.46 ? 81   SER A OG  1 
ATOM   626  N  N   . VAL A 1 82  ? 3.415   -15.590 -7.413  1.00 14.77 ? 82   VAL A N   1 
ATOM   627  C  CA  . VAL A 1 82  ? 2.729   -16.875 -7.274  1.00 16.59 ? 82   VAL A CA  1 
ATOM   628  C  C   . VAL A 1 82  ? 2.660   -17.567 -8.626  1.00 22.25 ? 82   VAL A C   1 
ATOM   629  O  O   . VAL A 1 82  ? 2.822   -18.783 -8.706  1.00 19.70 ? 82   VAL A O   1 
ATOM   630  C  CB  . VAL A 1 82  ? 1.315   -16.688 -6.698  1.00 19.47 ? 82   VAL A CB  1 
ATOM   631  C  CG1 . VAL A 1 82  ? 0.562   -18.002 -6.686  1.00 23.80 ? 82   VAL A CG1 1 
ATOM   632  C  CG2 . VAL A 1 82  ? 1.433   -16.149 -5.275  1.00 19.54 ? 82   VAL A CG2 1 
ATOM   633  N  N   . GLU A 1 83  ? 2.445   -16.789 -9.686  1.00 19.66 ? 83   GLU A N   1 
ATOM   634  C  CA  . GLU A 1 83  ? 2.371   -17.333 -11.047 1.00 26.18 ? 83   GLU A CA  1 
ATOM   635  C  C   . GLU A 1 83  ? 3.692   -17.950 -11.484 1.00 30.01 ? 83   GLU A C   1 
ATOM   636  O  O   . GLU A 1 83  ? 3.728   -19.037 -12.070 1.00 31.34 ? 83   GLU A O   1 
ATOM   637  C  CB  . GLU A 1 83  ? 1.981   -16.226 -12.027 1.00 35.28 ? 83   GLU A CB  1 
ATOM   638  C  CG  . GLU A 1 83  ? 0.600   -15.653 -11.795 1.00 43.57 ? 83   GLU A CG  1 
ATOM   639  C  CD  . GLU A 1 83  ? -0.506  -16.628 -12.125 1.00 51.96 ? 83   GLU A CD  1 
ATOM   640  O  OE1 . GLU A 1 83  ? -0.447  -17.237 -13.215 1.00 60.11 ? 83   GLU A OE1 1 
ATOM   641  O  OE2 . GLU A 1 83  ? -1.441  -16.777 -11.307 1.00 57.93 ? 83   GLU A OE2 1 
ATOM   642  N  N   . SER A 1 84  ? 4.783   -17.247 -11.197 1.00 30.57 ? 84   SER A N   1 
ATOM   643  C  CA  . SER A 1 84  ? 6.124   -17.715 -11.524 1.00 30.87 ? 84   SER A CA  1 
ATOM   644  C  C   . SER A 1 84  ? 6.383   -19.027 -10.762 1.00 32.07 ? 84   SER A C   1 
ATOM   645  O  O   . SER A 1 84  ? 6.898   -19.996 -11.313 1.00 38.41 ? 84   SER A O   1 
ATOM   646  C  CB  . SER A 1 84  ? 7.139   -16.632 -11.124 1.00 32.09 ? 84   SER A CB  1 
ATOM   647  O  OG  . SER A 1 84  ? 8.471   -17.117 -11.028 1.00 37.04 ? 84   SER A OG  1 
ATOM   648  N  N   . PHE A 1 85  ? 6.008   -19.048 -9.491  1.00 22.29 ? 85   PHE A N   1 
ATOM   649  C  CA  . PHE A 1 85  ? 6.187   -20.214 -8.630  1.00 24.68 ? 85   PHE A CA  1 
ATOM   650  C  C   . PHE A 1 85  ? 5.452   -21.436 -9.181  1.00 18.40 ? 85   PHE A C   1 
ATOM   651  O  O   . PHE A 1 85  ? 6.013   -22.527 -9.268  1.00 20.28 ? 85   PHE A O   1 
ATOM   652  C  CB  . PHE A 1 85  ? 5.654   -19.888 -7.235  1.00 20.65 ? 85   PHE A CB  1 
ATOM   653  C  CG  . PHE A 1 85  ? 6.117   -20.822 -6.151  1.00 27.06 ? 85   PHE A CG  1 
ATOM   654  C  CD1 . PHE A 1 85  ? 6.820   -21.991 -6.442  1.00 27.79 ? 85   PHE A CD1 1 
ATOM   655  C  CD2 . PHE A 1 85  ? 5.833   -20.523 -4.818  1.00 25.13 ? 85   PHE A CD2 1 
ATOM   656  C  CE1 . PHE A 1 85  ? 7.235   -22.845 -5.419  1.00 30.24 ? 85   PHE A CE1 1 
ATOM   657  C  CE2 . PHE A 1 85  ? 6.244   -21.372 -3.786  1.00 26.68 ? 85   PHE A CE2 1 
ATOM   658  C  CZ  . PHE A 1 85  ? 6.943   -22.536 -4.089  1.00 32.09 ? 85   PHE A CZ  1 
ATOM   659  N  N   . ARG A 1 86  ? 4.196   -21.247 -9.551  1.00 25.45 ? 86   ARG A N   1 
ATOM   660  C  CA  . ARG A 1 86  ? 3.397   -22.341 -10.083 1.00 27.85 ? 86   ARG A CA  1 
ATOM   661  C  C   . ARG A 1 86  ? 4.084   -22.953 -11.293 1.00 32.55 ? 86   ARG A C   1 
ATOM   662  O  O   . ARG A 1 86  ? 4.205   -24.170 -11.411 1.00 32.27 ? 86   ARG A O   1 
ATOM   663  C  CB  . ARG A 1 86  ? 2.039   -21.822 -10.517 1.00 32.15 ? 86   ARG A CB  1 
ATOM   664  C  CG  . ARG A 1 86  ? 1.009   -22.902 -10.771 1.00 47.82 ? 86   ARG A CG  1 
ATOM   665  C  CD  . ARG A 1 86  ? 0.148   -23.038 -9.546  1.00 47.39 ? 86   ARG A CD  1 
ATOM   666  N  NE  . ARG A 1 86  ? 0.016   -21.736 -8.899  1.00 58.54 ? 86   ARG A NE  1 
ATOM   667  C  CZ  . ARG A 1 86  ? -0.492  -20.652 -9.484  1.00 62.73 ? 86   ARG A CZ  1 
ATOM   668  N  NH1 . ARG A 1 86  ? -0.932  -20.707 -10.735 1.00 66.11 ? 86   ARG A NH1 1 
ATOM   669  N  NH2 . ARG A 1 86  ? -0.525  -19.503 -8.827  1.00 62.07 ? 86   ARG A NH2 1 
ATOM   670  N  N   . ASP A 1 87  ? 4.547   -22.099 -12.191 1.00 28.00 ? 87   ASP A N   1 
ATOM   671  C  CA  . ASP A 1 87  ? 5.191   -22.574 -13.404 1.00 33.79 ? 87   ASP A CA  1 
ATOM   672  C  C   . ASP A 1 87  ? 6.555   -23.219 -13.184 1.00 32.28 ? 87   ASP A C   1 
ATOM   673  O  O   . ASP A 1 87  ? 7.008   -24.015 -14.005 1.00 33.96 ? 87   ASP A O   1 
ATOM   674  C  CB  . ASP A 1 87  ? 5.248   -21.437 -14.420 1.00 40.38 ? 87   ASP A CB  1 
ATOM   675  C  CG  . ASP A 1 87  ? 3.857   -20.890 -14.738 1.00 50.69 ? 87   ASP A CG  1 
ATOM   676  O  OD1 . ASP A 1 87  ? 2.939   -21.709 -14.988 1.00 49.88 ? 87   ASP A OD1 1 
ATOM   677  O  OD2 . ASP A 1 87  ? 3.677   -19.648 -14.739 1.00 55.59 ? 87   ASP A OD2 1 
ATOM   678  N  N   . ILE A 1 88  ? 7.220   -22.885 -12.084 1.00 21.90 ? 88   ILE A N   1 
ATOM   679  C  CA  . ILE A 1 88  ? 8.492   -23.525 -11.767 1.00 26.78 ? 88   ILE A CA  1 
ATOM   680  C  C   . ILE A 1 88  ? 8.132   -24.909 -11.235 1.00 27.25 ? 88   ILE A C   1 
ATOM   681  O  O   . ILE A 1 88  ? 8.829   -25.896 -11.484 1.00 29.77 ? 88   ILE A O   1 
ATOM   682  C  CB  . ILE A 1 88  ? 9.260   -22.740 -10.681 1.00 35.05 ? 88   ILE A CB  1 
ATOM   683  C  CG1 . ILE A 1 88  ? 10.157  -21.687 -11.343 1.00 38.49 ? 88   ILE A CG1 1 
ATOM   684  C  CG2 . ILE A 1 88  ? 10.101  -23.696 -9.834  1.00 36.97 ? 88   ILE A CG2 1 
ATOM   685  C  CD1 . ILE A 1 88  ? 9.451   -20.823 -12.367 1.00 47.85 ? 88   ILE A CD1 1 
ATOM   686  N  N   . TYR A 1 89  ? 7.040   -24.966 -10.483 1.00 22.57 ? 89   TYR A N   1 
ATOM   687  C  CA  . TYR A 1 89  ? 6.567   -26.221 -9.926  1.00 20.25 ? 89   TYR A CA  1 
ATOM   688  C  C   . TYR A 1 89  ? 6.108   -27.129 -11.061 1.00 27.51 ? 89   TYR A C   1 
ATOM   689  O  O   . TYR A 1 89  ? 6.380   -28.327 -11.055 1.00 24.83 ? 89   TYR A O   1 
ATOM   690  C  CB  . TYR A 1 89  ? 5.408   -25.979 -8.964  1.00 25.02 ? 89   TYR A CB  1 
ATOM   691  C  CG  . TYR A 1 89  ? 4.938   -27.243 -8.279  1.00 29.03 ? 89   TYR A CG  1 
ATOM   692  C  CD1 . TYR A 1 89  ? 5.661   -27.797 -7.230  1.00 36.37 ? 89   TYR A CD1 1 
ATOM   693  C  CD2 . TYR A 1 89  ? 3.792   -27.910 -8.711  1.00 39.07 ? 89   TYR A CD2 1 
ATOM   694  C  CE1 . TYR A 1 89  ? 5.258   -28.986 -6.625  1.00 34.63 ? 89   TYR A CE1 1 
ATOM   695  C  CE2 . TYR A 1 89  ? 3.377   -29.102 -8.114  1.00 38.79 ? 89   TYR A CE2 1 
ATOM   696  C  CZ  . TYR A 1 89  ? 4.113   -29.631 -7.074  1.00 41.81 ? 89   TYR A CZ  1 
ATOM   697  O  OH  . TYR A 1 89  ? 3.696   -30.794 -6.468  1.00 44.96 ? 89   TYR A OH  1 
ATOM   698  N  N   . LYS A 1 90  ? 5.420   -26.558 -12.048 1.00 29.20 ? 90   LYS A N   1 
ATOM   699  C  CA  . LYS A 1 90  ? 4.948   -27.355 -13.179 1.00 35.10 ? 90   LYS A CA  1 
ATOM   700  C  C   . LYS A 1 90  ? 6.120   -27.967 -13.927 1.00 35.71 ? 90   LYS A C   1 
ATOM   701  O  O   . LYS A 1 90  ? 6.132   -29.167 -14.203 1.00 36.65 ? 90   LYS A O   1 
ATOM   702  C  CB  . LYS A 1 90  ? 4.120   -26.502 -14.142 1.00 41.88 ? 90   LYS A CB  1 
ATOM   703  C  CG  . LYS A 1 90  ? 2.892   -25.886 -13.504 1.00 51.00 ? 90   LYS A CG  1 
ATOM   704  C  CD  . LYS A 1 90  ? 2.001   -26.946 -12.885 1.00 55.22 ? 90   LYS A CD  1 
ATOM   705  C  CE  . LYS A 1 90  ? 1.502   -26.489 -11.530 1.00 60.97 ? 90   LYS A CE  1 
ATOM   706  N  NZ  . LYS A 1 90  ? 2.648   -26.214 -10.620 1.00 63.11 ? 90   LYS A NZ  1 
ATOM   707  N  N   . ARG A 1 91  ? 7.109   -27.145 -14.250 1.00 38.58 ? 91   ARG A N   1 
ATOM   708  C  CA  . ARG A 1 91  ? 8.281   -27.626 -14.963 1.00 37.36 ? 91   ARG A CA  1 
ATOM   709  C  C   . ARG A 1 91  ? 8.959   -28.739 -14.168 1.00 37.51 ? 91   ARG A C   1 
ATOM   710  O  O   . ARG A 1 91  ? 9.296   -29.782 -14.724 1.00 31.80 ? 91   ARG A O   1 
ATOM   711  C  CB  . ARG A 1 91  ? 9.272   -26.482 -15.206 1.00 43.31 ? 91   ARG A CB  1 
ATOM   712  C  CG  . ARG A 1 91  ? 8.710   -25.319 -16.040 1.00 47.81 ? 91   ARG A CG  1 
ATOM   713  C  CD  . ARG A 1 91  ? 9.791   -24.299 -16.417 1.00 54.07 ? 91   ARG A CD  1 
ATOM   714  N  NE  . ARG A 1 91  ? 10.218  -24.440 -17.811 1.00 59.05 ? 91   ARG A NE  1 
ATOM   715  C  CZ  . ARG A 1 91  ? 11.186  -23.728 -18.384 1.00 63.17 ? 91   ARG A CZ  1 
ATOM   716  N  NH1 . ARG A 1 91  ? 11.851  -22.812 -17.689 1.00 61.55 ? 91   ARG A NH1 1 
ATOM   717  N  NH2 . ARG A 1 91  ? 11.486  -23.924 -19.663 1.00 63.47 ? 91   ARG A NH2 1 
ATOM   718  N  N   . PHE A 1 92  ? 9.145   -28.523 -12.865 1.00 27.51 ? 92   PHE A N   1 
ATOM   719  C  CA  . PHE A 1 92  ? 9.794   -29.522 -12.024 1.00 31.78 ? 92   PHE A CA  1 
ATOM   720  C  C   . PHE A 1 92  ? 9.027   -30.840 -11.924 1.00 25.83 ? 92   PHE A C   1 
ATOM   721  O  O   . PHE A 1 92  ? 9.613   -31.913 -12.049 1.00 33.29 ? 92   PHE A O   1 
ATOM   722  C  CB  . PHE A 1 92  ? 10.010  -28.978 -10.613 1.00 33.45 ? 92   PHE A CB  1 
ATOM   723  C  CG  . PHE A 1 92  ? 10.637  -29.972 -9.682  1.00 33.86 ? 92   PHE A CG  1 
ATOM   724  C  CD1 . PHE A 1 92  ? 11.986  -30.289 -9.791  1.00 36.28 ? 92   PHE A CD1 1 
ATOM   725  C  CD2 . PHE A 1 92  ? 9.870   -30.620 -8.715  1.00 41.12 ? 92   PHE A CD2 1 
ATOM   726  C  CE1 . PHE A 1 92  ? 12.572  -31.244 -8.946  1.00 43.16 ? 92   PHE A CE1 1 
ATOM   727  C  CE2 . PHE A 1 92  ? 10.440  -31.572 -7.864  1.00 45.85 ? 92   PHE A CE2 1 
ATOM   728  C  CZ  . PHE A 1 92  ? 11.796  -31.886 -7.982  1.00 47.46 ? 92   PHE A CZ  1 
ATOM   729  N  N   . SER A 1 93  ? 7.729   -30.756 -11.656 1.00 28.31 ? 93   SER A N   1 
ATOM   730  C  CA  . SER A 1 93  ? 6.895   -31.942 -11.541 1.00 28.45 ? 93   SER A CA  1 
ATOM   731  C  C   . SER A 1 93  ? 6.989   -32.763 -12.820 1.00 32.15 ? 93   SER A C   1 
ATOM   732  O  O   . SER A 1 93  ? 7.158   -33.975 -12.771 1.00 33.39 ? 93   SER A O   1 
ATOM   733  C  CB  . SER A 1 93  ? 5.447   -31.546 -11.283 1.00 36.56 ? 93   SER A CB  1 
ATOM   734  O  OG  . SER A 1 93  ? 4.935   -30.815 -12.383 1.00 44.45 ? 93   SER A OG  1 
ATOM   735  N  N   . GLU A 1 94  ? 6.880   -32.100 -13.968 1.00 33.83 ? 94   GLU A N   1 
ATOM   736  C  CA  . GLU A 1 94  ? 6.978   -32.788 -15.251 1.00 36.92 ? 94   GLU A CA  1 
ATOM   737  C  C   . GLU A 1 94  ? 8.332   -33.495 -15.374 1.00 36.62 ? 94   GLU A C   1 
ATOM   738  O  O   . GLU A 1 94  ? 8.413   -34.637 -15.828 1.00 37.69 ? 94   GLU A O   1 
ATOM   739  C  CB  . GLU A 1 94  ? 6.805   -31.788 -16.394 1.00 41.15 ? 94   GLU A CB  1 
ATOM   740  C  CG  . GLU A 1 94  ? 6.968   -32.394 -17.781 1.00 52.31 ? 94   GLU A CG  1 
ATOM   741  C  CD  . GLU A 1 94  ? 5.725   -32.239 -18.627 1.00 52.59 ? 94   GLU A CD  1 
ATOM   742  O  OE1 . GLU A 1 94  ? 5.222   -31.100 -18.726 1.00 61.07 ? 94   GLU A OE1 1 
ATOM   743  O  OE2 . GLU A 1 94  ? 5.253   -33.249 -19.196 1.00 55.10 ? 94   GLU A OE2 1 
ATOM   744  N  N   . TYR A 1 95  ? 9.398   -32.811 -14.983 1.00 31.94 ? 95   TYR A N   1 
ATOM   745  C  CA  . TYR A 1 95  ? 10.730  -33.400 -15.035 1.00 34.46 ? 95   TYR A CA  1 
ATOM   746  C  C   . TYR A 1 95  ? 10.749  -34.645 -14.152 1.00 36.15 ? 95   TYR A C   1 
ATOM   747  O  O   . TYR A 1 95  ? 11.247  -35.706 -14.554 1.00 30.70 ? 95   TYR A O   1 
ATOM   748  C  CB  . TYR A 1 95  ? 11.767  -32.391 -14.533 1.00 37.28 ? 95   TYR A CB  1 
ATOM   749  C  CG  . TYR A 1 95  ? 12.982  -32.999 -13.866 1.00 36.16 ? 95   TYR A CG  1 
ATOM   750  C  CD1 . TYR A 1 95  ? 14.061  -33.475 -14.620 1.00 37.73 ? 95   TYR A CD1 1 
ATOM   751  C  CD2 . TYR A 1 95  ? 13.054  -33.106 -12.476 1.00 38.16 ? 95   TYR A CD2 1 
ATOM   752  C  CE1 . TYR A 1 95  ? 15.183  -34.047 -14.004 1.00 42.28 ? 95   TYR A CE1 1 
ATOM   753  C  CE2 . TYR A 1 95  ? 14.171  -33.683 -11.847 1.00 44.31 ? 95   TYR A CE2 1 
ATOM   754  C  CZ  . TYR A 1 95  ? 15.231  -34.146 -12.620 1.00 40.75 ? 95   TYR A CZ  1 
ATOM   755  O  OH  . TYR A 1 95  ? 16.332  -34.698 -12.011 1.00 45.00 ? 95   TYR A OH  1 
ATOM   756  N  N   . GLN A 1 96  ? 10.188  -34.517 -12.952 1.00 33.14 ? 96   GLN A N   1 
ATOM   757  C  CA  . GLN A 1 96  ? 10.177  -35.627 -12.003 1.00 38.96 ? 96   GLN A CA  1 
ATOM   758  C  C   . GLN A 1 96  ? 9.433   -36.847 -12.525 1.00 39.90 ? 96   GLN A C   1 
ATOM   759  O  O   . GLN A 1 96  ? 9.926   -37.970 -12.404 1.00 31.10 ? 96   GLN A O   1 
ATOM   760  C  CB  . GLN A 1 96  ? 9.574   -35.191 -10.664 1.00 36.20 ? 96   GLN A CB  1 
ATOM   761  C  CG  . GLN A 1 96  ? 9.891   -36.148 -9.520  1.00 43.33 ? 96   GLN A CG  1 
ATOM   762  C  CD  . GLN A 1 96  ? 11.348  -36.086 -9.059  1.00 39.63 ? 96   GLN A CD  1 
ATOM   763  O  OE1 . GLN A 1 96  ? 12.276  -36.114 -9.865  1.00 50.01 ? 96   GLN A OE1 1 
ATOM   764  N  NE2 . GLN A 1 96  ? 11.546  -36.012 -7.751  1.00 51.29 ? 96   GLN A NE2 1 
ATOM   765  N  N   . LYS A 1 97  ? 8.250   -36.635 -13.099 1.00 38.60 ? 97   LYS A N   1 
ATOM   766  C  CA  . LYS A 1 97  ? 7.467   -37.745 -13.645 1.00 38.71 ? 97   LYS A CA  1 
ATOM   767  C  C   . LYS A 1 97  ? 8.309   -38.437 -14.718 1.00 42.07 ? 97   LYS A C   1 
ATOM   768  O  O   . LYS A 1 97  ? 8.232   -39.650 -14.895 1.00 41.76 ? 97   LYS A O   1 
ATOM   769  C  CB  . LYS A 1 97  ? 6.155   -37.237 -14.265 1.00 41.48 ? 97   LYS A CB  1 
ATOM   770  C  CG  . LYS A 1 97  ? 6.345   -36.512 -15.591 1.00 42.99 ? 97   LYS A CG  1 
ATOM   771  C  CD  . LYS A 1 97  ? 5.041   -36.233 -16.332 1.00 47.07 ? 97   LYS A CD  1 
ATOM   772  C  CE  . LYS A 1 97  ? 4.259   -35.066 -15.737 1.00 50.26 ? 97   LYS A CE  1 
ATOM   773  N  NZ  . LYS A 1 97  ? 3.156   -34.629 -16.649 1.00 47.21 ? 97   LYS A NZ  1 
ATOM   774  N  N   . GLU A 1 98  ? 9.119   -37.658 -15.428 1.00 41.98 ? 98   GLU A N   1 
ATOM   775  C  CA  . GLU A 1 98  ? 9.980   -38.194 -16.476 1.00 41.81 ? 98   GLU A CA  1 
ATOM   776  C  C   . GLU A 1 98  ? 11.068  -39.054 -15.855 1.00 41.61 ? 98   GLU A C   1 
ATOM   777  O  O   . GLU A 1 98  ? 11.321  -40.179 -16.297 1.00 39.64 ? 98   GLU A O   1 
ATOM   778  C  CB  . GLU A 1 98  ? 10.601  -37.044 -17.267 1.00 49.65 ? 98   GLU A CB  1 
ATOM   779  C  CG  . GLU A 1 98  ? 11.841  -37.403 -18.052 1.00 59.67 ? 98   GLU A CG  1 
ATOM   780  C  CD  . GLU A 1 98  ? 12.489  -36.180 -18.670 1.00 67.23 ? 98   GLU A CD  1 
ATOM   781  O  OE1 . GLU A 1 98  ? 12.392  -35.090 -18.064 1.00 67.33 ? 98   GLU A OE1 1 
ATOM   782  O  OE2 . GLU A 1 98  ? 13.104  -36.307 -19.752 1.00 75.07 ? 98   GLU A OE2 1 
ATOM   783  N  N   . GLN A 1 99  ? 11.723  -38.523 -14.833 1.00 33.54 ? 99   GLN A N   1 
ATOM   784  C  CA  . GLN A 1 99  ? 12.770  -39.268 -14.146 1.00 37.26 ? 99   GLN A CA  1 
ATOM   785  C  C   . GLN A 1 99  ? 12.216  -40.578 -13.611 1.00 37.22 ? 99   GLN A C   1 
ATOM   786  O  O   . GLN A 1 99  ? 12.899  -41.602 -13.628 1.00 40.81 ? 99   GLN A O   1 
ATOM   787  C  CB  . GLN A 1 99  ? 13.317  -38.459 -12.975 1.00 39.21 ? 99   GLN A CB  1 
ATOM   788  C  CG  . GLN A 1 99  ? 14.147  -37.273 -13.374 1.00 45.27 ? 99   GLN A CG  1 
ATOM   789  C  CD  . GLN A 1 99  ? 15.359  -37.679 -14.169 1.00 47.17 ? 99   GLN A CD  1 
ATOM   790  O  OE1 . GLN A 1 99  ? 15.271  -37.928 -15.368 1.00 46.61 ? 99   GLN A OE1 1 
ATOM   791  N  NE2 . GLN A 1 99  ? 16.505  -37.762 -13.499 1.00 50.59 ? 99   GLN A NE2 1 
ATOM   792  N  N   . ASN A 1 100 ? 10.977  -40.547 -13.129 1.00 36.10 ? 100  ASN A N   1 
ATOM   793  C  CA  . ASN A 1 100 ? 10.353  -41.746 -12.583 1.00 40.15 ? 100  ASN A CA  1 
ATOM   794  C  C   . ASN A 1 100 ? 10.269  -42.854 -13.624 1.00 43.50 ? 100  ASN A C   1 
ATOM   795  O  O   . ASN A 1 100 ? 10.720  -43.973 -13.386 1.00 38.50 ? 100  ASN A O   1 
ATOM   796  C  CB  . ASN A 1 100 ? 8.952   -41.438 -12.038 1.00 41.35 ? 100  ASN A CB  1 
ATOM   797  C  CG  . ASN A 1 100 ? 8.987   -40.643 -10.738 1.00 43.06 ? 100  ASN A CG  1 
ATOM   798  O  OD1 . ASN A 1 100 ? 10.031  -40.533 -10.091 1.00 41.80 ? 100  ASN A OD1 1 
ATOM   799  N  ND2 . ASN A 1 100 ? 7.837   -40.099 -10.345 1.00 39.66 ? 100  ASN A ND2 1 
ATOM   800  N  N   . SER A 1 101 ? 9.710   -42.547 -14.787 1.00 44.12 ? 101  SER A N   1 
ATOM   801  C  CA  . SER A 1 101 ? 9.597   -43.566 -15.822 1.00 44.99 ? 101  SER A CA  1 
ATOM   802  C  C   . SER A 1 101 ? 10.968  -44.037 -16.330 1.00 46.91 ? 101  SER A C   1 
ATOM   803  O  O   . SER A 1 101 ? 11.136  -45.210 -16.679 1.00 41.60 ? 101  SER A O   1 
ATOM   804  C  CB  . SER A 1 101 ? 8.717   -43.061 -16.972 1.00 46.49 ? 101  SER A CB  1 
ATOM   805  O  OG  . SER A 1 101 ? 9.107   -41.778 -17.408 1.00 52.47 ? 101  SER A OG  1 
ATOM   806  N  N   . LEU A 1 102 ? 11.950  -43.138 -16.369 1.00 44.63 ? 102  LEU A N   1 
ATOM   807  C  CA  . LEU A 1 102 ? 13.292  -43.531 -16.804 1.00 42.61 ? 102  LEU A CA  1 
ATOM   808  C  C   . LEU A 1 102 ? 13.847  -44.508 -15.785 1.00 40.11 ? 102  LEU A C   1 
ATOM   809  O  O   . LEU A 1 102 ? 14.570  -45.444 -16.130 1.00 42.84 ? 102  LEU A O   1 
ATOM   810  C  CB  . LEU A 1 102 ? 14.232  -42.326 -16.885 1.00 41.91 ? 102  LEU A CB  1 
ATOM   811  C  CG  . LEU A 1 102 ? 14.121  -41.380 -18.079 1.00 45.27 ? 102  LEU A CG  1 
ATOM   812  C  CD1 . LEU A 1 102 ? 15.293  -40.418 -18.041 1.00 45.44 ? 102  LEU A CD1 1 
ATOM   813  C  CD2 . LEU A 1 102 ? 14.130  -42.166 -19.383 1.00 39.54 ? 102  LEU A CD2 1 
ATOM   814  N  N   . LEU A 1 103 ? 13.501  -44.278 -14.522 1.00 38.72 ? 103  LEU A N   1 
ATOM   815  C  CA  . LEU A 1 103 ? 13.950  -45.131 -13.428 1.00 38.28 ? 103  LEU A CA  1 
ATOM   816  C  C   . LEU A 1 103 ? 13.278  -46.505 -13.481 1.00 37.98 ? 103  LEU A C   1 
ATOM   817  O  O   . LEU A 1 103 ? 13.941  -47.528 -13.336 1.00 36.75 ? 103  LEU A O   1 
ATOM   818  C  CB  . LEU A 1 103 ? 13.652  -44.462 -12.081 1.00 34.93 ? 103  LEU A CB  1 
ATOM   819  C  CG  . LEU A 1 103 ? 14.131  -45.200 -10.832 1.00 45.70 ? 103  LEU A CG  1 
ATOM   820  C  CD1 . LEU A 1 103 ? 15.647  -45.099 -10.742 1.00 44.92 ? 103  LEU A CD1 1 
ATOM   821  C  CD2 . LEU A 1 103 ? 13.476  -44.605 -9.591  1.00 47.23 ? 103  LEU A CD2 1 
ATOM   822  N  N   . MET A 1 104 ? 11.966  -46.525 -13.688 1.00 38.23 ? 104  MET A N   1 
ATOM   823  C  CA  . MET A 1 104 ? 11.238  -47.787 -13.756 1.00 42.98 ? 104  MET A CA  1 
ATOM   824  C  C   . MET A 1 104 ? 11.699  -48.632 -14.937 1.00 43.80 ? 104  MET A C   1 
ATOM   825  O  O   . MET A 1 104 ? 11.731  -49.859 -14.853 1.00 46.40 ? 104  MET A O   1 
ATOM   826  C  CB  . MET A 1 104 ? 9.730   -47.534 -13.852 1.00 41.57 ? 104  MET A CB  1 
ATOM   827  C  CG  . MET A 1 104 ? 9.123   -46.962 -12.577 1.00 47.92 ? 104  MET A CG  1 
ATOM   828  S  SD  . MET A 1 104 ? 9.566   -47.927 -11.101 1.00 58.24 ? 104  MET A SD  1 
ATOM   829  C  CE  . MET A 1 104 ? 8.153   -49.046 -10.964 1.00 55.00 ? 104  MET A CE  1 
ATOM   830  N  N   . SER A 1 105 ? 12.058  -47.972 -16.033 1.00 41.96 ? 105  SER A N   1 
ATOM   831  C  CA  . SER A 1 105 ? 12.525  -48.658 -17.227 1.00 42.55 ? 105  SER A CA  1 
ATOM   832  C  C   . SER A 1 105 ? 13.925  -49.216 -16.999 1.00 45.54 ? 105  SER A C   1 
ATOM   833  O  O   . SER A 1 105 ? 14.245  -50.326 -17.427 1.00 43.49 ? 105  SER A O   1 
ATOM   834  C  CB  . SER A 1 105 ? 12.538  -47.695 -18.412 1.00 45.46 ? 105  SER A CB  1 
ATOM   835  O  OG  . SER A 1 105 ? 11.240  -47.168 -18.646 1.00 54.20 ? 105  SER A OG  1 
ATOM   836  N  N   . ASN A 1 106 ? 14.766  -48.437 -16.328 1.00 40.96 ? 106  ASN A N   1 
ATOM   837  C  CA  . ASN A 1 106 ? 16.116  -48.876 -16.038 1.00 40.34 ? 106  ASN A CA  1 
ATOM   838  C  C   . ASN A 1 106 ? 16.012  -50.123 -15.161 1.00 45.56 ? 106  ASN A C   1 
ATOM   839  O  O   . ASN A 1 106 ? 16.855  -51.018 -15.232 1.00 44.24 ? 106  ASN A O   1 
ATOM   840  C  CB  . ASN A 1 106 ? 16.877  -47.773 -15.301 1.00 42.82 ? 106  ASN A CB  1 
ATOM   841  C  CG  . ASN A 1 106 ? 18.340  -48.109 -15.095 1.00 48.07 ? 106  ASN A CG  1 
ATOM   842  O  OD1 . ASN A 1 106 ? 18.683  -49.085 -14.422 1.00 43.31 ? 106  ASN A OD1 1 
ATOM   843  N  ND2 . ASN A 1 106 ? 19.216  -47.297 -15.677 1.00 53.72 ? 106  ASN A ND2 1 
ATOM   844  N  N   . LEU A 1 107 ? 14.964  -50.174 -14.340 1.00 41.16 ? 107  LEU A N   1 
ATOM   845  C  CA  . LEU A 1 107 ? 14.724  -51.304 -13.441 1.00 43.51 ? 107  LEU A CA  1 
ATOM   846  C  C   . LEU A 1 107 ? 14.142  -52.519 -14.156 1.00 45.85 ? 107  LEU A C   1 
ATOM   847  O  O   . LEU A 1 107 ? 14.117  -53.620 -13.601 1.00 46.80 ? 107  LEU A O   1 
ATOM   848  C  CB  . LEU A 1 107 ? 13.777  -50.885 -12.316 1.00 46.23 ? 107  LEU A CB  1 
ATOM   849  C  CG  . LEU A 1 107 ? 14.281  -51.033 -10.879 1.00 47.40 ? 107  LEU A CG  1 
ATOM   850  C  CD1 . LEU A 1 107 ? 15.660  -50.413 -10.751 1.00 42.23 ? 107  LEU A CD1 1 
ATOM   851  C  CD2 . LEU A 1 107 ? 13.294  -50.362 -9.925  1.00 47.07 ? 107  LEU A CD2 1 
ATOM   852  N  N   . SER A 1 108 ? 13.657  -52.318 -15.377 1.00 41.58 ? 108  SER A N   1 
ATOM   853  C  CA  . SER A 1 108 ? 13.091  -53.414 -16.149 1.00 44.66 ? 108  SER A CA  1 
ATOM   854  C  C   . SER A 1 108 ? 14.209  -54.248 -16.782 1.00 46.53 ? 108  SER A C   1 
ATOM   855  O  O   . SER A 1 108 ? 13.973  -55.373 -17.228 1.00 45.37 ? 108  SER A O   1 
ATOM   856  C  CB  . SER A 1 108 ? 12.167  -52.886 -17.247 1.00 43.88 ? 108  SER A CB  1 
ATOM   857  O  OG  . SER A 1 108 ? 12.909  -52.255 -18.278 1.00 47.91 ? 108  SER A OG  1 
ATOM   858  N  N   . THR A 1 109 ? 15.421  -53.698 -16.820 1.00 42.73 ? 109  THR A N   1 
ATOM   859  C  CA  . THR A 1 109 ? 16.557  -54.409 -17.401 1.00 41.90 ? 109  THR A CA  1 
ATOM   860  C  C   . THR A 1 109 ? 17.107  -55.410 -16.396 1.00 44.63 ? 109  THR A C   1 
ATOM   861  O  O   . THR A 1 109 ? 18.164  -56.009 -16.611 1.00 47.26 ? 109  THR A O   1 
ATOM   862  C  CB  . THR A 1 109 ? 17.708  -53.463 -17.784 1.00 42.32 ? 109  THR A CB  1 
ATOM   863  O  OG1 . THR A 1 109 ? 18.394  -53.038 -16.598 1.00 44.17 ? 109  THR A OG1 1 
ATOM   864  C  CG2 . THR A 1 109 ? 17.178  -52.251 -18.536 1.00 44.14 ? 109  THR A CG2 1 
ATOM   865  N  N   . LEU A 1 110 ? 16.391  -55.576 -15.292 1.00 40.71 ? 110  LEU A N   1 
ATOM   866  C  CA  . LEU A 1 110 ? 16.803  -56.496 -14.245 1.00 41.57 ? 110  LEU A CA  1 
ATOM   867  C  C   . LEU A 1 110 ? 15.766  -57.599 -14.093 1.00 42.36 ? 110  LEU A C   1 
ATOM   868  O  O   . LEU A 1 110 ? 15.909  -58.480 -13.247 1.00 42.79 ? 110  LEU A O   1 
ATOM   869  C  CB  . LEU A 1 110 ? 16.951  -55.754 -12.915 1.00 34.20 ? 110  LEU A CB  1 
ATOM   870  C  CG  . LEU A 1 110 ? 17.849  -54.518 -12.874 1.00 35.38 ? 110  LEU A CG  1 
ATOM   871  C  CD1 . LEU A 1 110 ? 17.811  -53.935 -11.478 1.00 38.96 ? 110  LEU A CD1 1 
ATOM   872  C  CD2 . LEU A 1 110 ? 19.277  -54.876 -13.261 1.00 35.73 ? 110  LEU A CD2 1 
ATOM   873  N  N   . HIS A 1 111 ? 14.717  -57.548 -14.910 1.00 41.62 ? 111  HIS A N   1 
ATOM   874  C  CA  . HIS A 1 111 ? 13.666  -58.555 -14.829 1.00 45.16 ? 111  HIS A CA  1 
ATOM   875  C  C   . HIS A 1 111 ? 14.154  -59.876 -15.405 1.00 47.41 ? 111  HIS A C   1 
ATOM   876  O  O   . HIS A 1 111 ? 14.949  -59.906 -16.346 1.00 41.25 ? 111  HIS A O   1 
ATOM   877  C  CB  . HIS A 1 111 ? 12.402  -58.109 -15.578 1.00 48.74 ? 111  HIS A CB  1 
ATOM   878  C  CG  . HIS A 1 111 ? 11.728  -56.903 -14.995 1.00 57.04 ? 111  HIS A CG  1 
ATOM   879  N  ND1 . HIS A 1 111 ? 11.650  -56.672 -13.632 1.00 58.02 ? 111  HIS A ND1 1 
ATOM   880  C  CD2 . HIS A 1 111 ? 11.080  -55.876 -15.584 1.00 58.22 ? 111  HIS A CD2 1 
ATOM   881  C  CE1 . HIS A 1 111 ? 10.984  -55.554 -13.419 1.00 65.41 ? 111  HIS A CE1 1 
ATOM   882  N  NE2 . HIS A 1 111 ? 10.624  -55.045 -14.584 1.00 59.29 ? 111  HIS A NE2 1 
ATOM   883  N  N   . ILE A 1 112 ? 13.673  -60.971 -14.834 1.00 51.96 ? 112  ILE A N   1 
ATOM   884  C  CA  . ILE A 1 112 ? 14.065  -62.286 -15.307 1.00 55.57 ? 112  ILE A CA  1 
ATOM   885  C  C   . ILE A 1 112 ? 13.080  -62.715 -16.394 1.00 59.16 ? 112  ILE A C   1 
ATOM   886  O  O   . ILE A 1 112 ? 13.374  -63.615 -17.187 1.00 62.88 ? 112  ILE A O   1 
ATOM   887  C  CB  . ILE A 1 112 ? 14.074  -63.308 -14.154 1.00 56.24 ? 112  ILE A CB  1 
ATOM   888  C  CG1 . ILE A 1 112 ? 15.159  -62.928 -13.145 1.00 51.37 ? 112  ILE A CG1 1 
ATOM   889  C  CG2 . ILE A 1 112 ? 14.320  -64.714 -14.698 1.00 56.38 ? 112  ILE A CG2 1 
ATOM   890  C  CD1 . ILE A 1 112 ? 15.200  -63.803 -11.912 1.00 52.62 ? 112  ILE A CD1 1 
ATOM   891  N  N   . ILE A 1 113 ? 11.922  -62.059 -16.442 1.00 62.46 ? 113  ILE A N   1 
ATOM   892  C  CA  . ILE A 1 113 ? 10.923  -62.379 -17.453 1.00 67.44 ? 113  ILE A CA  1 
ATOM   893  C  C   . ILE A 1 113 ? 10.486  -61.159 -18.252 1.00 69.77 ? 113  ILE A C   1 
ATOM   894  O  O   . ILE A 1 113 ? 10.349  -60.063 -17.728 1.00 72.15 ? 113  ILE A O   1 
ATOM   895  C  CB  . ILE A 1 113 ? 9.715   -63.079 -16.837 1.00 65.11 ? 113  ILE A CB  1 
ATOM   896  C  CG1 . ILE A 1 113 ? 10.187  -64.393 -16.215 1.00 65.43 ? 113  ILE A CG1 1 
ATOM   897  C  CG2 . ILE A 1 113 ? 8.657   -63.362 -17.910 1.00 68.28 ? 113  ILE A CG2 1 
ATOM   898  C  CD1 . ILE A 1 113 ? 9.098   -65.295 -15.747 1.00 66.75 ? 113  ILE A CD1 1 
ATOM   899  N  N   . THR A 1 114 ? 10.257  -61.393 -19.537 1.00 74.15 ? 114  THR A N   1 
ATOM   900  C  CA  . THR A 1 114 ? 9.895   -60.372 -20.521 1.00 75.90 ? 114  THR A CA  1 
ATOM   901  C  C   . THR A 1 114 ? 11.271  -60.164 -21.123 1.00 77.46 ? 114  THR A C   1 
ATOM   902  O  O   . THR A 1 114 ? 11.778  -59.050 -21.230 1.00 76.70 ? 114  THR A O   1 
ATOM   903  C  CB  . THR A 1 114 ? 9.423   -59.053 -19.889 1.00 75.37 ? 114  THR A CB  1 
ATOM   904  O  OG1 . THR A 1 114 ? 8.334   -59.312 -18.997 1.00 71.50 ? 114  THR A OG1 1 
ATOM   905  C  CG2 . THR A 1 114 ? 8.963   -58.065 -20.967 1.00 75.78 ? 114  THR A CG2 1 
ATOM   906  N  N   . ASP A 1 115 ? 11.848  -61.296 -21.509 1.00 79.84 ? 115  ASP A N   1 
ATOM   907  C  CA  . ASP A 1 115 ? 13.177  -61.420 -22.072 1.00 80.00 ? 115  ASP A CA  1 
ATOM   908  C  C   . ASP A 1 115 ? 13.690  -62.689 -21.400 1.00 80.00 ? 115  ASP A C   1 
ATOM   909  O  O   . ASP A 1 115 ? 13.481  -62.754 -20.162 1.00 80.00 ? 115  ASP A O   1 
ATOM   910  C  CB  . ASP A 1 115 ? 14.054  -60.254 -21.650 1.00 80.00 ? 115  ASP A CB  1 
ATOM   911  C  CG  . ASP A 1 115 ? 15.336  -60.183 -22.449 1.00 80.00 ? 115  ASP A CG  1 
ATOM   912  O  OD1 . ASP A 1 115 ? 15.956  -61.254 -22.658 1.00 80.00 ? 115  ASP A OD1 1 
ATOM   913  O  OD2 . ASP A 1 115 ? 15.710  -59.059 -22.848 1.00 80.00 ? 115  ASP A OD2 1 
ATOM   914  O  OXT . ASP A 1 115 ? 14.303  -63.579 -22.059 1.00 80.00 ? 115  ASP A OXT 1 
HETATM 915  HG HG  . EMC B 2 .   ? -15.088 24.054  -0.631  0.36 37.21 ? 1002 EMC A HG  1 
HETATM 916  C  C1  . EMC B 2 .   ? -15.940 23.821  1.175   0.36 17.73 ? 1002 EMC A C1  1 
HETATM 917  C  C2  . EMC B 2 .   ? -16.882 24.902  1.364   0.36 9.60  ? 1002 EMC A C2  1 
HETATM 918  CA CA  . CA  C 3 .   ? -6.488  -2.063  0.203   0.50 34.50 ? 1001 CA  A CA  1 
HETATM 919  O  O   . HOH D 4 .   ? 6.813   -29.383 -21.483 1.00 80.00 ? 1003 HOH A O   1 
HETATM 920  O  O   . HOH D 4 .   ? -14.137 26.072  -2.963  1.00 35.81 ? 1004 HOH A O   1 
HETATM 921  O  O   . HOH D 4 .   ? -8.588  6.018   -1.826  1.00 21.61 ? 1005 HOH A O   1 
HETATM 922  O  O   . HOH D 4 .   ? 4.085   -3.768  -9.152  1.00 33.49 ? 1006 HOH A O   1 
HETATM 923  O  O   . HOH D 4 .   ? -9.559  14.056  23.985  0.50 24.60 ? 1007 HOH A O   1 
HETATM 924  O  O   . HOH D 4 .   ? -0.463  1.338   1.437   1.00 23.50 ? 1008 HOH A O   1 
HETATM 925  O  O   . HOH D 4 .   ? -0.488  28.075  7.260   1.00 51.56 ? 1009 HOH A O   1 
HETATM 926  O  O   . HOH D 4 .   ? -9.009  8.255   -2.976  1.00 21.52 ? 1010 HOH A O   1 
HETATM 927  O  O   . HOH D 4 .   ? -5.099  12.254  -10.757 1.00 57.79 ? 1011 HOH A O   1 
HETATM 928  O  O   . HOH D 4 .   ? -0.227  9.479   0.944   1.00 35.08 ? 1012 HOH A O   1 
HETATM 929  O  O   . HOH D 4 .   ? -10.554 11.520  0.847   1.00 47.31 ? 1013 HOH A O   1 
HETATM 930  O  O   . HOH D 4 .   ? 7.403   -53.789 -14.905 1.00 47.18 ? 1014 HOH A O   1 
HETATM 931  O  O   . HOH D 4 .   ? 4.827   18.279  20.368  1.00 52.38 ? 1015 HOH A O   1 
HETATM 932  O  O   . HOH D 4 .   ? 6.284   -34.951 -24.007 1.00 59.07 ? 1016 HOH A O   1 
HETATM 933  O  O   . HOH D 4 .   ? -22.570 27.229  3.345   1.00 51.28 ? 1017 HOH A O   1 
HETATM 934  O  O   . HOH D 4 .   ? -2.391  14.988  2.570   1.00 47.60 ? 1018 HOH A O   1 
HETATM 935  O  O   . HOH D 4 .   ? -7.505  14.470  -5.529  1.00 27.26 ? 1019 HOH A O   1 
HETATM 936  O  O   . HOH D 4 .   ? -0.892  12.300  -9.968  1.00 45.29 ? 1020 HOH A O   1 
HETATM 937  O  O   . HOH D 4 .   ? 10.556  -17.176 -13.247 1.00 43.79 ? 1021 HOH A O   1 
HETATM 938  O  O   . HOH D 4 .   ? -7.663  6.939   19.857  1.00 52.40 ? 1022 HOH A O   1 
HETATM 939  O  O   . HOH D 4 .   ? -3.394  38.146  9.085   1.00 64.55 ? 1023 HOH A O   1 
HETATM 940  O  O   . HOH D 4 .   ? 7.348   -35.249 -19.110 1.00 59.07 ? 1024 HOH A O   1 
HETATM 941  O  O   . HOH D 4 .   ? 8.118   -17.136 -8.416  1.00 42.79 ? 1025 HOH A O   1 
HETATM 942  O  O   . HOH D 4 .   ? 17.358  -38.084 -27.524 1.00 63.34 ? 1026 HOH A O   1 
HETATM 943  O  O   . HOH D 4 .   ? 3.075   11.540  -2.302  1.00 56.18 ? 1027 HOH A O   1 
HETATM 944  O  O   . HOH D 4 .   ? -0.859  30.731  -1.308  1.00 50.70 ? 1028 HOH A O   1 
HETATM 945  O  O   . HOH D 4 .   ? 13.726  -54.720 -10.544 1.00 32.07 ? 1029 HOH A O   1 
HETATM 946  O  O   . HOH D 4 .   ? 10.036  -52.063 -14.129 1.00 27.71 ? 1030 HOH A O   1 
HETATM 947  O  O   . HOH D 4 .   ? 1.906   6.834   16.875  1.00 71.53 ? 1031 HOH A O   1 
HETATM 948  O  O   . HOH D 4 .   ? -6.180  8.776   22.316  1.00 64.01 ? 1032 HOH A O   1 
HETATM 949  O  O   . HOH D 4 .   ? 6.701   -55.787 -17.912 1.00 52.50 ? 1033 HOH A O   1 
HETATM 950  O  O   . HOH D 4 .   ? -3.677  2.439   -18.552 1.00 64.48 ? 1034 HOH A O   1 
HETATM 951  O  O   . HOH D 4 .   ? 5.360   22.388  3.787   0.50 32.97 ? 1035 HOH A O   1 
HETATM 952  O  O   . HOH D 4 .   ? 0.183   -9.452  -11.796 1.00 41.44 ? 1036 HOH A O   1 
HETATM 953  O  O   . HOH D 4 .   ? -10.735 16.051  23.807  0.50 44.34 ? 1037 HOH A O   1 
HETATM 954  O  O   . HOH D 4 .   ? 4.314   24.582  3.530   0.50 39.02 ? 1038 HOH A O   1 
HETATM 955  O  O   . HOH D 4 .   ? 7.645   6.620   -10.814 1.00 61.58 ? 1039 HOH A O   1 
HETATM 956  O  O   . HOH D 4 .   ? 4.030   -0.731  -3.022  1.00 28.64 ? 1040 HOH A O   1 
HETATM 957  O  O   . HOH D 4 .   ? 6.467   -28.905 -18.250 1.00 45.52 ? 1041 HOH A O   1 
HETATM 958  O  O   . HOH D 4 .   ? 6.532   -38.088 -18.677 1.00 56.49 ? 1042 HOH A O   1 
HETATM 959  O  O   . HOH D 4 .   ? 8.896   -51.031 -19.359 1.00 47.22 ? 1043 HOH A O   1 
HETATM 960  O  O   . HOH D 4 .   ? 1.392   5.374   -4.521  1.00 34.37 ? 1044 HOH A O   1 
HETATM 961  O  O   . HOH D 4 .   ? -19.578 23.852  2.218   1.00 69.85 ? 1045 HOH A O   1 
HETATM 962  O  O   . HOH D 4 .   ? -0.247  9.115   16.705  0.50 34.44 ? 1046 HOH A O   1 
HETATM 963  O  O   . HOH D 4 .   ? 3.362   10.616  4.922   1.00 57.89 ? 1047 HOH A O   1 
HETATM 964  O  O   . HOH D 4 .   ? -2.503  14.869  -0.669  1.00 30.09 ? 1048 HOH A O   1 
HETATM 965  O  O   . HOH D 4 .   ? -0.992  37.875  14.773  0.5  29.26 ? 1049 HOH A O   1 
HETATM 966  O  O   . HOH D 4 .   ? 5.842   7.560   14.458  1.00 64.15 ? 1050 HOH A O   1 
HETATM 967  O  O   . HOH D 4 .   ? 3.456   -59.092 -15.737 1.00 46.45 ? 1051 HOH A O   1 
HETATM 968  O  O   . HOH D 4 .   ? 1.226   8.603   18.531  0.50 39.80 ? 1052 HOH A O   1 
HETATM 969  O  O   . HOH D 4 .   ? -2.152  1.118   -12.306 1.00 56.90 ? 1053 HOH A O   1 
HETATM 970  O  O   . HOH D 4 .   ? -6.003  31.120  1.836   1.00 52.40 ? 1054 HOH A O   1 
HETATM 971  O  O   . HOH D 4 .   ? -0.826  12.573  3.721   1.00 57.35 ? 1055 HOH A O   1 
HETATM 972  O  O   . HOH D 4 .   ? -7.214  12.272  -12.499 1.00 64.55 ? 1056 HOH A O   1 
HETATM 973  O  O   . HOH D 4 .   ? -1.070  -29.246 -16.906 1.00 52.35 ? 1057 HOH A O   1 
HETATM 974  O  O   . HOH D 4 .   ? 6.232   -54.809 -11.309 1.00 56.61 ? 1058 HOH A O   1 
HETATM 975  O  O   . HOH D 4 .   ? -21.907 32.813  6.176   1.00 51.36 ? 1059 HOH A O   1 
HETATM 976  O  O   . HOH D 4 .   ? -14.726 14.792  3.112   0.25 42.14 ? 1060 HOH A O   1 
HETATM 977  O  O   . HOH D 4 .   ? -6.927  30.522  24.874  1.00 60.09 ? 1061 HOH A O   1 
HETATM 978  O  O   . HOH D 4 .   ? -2.848  9.980   5.959   1.00 49.66 ? 1062 HOH A O   1 
HETATM 979  O  O   . HOH D 4 .   ? 13.155  -26.389 -18.783 1.00 65.80 ? 1063 HOH A O   1 
HETATM 980  O  O   . HOH D 4 .   ? 2.887   -11.422 -16.987 1.00 49.46 ? 1064 HOH A O   1 
HETATM 981  O  O   . HOH D 4 .   ? -2.820  34.957  5.377   1.00 53.47 ? 1065 HOH A O   1 
HETATM 982  O  O   . HOH D 4 .   ? -9.710  21.166  19.240  1.00 51.28 ? 1066 HOH A O   1 
HETATM 983  O  O   . HOH D 4 .   ? -17.488 20.443  4.087   0.50 31.02 ? 1067 HOH A O   1 
HETATM 984  O  O   . HOH D 4 .   ? 9.667   -34.133 -19.419 0.50 31.38 ? 1068 HOH A O   1 
HETATM 985  O  O   . HOH D 4 .   ? -10.726 6.607   1.699   0.25 35.45 ? 1069 HOH A O   1 
HETATM 986  O  O   . HOH D 4 .   ? -1.889  8.871   19.888  1.00 65.66 ? 1070 HOH A O   1 
HETATM 987  O  O   . HOH D 4 .   ? 7.177   16.871  19.668  1.00 42.75 ? 1071 HOH A O   1 
HETATM 988  O  O   . HOH D 4 .   ? -18.728 22.981  4.525   0.50 51.20 ? 1072 HOH A O   1 
HETATM 989  O  O   . HOH D 4 .   ? 15.044  -46.116 -7.399  0.50 63.28 ? 1073 HOH A O   1 
HETATM 990  O  O   . HOH D 4 .   ? -20.843 27.308  5.272   0.50 37.98 ? 1074 HOH A O   1 
HETATM 991  O  O   . HOH D 4 .   ? -13.393 12.064  2.641   0.50 48.79 ? 1075 HOH A O   1 
HETATM 992  O  O   . HOH D 4 .   ? -13.147 26.307  19.491  1.00 64.45 ? 1076 HOH A O   1 
HETATM 993  O  O   . HOH D 4 .   ? -4.998  2.294   -7.110  1.00 39.07 ? 1077 HOH A O   1 
HETATM 994  O  O   . HOH D 4 .   ? 24.451  -41.129 -20.060 1.00 39.06 ? 1078 HOH A O   1 
HETATM 995  O  O   . HOH D 4 .   ? 0.607   27.394  1.669   1.00 55.93 ? 1079 HOH A O   1 
HETATM 996  O  O   . HOH D 4 .   ? -1.101  12.323  6.742   1.00 45.69 ? 1080 HOH A O   1 
HETATM 997  O  O   . HOH D 4 .   ? 6.253   5.284   6.749   1.00 48.68 ? 1081 HOH A O   1 
HETATM 998  O  O   . HOH D 4 .   ? 2.001   7.490   0.559   1.00 42.86 ? 1082 HOH A O   1 
HETATM 999  O  O   . HOH D 4 .   ? -2.556  8.364   -6.770  1.00 41.56 ? 1083 HOH A O   1 
HETATM 1000 O  O   . HOH D 4 .   ? 3.116   26.973  18.587  1.00 51.75 ? 1084 HOH A O   1 
HETATM 1001 O  O   . HOH D 4 .   ? 1.208   -18.963 -14.563 1.00 57.82 ? 1085 HOH A O   1 
HETATM 1002 O  O   . HOH D 4 .   ? 18.757  -38.284 -15.512 1.00 51.25 ? 1086 HOH A O   1 
HETATM 1003 O  O   . HOH D 4 .   ? -0.031  -11.766 -13.950 1.00 46.66 ? 1087 HOH A O   1 
HETATM 1004 O  O   . HOH D 4 .   ? -5.745  -7.303  -13.586 1.00 58.83 ? 1088 HOH A O   1 
HETATM 1005 O  O   . HOH D 4 .   ? 3.985   -29.496 -20.126 1.00 54.71 ? 1089 HOH A O   1 
HETATM 1006 O  O   . HOH D 4 .   ? 15.985  -28.272 -20.085 1.00 63.72 ? 1090 HOH A O   1 
HETATM 1007 O  O   . HOH D 4 .   ? 3.640   -33.552 -22.882 1.00 46.32 ? 1091 HOH A O   1 
HETATM 1008 O  O   . HOH D 4 .   ? 12.511  -40.933 -6.505  0.25 47.22 ? 1092 HOH A O   1 
HETATM 1009 O  O   . HOH D 4 .   ? 10.116  -41.855 -25.628 1.00 51.55 ? 1093 HOH A O   1 
HETATM 1010 O  O   . HOH D 4 .   ? 15.038  -46.166 -19.322 1.00 54.17 ? 1094 HOH A O   1 
HETATM 1011 O  O   . HOH D 4 .   ? -3.644  1.744   -9.215  1.00 56.17 ? 1095 HOH A O   1 
HETATM 1012 O  O   . HOH D 4 .   ? -3.969  9.386   3.557   1.00 38.40 ? 1096 HOH A O   1 
HETATM 1013 O  O   . HOH D 4 .   ? 0.788   15.472  0.403   1.00 43.52 ? 1097 HOH A O   1 
HETATM 1014 O  O   . HOH D 4 .   ? 4.805   -31.728 -21.274 1.00 49.59 ? 1098 HOH A O   1 
HETATM 1015 O  O   . HOH D 4 .   ? 5.306   15.179  4.761   1.00 56.78 ? 1099 HOH A O   1 
HETATM 1016 O  O   . HOH D 4 .   ? -14.056 19.069  25.201  1.00 46.06 ? 1100 HOH A O   1 
HETATM 1017 O  O   . HOH D 4 .   ? 18.546  -35.887 -21.088 1.00 52.75 ? 1101 HOH A O   1 
HETATM 1018 O  O   . HOH D 4 .   ? 2.213   -22.855 -18.588 1.00 51.46 ? 1102 HOH A O   1 
HETATM 1019 O  O   . HOH D 4 .   ? 2.065   -27.234 -17.598 1.00 56.04 ? 1103 HOH A O   1 
HETATM 1020 O  O   . HOH D 4 .   ? 17.559  -31.314 -21.161 1.00 51.25 ? 1104 HOH A O   1 
HETATM 1021 O  O   . HOH D 4 .   ? 9.966   -44.307 -19.582 1.00 54.81 ? 1105 HOH A O   1 
HETATM 1022 O  O   . HOH D 4 .   ? 12.353  -52.462 -23.804 1.00 61.07 ? 1106 HOH A O   1 
HETATM 1023 O  O   . HOH D 4 .   ? 3.260   -25.910 -19.273 1.00 57.30 ? 1107 HOH A O   1 
HETATM 1024 O  O   . HOH D 4 .   ? 16.693  -30.037 -15.227 1.00 52.11 ? 1108 HOH A O   1 
HETATM 1025 O  O   . HOH D 4 .   ? 9.662   -55.247 -21.922 1.00 61.09 ? 1109 HOH A O   1 
HETATM 1026 O  O   . HOH D 4 .   ? 3.588   7.179   -2.682  1.00 49.86 ? 1110 HOH A O   1 
HETATM 1027 O  O   . HOH D 4 .   ? 6.715   2.762   -5.646  1.00 47.25 ? 1111 HOH A O   1 
HETATM 1028 O  O   . HOH D 4 .   ? -12.629 28.574  24.689  1.00 64.21 ? 1112 HOH A O   1 
HETATM 1029 O  O   . HOH D 4 .   ? 9.065   -37.356 -22.446 0.50 41.97 ? 1113 HOH A O   1 
HETATM 1030 O  O   . HOH D 4 .   ? 5.266   -46.192 -22.727 1.00 65.12 ? 1114 HOH A O   1 
HETATM 1031 O  O   . HOH D 4 .   ? 8.185   11.516  -2.677  1.00 61.07 ? 1115 HOH A O   1 
HETATM 1032 O  O   . HOH D 4 .   ? 2.206   -14.121 -14.087 1.00 49.30 ? 1116 HOH A O   1 
HETATM 1033 O  O   . HOH D 4 .   ? 17.543  -32.523 -14.978 1.00 59.60 ? 1117 HOH A O   1 
HETATM 1034 O  O   . HOH D 4 .   ? -9.509  8.759   19.568  1.00 45.12 ? 1118 HOH A O   1 
HETATM 1035 O  O   . HOH D 4 .   ? -0.950  -57.701 -12.973 1.00 56.61 ? 1119 HOH A O   1 
HETATM 1036 O  O   . HOH D 4 .   ? 6.297   -59.169 -16.677 1.00 54.96 ? 1120 HOH A O   1 
HETATM 1037 O  O   . HOH D 4 .   ? -4.102  10.495  -13.309 1.00 50.32 ? 1121 HOH A O   1 
HETATM 1038 O  O   . HOH D 4 .   ? 13.125  -48.016 -26.614 0.50 41.29 ? 1122 HOH A O   1 
HETATM 1039 O  O   . HOH D 4 .   ? 2.639   -20.736 -3.019  0.25 34.31 ? 1123 HOH A O   1 
HETATM 1040 O  O   . HOH D 4 .   ? 8.386   -58.394 -15.218 1.00 61.72 ? 1124 HOH A O   1 
HETATM 1041 O  O   . HOH D 4 .   ? 14.282  -24.788 -20.517 1.00 45.77 ? 1125 HOH A O   1 
HETATM 1042 O  O   . HOH D 4 .   ? 18.937  -34.950 -12.496 1.00 46.00 ? 1126 HOH A O   1 
HETATM 1043 O  O   . HOH D 4 .   ? 5.962   12.816  -2.372  1.00 42.19 ? 1127 HOH A O   1 
HETATM 1044 O  O   . HOH D 4 .   ? 17.573  -33.589 -20.049 1.00 57.29 ? 1128 HOH A O   1 
HETATM 1045 O  O   . HOH D 4 .   ? 7.805   -31.306 -4.843  0.25 28.19 ? 1129 HOH A O   1 
HETATM 1046 O  O   . HOH D 4 .   ? -5.131  3.728   -14.892 1.00 58.99 ? 1130 HOH A O   1 
HETATM 1047 O  O   . HOH D 4 .   ? 1.357   8.610   7.376   1.00 57.57 ? 1131 HOH A O   1 
HETATM 1048 O  O   . HOH D 4 .   ? -15.723 14.521  23.844  1.00 53.67 ? 1132 HOH A O   1 
HETATM 1049 O  O   . HOH D 4 .   ? -22.026 29.728  5.689   0.50 58.60 ? 1133 HOH A O   1 
HETATM 1050 O  O   . HOH D 4 .   ? 9.501   -32.636 -21.272 0.50 31.93 ? 1134 HOH A O   1 
HETATM 1051 O  O   . HOH D 4 .   ? 14.571  -31.010 -21.492 1.00 49.27 ? 1135 HOH A O   1 
HETATM 1052 O  O   . HOH D 4 .   ? 2.088   -55.467 -18.229 1.00 65.79 ? 1136 HOH A O   1 
HETATM 1053 O  O   . HOH D 4 .   ? 4.043   -62.180 -13.440 1.00 50.19 ? 1137 HOH A O   1 
HETATM 1054 O  O   . HOH D 4 .   ? -1.307  -51.183 -18.706 0.5  62.00 ? 1138 HOH A O   1 
HETATM 1055 O  O   . HOH D 4 .   ? -6.278  -53.912 -14.166 1.00 63.75 ? 1139 HOH A O   1 
HETATM 1056 O  O   . HOH D 4 .   ? 9.915   -57.613 -17.667 1.00 27.06 ? 1140 HOH A O   1 
HETATM 1057 O  O   . HOH D 4 .   ? 12.432  -56.430 -19.118 1.00 44.64 ? 1141 HOH A O   1 
HETATM 1058 O  O   . HOH D 4 .   ? -2.524  -1.858  -13.565 1.00 50.44 ? 1142 HOH A O   1 
HETATM 1059 O  O   . HOH D 4 .   ? 12.862  12.166  3.542   1.00 57.62 ? 1143 HOH A O   1 
HETATM 1060 O  O   . HOH D 4 .   ? -9.222  9.909   2.486   1.00 44.55 ? 1144 HOH A O   1 
HETATM 1061 O  O   . HOH D 4 .   ? -1.214  6.447   -14.789 1.00 55.63 ? 1145 HOH A O   1 
HETATM 1062 O  O   . HOH D 4 .   ? -3.250  7.086   -12.121 1.00 57.74 ? 1146 HOH A O   1 
HETATM 1063 O  O   . HOH D 4 .   ? -5.453  -30.100 -11.579 1.00 51.77 ? 1147 HOH A O   1 
HETATM 1064 O  O   . HOH D 4 .   ? 14.343  -30.340 -18.667 1.00 63.77 ? 1148 HOH A O   1 
# 
